data_7Z10
#
_entry.id   7Z10
#
_cell.length_a   1.00
_cell.length_b   1.00
_cell.length_c   1.00
_cell.angle_alpha   90.00
_cell.angle_beta   90.00
_cell.angle_gamma   90.00
#
_symmetry.space_group_name_H-M   'P 1'
#
loop_
_entity.id
_entity.type
_entity.pdbx_description
1 polymer 'Cytochrome c oxidase subunit 1'
2 polymer 'Cytochrome c oxidase subunit 2'
3 polymer 'CYTOCHROME C OXIDASE SUBUNIT 3; SYNONYM: CYTOCHROME C OXIDASE POLYPEPTIDE III, COX3'
4 polymer 'Cytochrome c oxidase subunit 4, mitochondrial'
5 polymer 'Cytochrome c oxidase polypeptide 5A, mitochondrial'
6 polymer 'Cytochrome c oxidase subunit 6, mitochondrial'
7 polymer 'CYTOCHROME C OXIDASE SUBUNIT 7; SYNONYM: CYTOCHROME C OXIDASE POLYPEPTIDE VII, COX7'
8 polymer 'Cytochrome c oxidase polypeptide VIII, mitochondrial'
9 polymer 'CYTOCHROME C OXIDASE SUBUNIT 7A; SYNONYM: CYTOCHROME C OXIDASE POLYPEPTIDE VIIA, COX9'
10 non-polymer 'COPPER (II) ION'
11 non-polymer HEME-A
12 non-polymer 'MAGNESIUM ION'
13 non-polymer DI-PALMITOYL-3-SN-PHOSPHATIDYLETHANOLAMINE
14 non-polymer 'DINUCLEAR COPPER ION'
15 non-polymer 'ZINC ION'
#
loop_
_entity_poly.entity_id
_entity_poly.type
_entity_poly.pdbx_seq_one_letter_code
_entity_poly.pdbx_strand_id
1 'polypeptide(L)'
;MVQRWLYSTNAKDIAVLYFMLAIFSGMAGTAMSLIIRLELAAPGSQYLHGNSQLFNVLVVGHAVLMIFFLVMPALIGGFG
NYLLPLMIGATDTAFPRINNIAFWVLPMGLVCLVTSTLVESGAGTGWTVYPPLSSIQAHSGPSVDLAIFALHLTSISSLL
GAINFIVTTLNMRTNGMTMHKLPLFVWSIFITAFLLLLSLPVLSAGITMLLLDRNFNTSFFEVSGGGDPILYEHLFWFFG
HPEVYILIIPGFGIISHVVSTYSKKPVFGEISMVYAMASIGLLGFLVWSHHMYIVGLDADTRAYFTSATMIIAIPTGIKI
FSWLATIHGGSIRLATPMLYAIAFLFLFTMGGLTGVALANASLDVAFHDTYYVVGHFHYVLSMGAIFSLFAGYYYWSPQI
LGLNYNEKLAQIQFWLIFIGANVIFFPMHFLGINGMPRRIPDYPDAFAGWNYVASIGSFIATLSLFLFIYILYDQLVNGL
NNKVNNKSVIYNKAPDFVESNTIFNLNTVKSSSIEFLLTSPPAVHSFNTPAVQS
;
a
2 'polypeptide(L)'
;DVPTPYACYFQDSATPNQEGILELHDNIMFYLLVILGLVSWMLYTIVMTYSKNPIAYKYIKHGQTIEVIWTIFPAVILLI
IAFPSFILLYLCDEVISPAMTIKAIGYQWYWKYEYSDFINDSGETVEFESYVIPDELLEEGQLRLLDTDTSMVVPVDTHI
RFVVTAADVIHDFAIPSLGIKVDATPGRLNQVSALIQREGVFYGACSELCGTGHANMPIKIEAVSLPKFLEWLNEQ
;
b
3 'polypeptide(L)'
;MTHLERSRHQQHPFHMVMPSPWPIVVSFALLSLALSTALTMHGYIGNMNMVYLALFVLLTSSILWFRDIVAEATYLGDHT
MAVRKGINLGFLMFVLSEVLIFAGLFWAYFHSAMSPDVTLGACWPPVGIEAVQPTELPLLNTIILLSSGATVTYSHHALI
AGNRNKALSGLLITFWLIVIFVTCQYIEYTNAAFTISDGVYGSVFYAGTGLHFLHMVMLAAMLGVNYWRMRNYHLTAGHH
VGYETTIIYTHVLDVIWLFLYVVFYWWGV
;
c
4 'polypeptide(L)'
;PVVKTAQNLAEVNGPETLIGPGAKEGTVPTDLDQETGLARLELLGKLEGIDVFDTKPLDSSRKGTMKDPIIIESYDDYRY
VGCTGSPAGSHTIMWLKPTVNEVARCWECGSVYKLNPVGVP
;
d
5 'polypeptide(L)'
;AQTHALSNAAVMDLQSRWENMPSTEQQDIVSKLSERQKLPWAQLTEPEKQAVWYISYGEWGPRRPVLNKGDSSFIAKGVA
AGLLFSVGLFAVVRMAGGQDAKTMNKEWQLKSDEYLKSKNANPWGGYSQVQSK
;
e
6 'polypeptide(L)'
;DEETFEEFTARYEKEFDEAYDLFEVQRVLNNCFSYDLVPAPAVIEKALRAARRVNDLPTAIRVFEALKYKVENEDQYKAY
LDELKDVRQELGVPLKEELFPSSS
;
f
7 'polypeptide(L)' ANKVIQLQKIFQSSTKPLWWRHPRSALYLYPFYAIFAVAVVTPLLYIPNAIRGIKAKKA g
8 'polypeptide(L)' VHFKDGVYENIPFKVKGRKTPYALSHFGFFAIGFAVPFVACYVQLKK h
9 'polypeptide(L)' TIAPITGTIKRRVIMDIVLGFSLGGVMASYWWWGFHMDKINKREKFYAELAERKK i
#
# COMPACT_ATOMS: atom_id res chain seq x y z
N MET A 1 20.44 23.82 6.85
CA MET A 1 19.34 22.87 6.86
C MET A 1 19.75 21.55 6.22
N VAL A 2 20.99 21.53 5.71
CA VAL A 2 21.56 20.31 5.17
C VAL A 2 21.71 19.26 6.26
N GLN A 3 22.11 19.70 7.46
CA GLN A 3 22.24 18.80 8.60
C GLN A 3 20.90 18.23 9.03
N ARG A 4 19.82 18.97 8.85
CA ARG A 4 18.53 18.45 9.27
C ARG A 4 17.96 17.48 8.26
N TRP A 5 18.20 17.72 6.97
CA TRP A 5 17.45 17.03 5.93
C TRP A 5 18.30 16.10 5.06
N LEU A 6 19.46 16.56 4.60
CA LEU A 6 20.30 15.68 3.78
C LEU A 6 20.95 14.60 4.62
N TYR A 7 21.48 14.97 5.78
CA TYR A 7 22.13 14.02 6.67
C TYR A 7 21.14 13.35 7.62
N SER A 8 19.85 13.33 7.29
CA SER A 8 18.79 13.15 8.27
C SER A 8 18.78 11.75 8.88
N THR A 9 18.29 11.69 10.11
CA THR A 9 18.25 10.42 10.84
C THR A 9 16.90 10.22 11.50
N ASN A 10 16.22 11.31 11.84
CA ASN A 10 14.96 11.16 12.56
C ASN A 10 13.86 10.70 11.62
N ALA A 11 12.81 10.15 12.21
CA ALA A 11 11.77 9.53 11.41
C ALA A 11 10.82 10.54 10.79
N LYS A 12 10.58 11.66 11.47
CA LYS A 12 9.56 12.61 11.01
C LYS A 12 10.03 13.36 9.76
N ASP A 13 11.30 13.77 9.73
CA ASP A 13 11.81 14.50 8.59
C ASP A 13 11.95 13.60 7.36
N ILE A 14 12.37 12.35 7.57
CA ILE A 14 12.43 11.38 6.48
C ILE A 14 11.03 11.07 5.96
N ALA A 15 10.05 11.05 6.85
CA ALA A 15 8.68 10.75 6.42
C ALA A 15 8.09 11.91 5.62
N VAL A 16 8.39 13.15 6.03
CA VAL A 16 7.95 14.32 5.27
C VAL A 16 8.62 14.34 3.90
N LEU A 17 9.89 13.95 3.83
CA LEU A 17 10.60 13.90 2.56
C LEU A 17 10.04 12.82 1.64
N TYR A 18 9.70 11.66 2.21
CA TYR A 18 9.00 10.60 1.51
C TYR A 18 7.72 11.11 0.89
N PHE A 19 6.97 11.88 1.68
CA PHE A 19 5.67 12.35 1.21
C PHE A 19 5.82 13.38 0.10
N MET A 20 6.84 14.23 0.18
CA MET A 20 7.06 15.22 -0.88
C MET A 20 7.45 14.54 -2.19
N LEU A 21 8.32 13.53 -2.11
CA LEU A 21 8.64 12.76 -3.30
C LEU A 21 7.43 12.02 -3.85
N ALA A 22 6.54 11.58 -2.95
CA ALA A 22 5.32 10.91 -3.38
C ALA A 22 4.41 11.85 -4.16
N ILE A 23 4.25 13.09 -3.69
CA ILE A 23 3.40 14.04 -4.42
C ILE A 23 4.02 14.40 -5.76
N PHE A 24 5.35 14.56 -5.82
CA PHE A 24 6.02 14.89 -7.07
C PHE A 24 5.84 13.79 -8.11
N SER A 25 6.17 12.55 -7.73
CA SER A 25 6.07 11.47 -8.68
C SER A 25 4.62 11.12 -9.01
N GLY A 26 3.70 11.32 -8.07
CA GLY A 26 2.30 11.09 -8.39
C GLY A 26 1.76 12.12 -9.35
N MET A 27 2.27 13.36 -9.26
CA MET A 27 1.93 14.38 -10.24
C MET A 27 2.43 13.98 -11.63
N ALA A 28 3.66 13.48 -11.72
CA ALA A 28 4.17 13.02 -13.00
C ALA A 28 3.38 11.82 -13.53
N GLY A 29 2.95 10.94 -12.63
CA GLY A 29 2.18 9.79 -13.05
C GLY A 29 0.81 10.17 -13.58
N THR A 30 0.16 11.13 -12.93
CA THR A 30 -1.13 11.54 -13.46
C THR A 30 -0.99 12.40 -14.72
N ALA A 31 0.16 13.03 -14.95
CA ALA A 31 0.33 13.71 -16.24
C ALA A 31 0.52 12.70 -17.37
N MET A 32 1.24 11.61 -17.08
CA MET A 32 1.33 10.51 -18.04
C MET A 32 -0.04 9.88 -18.27
N SER A 33 -0.84 9.77 -17.22
CA SER A 33 -2.21 9.29 -17.38
C SER A 33 -3.06 10.24 -18.21
N LEU A 34 -2.82 11.54 -18.09
CA LEU A 34 -3.53 12.53 -18.88
C LEU A 34 -3.19 12.42 -20.36
N ILE A 35 -1.92 12.23 -20.69
CA ILE A 35 -1.55 12.07 -22.10
C ILE A 35 -2.05 10.73 -22.65
N ILE A 36 -2.10 9.70 -21.79
CA ILE A 36 -2.68 8.42 -22.20
C ILE A 36 -4.14 8.58 -22.58
N ARG A 37 -4.91 9.28 -21.74
CA ARG A 37 -6.31 9.51 -22.08
C ARG A 37 -6.48 10.49 -23.23
N LEU A 38 -5.52 11.38 -23.43
CA LEU A 38 -5.65 12.35 -24.52
C LEU A 38 -5.47 11.68 -25.87
N GLU A 39 -4.44 10.84 -26.02
CA GLU A 39 -4.30 10.09 -27.26
C GLU A 39 -5.39 9.03 -27.38
N LEU A 40 -5.91 8.56 -26.25
CA LEU A 40 -6.98 7.58 -26.30
C LEU A 40 -8.35 8.20 -26.50
N ALA A 41 -8.46 9.53 -26.56
CA ALA A 41 -9.78 10.16 -26.52
C ALA A 41 -10.57 9.93 -27.80
N ALA A 42 -9.90 9.97 -28.95
CA ALA A 42 -10.52 9.82 -30.25
C ALA A 42 -9.83 8.70 -31.01
N PRO A 43 -10.56 7.97 -31.87
CA PRO A 43 -9.93 6.90 -32.64
C PRO A 43 -8.92 7.44 -33.64
N GLY A 44 -7.75 6.83 -33.65
CA GLY A 44 -6.61 7.40 -34.35
C GLY A 44 -5.67 8.11 -33.38
N SER A 45 -4.42 8.22 -33.81
CA SER A 45 -3.39 8.88 -33.00
C SER A 45 -3.49 10.38 -33.28
N GLN A 46 -4.23 11.09 -32.45
CA GLN A 46 -4.45 12.51 -32.70
C GLN A 46 -3.25 13.34 -32.25
N TYR A 47 -2.94 13.29 -30.96
CA TYR A 47 -1.93 14.18 -30.41
C TYR A 47 -0.53 13.70 -30.76
N LEU A 48 -0.17 12.49 -30.34
CA LEU A 48 1.10 11.91 -30.74
C LEU A 48 0.99 11.49 -32.20
N HIS A 49 1.77 12.13 -33.06
CA HIS A 49 1.64 11.96 -34.50
C HIS A 49 2.16 10.58 -34.87
N GLY A 50 1.26 9.60 -34.76
CA GLY A 50 1.68 8.22 -34.78
C GLY A 50 2.46 7.89 -33.52
N ASN A 51 3.55 7.14 -33.70
CA ASN A 51 4.55 6.84 -32.68
C ASN A 51 3.95 6.10 -31.48
N SER A 52 3.45 4.89 -31.75
CA SER A 52 2.87 4.03 -30.73
C SER A 52 3.89 3.62 -29.66
N GLN A 53 5.18 3.67 -30.01
CA GLN A 53 6.23 3.44 -29.03
C GLN A 53 6.15 4.44 -27.89
N LEU A 54 5.78 5.69 -28.19
CA LEU A 54 5.59 6.67 -27.13
C LEU A 54 4.39 6.33 -26.27
N PHE A 55 3.36 5.71 -26.85
CA PHE A 55 2.21 5.30 -26.04
C PHE A 55 2.57 4.17 -25.09
N ASN A 56 3.35 3.20 -25.56
CA ASN A 56 3.75 2.12 -24.67
C ASN A 56 4.74 2.60 -23.61
N VAL A 57 5.61 3.55 -23.98
CA VAL A 57 6.51 4.19 -23.03
C VAL A 57 5.70 4.92 -21.96
N LEU A 58 4.63 5.59 -22.35
CA LEU A 58 3.86 6.31 -21.34
C LEU A 58 3.00 5.38 -20.51
N VAL A 59 2.62 4.23 -21.05
CA VAL A 59 1.90 3.25 -20.23
C VAL A 59 2.82 2.70 -19.15
N VAL A 60 4.05 2.31 -19.50
CA VAL A 60 4.95 1.79 -18.47
C VAL A 60 5.42 2.90 -17.53
N GLY A 61 5.51 4.14 -18.02
CA GLY A 61 5.87 5.23 -17.15
C GLY A 61 4.80 5.53 -16.13
N HIS A 62 3.53 5.59 -16.58
CA HIS A 62 2.41 5.76 -15.67
C HIS A 62 2.32 4.63 -14.66
N ALA A 63 2.55 3.41 -15.13
CA ALA A 63 2.41 2.23 -14.27
C ALA A 63 3.49 2.20 -13.20
N VAL A 64 4.75 2.35 -13.60
CA VAL A 64 5.87 2.31 -12.67
C VAL A 64 5.83 3.50 -11.73
N LEU A 65 5.47 4.68 -12.23
CA LEU A 65 5.37 5.86 -11.37
C LEU A 65 4.28 5.70 -10.32
N MET A 66 3.05 5.46 -10.75
CA MET A 66 2.01 5.44 -9.74
C MET A 66 1.90 4.12 -9.00
N ILE A 67 2.74 3.13 -9.24
CA ILE A 67 2.81 2.07 -8.23
C ILE A 67 4.03 2.32 -7.35
N PHE A 68 5.22 2.33 -7.94
CA PHE A 68 6.42 2.22 -7.16
C PHE A 68 6.91 3.55 -6.63
N PHE A 69 6.41 4.66 -7.15
CA PHE A 69 6.91 5.95 -6.76
C PHE A 69 5.85 6.86 -6.16
N LEU A 70 4.58 6.46 -6.16
CA LEU A 70 3.56 7.18 -5.40
C LEU A 70 3.00 6.34 -4.26
N VAL A 71 2.44 5.17 -4.55
CA VAL A 71 1.70 4.47 -3.51
C VAL A 71 2.64 3.79 -2.52
N MET A 72 3.69 3.12 -3.02
CA MET A 72 4.69 2.55 -2.10
C MET A 72 5.39 3.61 -1.26
N PRO A 73 6.04 4.65 -1.81
CA PRO A 73 6.69 5.62 -0.93
C PRO A 73 5.73 6.53 -0.21
N ALA A 74 4.45 6.51 -0.56
CA ALA A 74 3.49 7.22 0.26
C ALA A 74 3.10 6.37 1.46
N LEU A 75 2.45 5.23 1.22
CA LEU A 75 1.89 4.41 2.29
C LEU A 75 2.98 3.76 3.14
N ILE A 76 3.93 3.06 2.50
CA ILE A 76 5.01 2.48 3.27
C ILE A 76 5.95 3.58 3.75
N GLY A 77 6.31 4.49 2.87
CA GLY A 77 7.30 5.49 3.20
C GLY A 77 6.84 6.54 4.19
N GLY A 78 5.97 7.45 3.76
CA GLY A 78 5.67 8.61 4.56
C GLY A 78 4.82 8.33 5.78
N PHE A 79 3.63 7.78 5.58
CA PHE A 79 2.77 7.48 6.72
C PHE A 79 3.35 6.38 7.59
N GLY A 80 4.05 5.43 6.99
CA GLY A 80 4.76 4.41 7.73
C GLY A 80 5.82 4.99 8.65
N ASN A 81 6.81 5.71 8.10
CA ASN A 81 7.86 6.26 8.93
C ASN A 81 7.40 7.43 9.79
N TYR A 82 6.19 7.95 9.60
CA TYR A 82 5.74 8.95 10.56
C TYR A 82 4.97 8.34 11.70
N LEU A 83 4.19 7.29 11.47
CA LEU A 83 3.30 6.80 12.51
C LEU A 83 3.76 5.51 13.17
N LEU A 84 4.46 4.64 12.45
CA LEU A 84 5.00 3.43 13.07
C LEU A 84 6.00 3.69 14.20
N PRO A 85 6.88 4.71 14.16
CA PRO A 85 7.58 5.03 15.41
C PRO A 85 6.68 5.66 16.45
N LEU A 86 5.67 6.43 16.03
CA LEU A 86 4.90 7.24 16.96
C LEU A 86 3.72 6.49 17.55
N MET A 87 3.04 5.65 16.76
CA MET A 87 1.88 4.94 17.31
C MET A 87 2.29 3.84 18.27
N ILE A 88 3.54 3.38 18.23
CA ILE A 88 4.03 2.48 19.26
C ILE A 88 4.76 3.21 20.35
N GLY A 89 4.90 4.52 20.25
CA GLY A 89 5.59 5.25 21.29
C GLY A 89 7.08 5.10 21.27
N ALA A 90 7.67 4.62 20.17
CA ALA A 90 9.11 4.61 20.05
C ALA A 90 9.61 6.02 19.82
N THR A 91 10.85 6.26 20.21
CA THR A 91 11.44 7.59 20.04
C THR A 91 11.71 7.86 18.56
N ASP A 92 12.58 7.07 17.97
CA ASP A 92 12.77 7.06 16.53
C ASP A 92 12.91 5.61 16.11
N THR A 93 12.77 5.37 14.80
CA THR A 93 12.84 4.01 14.29
C THR A 93 14.24 3.46 14.47
N ALA A 94 14.34 2.18 14.78
CA ALA A 94 15.63 1.51 14.79
C ALA A 94 16.13 1.41 13.36
N PHE A 95 17.45 1.31 13.23
CA PHE A 95 18.21 1.32 11.99
C PHE A 95 17.89 2.59 11.20
N PRO A 96 18.18 3.80 11.71
CA PRO A 96 17.64 5.00 11.06
C PRO A 96 18.35 5.36 9.79
N ARG A 97 19.66 5.08 9.74
CA ARG A 97 20.43 5.34 8.54
C ARG A 97 19.99 4.45 7.38
N ILE A 98 19.54 3.23 7.67
CA ILE A 98 18.94 2.38 6.65
C ILE A 98 17.68 3.03 6.10
N ASN A 99 16.88 3.63 6.97
CA ASN A 99 15.65 4.28 6.52
C ASN A 99 15.96 5.51 5.67
N ASN A 100 16.99 6.26 6.05
CA ASN A 100 17.41 7.40 5.26
C ASN A 100 17.95 6.97 3.90
N ILE A 101 18.67 5.84 3.84
CA ILE A 101 19.14 5.37 2.55
C ILE A 101 17.98 4.82 1.72
N ALA A 102 16.90 4.35 2.37
CA ALA A 102 15.75 3.86 1.62
C ALA A 102 15.07 5.01 0.90
N PHE A 103 14.78 6.08 1.65
CA PHE A 103 14.20 7.26 1.03
C PHE A 103 15.14 7.85 -0.02
N TRP A 104 16.41 8.04 0.31
CA TRP A 104 17.26 8.71 -0.65
C TRP A 104 17.75 7.84 -1.78
N VAL A 105 17.43 6.54 -1.77
CA VAL A 105 17.65 5.75 -2.98
C VAL A 105 16.41 5.72 -3.85
N LEU A 106 15.26 6.15 -3.33
CA LEU A 106 14.12 6.35 -4.23
C LEU A 106 14.30 7.38 -5.35
N PRO A 107 14.75 8.64 -5.12
CA PRO A 107 14.82 9.57 -6.25
C PRO A 107 15.95 9.28 -7.20
N MET A 108 16.90 8.42 -6.84
CA MET A 108 17.83 7.92 -7.83
C MET A 108 17.11 6.97 -8.78
N GLY A 109 16.15 6.22 -8.26
CA GLY A 109 15.26 5.47 -9.12
C GLY A 109 14.43 6.37 -10.00
N LEU A 110 14.02 7.53 -9.47
CA LEU A 110 13.25 8.47 -10.27
C LEU A 110 14.10 9.10 -11.37
N VAL A 111 15.36 9.42 -11.06
CA VAL A 111 16.26 10.01 -12.05
C VAL A 111 16.57 9.02 -13.15
N CYS A 112 16.87 7.77 -12.80
CA CYS A 112 17.12 6.81 -13.86
C CYS A 112 15.84 6.38 -14.57
N LEU A 113 14.66 6.57 -13.98
CA LEU A 113 13.43 6.32 -14.71
C LEU A 113 13.15 7.40 -15.76
N VAL A 114 13.32 8.67 -15.37
CA VAL A 114 13.13 9.73 -16.35
C VAL A 114 14.26 9.70 -17.38
N THR A 115 15.43 9.17 -17.03
CA THR A 115 16.46 8.98 -18.04
C THR A 115 16.13 7.80 -18.94
N SER A 116 15.41 6.80 -18.42
CA SER A 116 14.95 5.69 -19.26
C SER A 116 13.94 6.16 -20.27
N THR A 117 13.10 7.11 -19.89
CA THR A 117 12.18 7.69 -20.87
C THR A 117 12.92 8.60 -21.85
N LEU A 118 13.88 9.37 -21.35
CA LEU A 118 14.57 10.37 -22.18
C LEU A 118 15.59 9.76 -23.13
N VAL A 119 16.13 8.59 -22.81
CA VAL A 119 17.26 8.03 -23.54
C VAL A 119 16.75 7.42 -24.85
N GLU A 120 17.69 7.06 -25.74
CA GLU A 120 17.59 6.94 -27.19
C GLU A 120 16.27 6.45 -27.77
N SER A 121 15.76 5.31 -27.31
CA SER A 121 14.57 4.73 -27.90
C SER A 121 13.36 4.84 -26.99
N GLY A 122 13.44 4.34 -25.77
CA GLY A 122 12.28 4.32 -24.90
C GLY A 122 11.85 2.91 -24.57
N ALA A 123 11.60 2.64 -23.30
CA ALA A 123 11.16 1.32 -22.85
C ALA A 123 9.70 1.15 -23.23
N GLY A 124 9.44 0.41 -24.29
CA GLY A 124 8.09 0.25 -24.79
C GLY A 124 7.48 -1.10 -24.45
N THR A 125 7.63 -1.53 -23.20
CA THR A 125 7.33 -2.91 -22.84
C THR A 125 6.20 -3.09 -21.85
N GLY A 126 5.71 -2.04 -21.20
CA GLY A 126 4.74 -2.21 -20.14
C GLY A 126 5.40 -2.59 -18.83
N TRP A 127 4.66 -2.39 -17.73
CA TRP A 127 5.24 -2.64 -16.41
C TRP A 127 5.45 -4.13 -16.17
N THR A 128 4.68 -4.97 -16.83
CA THR A 128 5.13 -6.32 -17.08
C THR A 128 6.21 -6.25 -18.15
N VAL A 129 7.41 -6.68 -17.83
CA VAL A 129 8.57 -6.39 -18.66
C VAL A 129 8.94 -7.69 -19.38
N TYR A 130 7.90 -8.44 -19.76
CA TYR A 130 7.90 -9.70 -20.49
C TYR A 130 8.94 -9.78 -21.61
N PRO A 131 9.78 -10.81 -21.61
CA PRO A 131 10.52 -11.15 -22.80
C PRO A 131 9.64 -11.99 -23.71
N PRO A 132 9.97 -12.10 -25.00
CA PRO A 132 11.05 -11.52 -25.79
C PRO A 132 10.86 -10.05 -26.14
N LEU A 133 9.80 -9.42 -25.63
CA LEU A 133 9.60 -7.99 -25.85
C LEU A 133 10.67 -7.16 -25.17
N SER A 134 11.22 -7.65 -24.07
CA SER A 134 12.31 -6.98 -23.40
C SER A 134 13.66 -7.60 -23.71
N SER A 135 13.74 -8.44 -24.73
CA SER A 135 15.04 -8.90 -25.19
C SER A 135 15.74 -7.81 -25.98
N ILE A 136 17.01 -8.04 -26.29
CA ILE A 136 17.81 -7.07 -27.02
C ILE A 136 17.35 -6.94 -28.47
N GLN A 137 16.73 -8.00 -29.01
CA GLN A 137 16.25 -7.95 -30.40
C GLN A 137 15.04 -7.04 -30.53
N ALA A 138 14.02 -7.24 -29.68
CA ALA A 138 12.84 -6.39 -29.73
C ALA A 138 13.04 -5.06 -29.03
N HIS A 139 14.15 -4.85 -28.33
CA HIS A 139 14.41 -3.58 -27.67
C HIS A 139 15.92 -3.38 -27.57
N SER A 140 16.48 -2.63 -28.51
CA SER A 140 17.82 -2.13 -28.33
C SER A 140 17.77 -0.88 -27.48
N GLY A 141 18.94 -0.32 -27.19
CA GLY A 141 19.01 0.87 -26.37
C GLY A 141 18.92 0.56 -24.90
N PRO A 142 19.57 1.37 -24.08
CA PRO A 142 19.60 1.09 -22.64
C PRO A 142 18.38 1.56 -21.88
N SER A 143 17.25 1.79 -22.57
CA SER A 143 16.07 2.29 -21.89
C SER A 143 15.47 1.24 -20.97
N VAL A 144 15.36 0.00 -21.44
CA VAL A 144 14.87 -1.08 -20.60
C VAL A 144 15.85 -1.35 -19.47
N ASP A 145 17.14 -1.14 -19.72
CA ASP A 145 18.15 -1.25 -18.68
C ASP A 145 17.94 -0.23 -17.57
N LEU A 146 17.69 1.03 -17.94
CA LEU A 146 17.55 2.06 -16.93
C LEU A 146 16.22 1.94 -16.19
N ALA A 147 15.15 1.53 -16.87
CA ALA A 147 13.89 1.31 -16.17
C ALA A 147 13.97 0.09 -15.27
N ILE A 148 14.73 -0.93 -15.66
CA ILE A 148 14.92 -2.09 -14.80
C ILE A 148 15.78 -1.71 -13.60
N PHE A 149 16.74 -0.80 -13.77
CA PHE A 149 17.47 -0.32 -12.61
C PHE A 149 16.61 0.53 -11.70
N ALA A 150 15.62 1.24 -12.26
CA ALA A 150 14.68 1.97 -11.43
C ALA A 150 13.84 1.02 -10.60
N LEU A 151 13.38 -0.06 -11.21
CA LEU A 151 12.65 -1.08 -10.47
C LEU A 151 13.52 -1.75 -9.42
N HIS A 152 14.81 -1.92 -9.70
CA HIS A 152 15.71 -2.49 -8.70
C HIS A 152 15.96 -1.55 -7.54
N LEU A 153 16.09 -0.25 -7.81
CA LEU A 153 16.30 0.71 -6.72
C LEU A 153 15.07 0.84 -5.86
N THR A 154 13.89 0.78 -6.47
CA THR A 154 12.67 0.79 -5.67
C THR A 154 12.52 -0.50 -4.88
N SER A 155 13.01 -1.62 -5.43
CA SER A 155 13.03 -2.85 -4.65
C SER A 155 13.94 -2.75 -3.45
N ILE A 156 15.11 -2.11 -3.62
CA ILE A 156 16.04 -1.92 -2.51
C ILE A 156 15.42 -1.02 -1.44
N SER A 157 14.74 0.03 -1.87
CA SER A 157 14.12 0.96 -0.93
C SER A 157 12.99 0.32 -0.16
N SER A 158 12.12 -0.41 -0.85
CA SER A 158 11.00 -1.05 -0.15
C SER A 158 11.47 -2.18 0.73
N LEU A 159 12.54 -2.88 0.35
CA LEU A 159 13.07 -3.94 1.21
C LEU A 159 13.69 -3.38 2.47
N LEU A 160 14.44 -2.28 2.35
CA LEU A 160 15.04 -1.67 3.53
C LEU A 160 13.99 -1.06 4.43
N GLY A 161 12.95 -0.47 3.83
CA GLY A 161 11.86 0.05 4.63
C GLY A 161 11.11 -1.05 5.36
N ALA A 162 10.93 -2.19 4.71
CA ALA A 162 10.21 -3.29 5.33
C ALA A 162 11.00 -3.92 6.46
N ILE A 163 12.31 -4.10 6.26
CA ILE A 163 13.10 -4.70 7.34
C ILE A 163 13.26 -3.71 8.50
N ASN A 164 13.35 -2.41 8.21
CA ASN A 164 13.42 -1.40 9.25
C ASN A 164 12.13 -1.36 10.05
N PHE A 165 11.00 -1.46 9.36
CA PHE A 165 9.70 -1.45 10.03
C PHE A 165 9.50 -2.68 10.88
N ILE A 166 9.91 -3.85 10.39
CA ILE A 166 9.63 -5.05 11.15
C ILE A 166 10.53 -5.13 12.37
N VAL A 167 11.76 -4.62 12.31
CA VAL A 167 12.56 -4.66 13.53
C VAL A 167 12.14 -3.53 14.50
N THR A 168 11.71 -2.38 13.96
CA THR A 168 11.32 -1.27 14.81
C THR A 168 10.02 -1.56 15.55
N THR A 169 9.11 -2.30 14.93
CA THR A 169 7.92 -2.69 15.66
C THR A 169 8.05 -4.05 16.35
N LEU A 170 9.12 -4.79 16.11
CA LEU A 170 9.31 -6.00 16.89
C LEU A 170 10.16 -5.79 18.13
N ASN A 171 10.85 -4.67 18.24
CA ASN A 171 11.72 -4.51 19.40
C ASN A 171 11.44 -3.28 20.25
N MET A 172 10.92 -2.20 19.67
CA MET A 172 10.80 -0.94 20.41
C MET A 172 9.35 -0.60 20.73
N ARG A 173 8.57 -1.60 21.11
CA ARG A 173 7.29 -1.31 21.73
C ARG A 173 7.53 -0.75 23.12
N THR A 174 6.72 0.24 23.50
CA THR A 174 6.93 0.92 24.77
C THR A 174 6.35 0.09 25.91
N ASN A 175 6.24 0.69 27.09
CA ASN A 175 6.23 -0.02 28.37
C ASN A 175 4.98 -0.86 28.62
N GLY A 176 4.01 -0.89 27.71
CA GLY A 176 2.88 -1.78 27.94
C GLY A 176 2.41 -2.50 26.70
N MET A 177 2.97 -2.16 25.55
CA MET A 177 2.41 -2.61 24.27
C MET A 177 2.81 -4.05 24.01
N THR A 178 2.00 -4.97 24.53
CA THR A 178 2.09 -6.33 24.05
C THR A 178 1.49 -6.41 22.64
N MET A 179 1.77 -7.53 21.97
CA MET A 179 1.39 -7.67 20.57
C MET A 179 -0.11 -7.76 20.35
N HIS A 180 -0.87 -8.13 21.38
CA HIS A 180 -2.32 -8.10 21.25
C HIS A 180 -2.88 -6.69 21.34
N LYS A 181 -2.14 -5.75 21.93
CA LYS A 181 -2.62 -4.38 22.10
C LYS A 181 -1.99 -3.41 21.11
N LEU A 182 -1.60 -3.89 19.96
CA LEU A 182 -1.01 -2.95 19.01
C LEU A 182 -2.10 -2.22 18.25
N PRO A 183 -1.85 -0.98 17.85
CA PRO A 183 -2.80 -0.28 16.97
C PRO A 183 -2.89 -0.96 15.61
N LEU A 184 -4.01 -0.72 14.94
CA LEU A 184 -4.35 -1.52 13.76
C LEU A 184 -3.48 -1.14 12.56
N PHE A 185 -3.19 0.15 12.41
CA PHE A 185 -2.30 0.59 11.35
C PHE A 185 -0.90 0.06 11.53
N VAL A 186 -0.46 -0.11 12.78
CA VAL A 186 0.82 -0.72 13.06
C VAL A 186 0.84 -2.17 12.62
N TRP A 187 -0.26 -2.89 12.87
CA TRP A 187 -0.36 -4.27 12.40
C TRP A 187 -0.35 -4.35 10.88
N SER A 188 -0.94 -3.36 10.22
CA SER A 188 -0.94 -3.36 8.76
C SER A 188 0.45 -3.12 8.20
N ILE A 189 1.19 -2.16 8.78
CA ILE A 189 2.57 -1.92 8.34
C ILE A 189 3.44 -3.14 8.64
N PHE A 190 3.19 -3.82 9.75
CA PHE A 190 3.93 -5.03 10.08
C PHE A 190 3.64 -6.15 9.08
N ILE A 191 2.37 -6.33 8.70
CA ILE A 191 2.01 -7.39 7.76
C ILE A 191 2.57 -7.11 6.37
N THR A 192 2.48 -5.85 5.91
CA THR A 192 3.02 -5.56 4.60
C THR A 192 4.55 -5.55 4.58
N ALA A 193 5.19 -5.32 5.73
CA ALA A 193 6.64 -5.46 5.76
C ALA A 193 7.05 -6.92 5.68
N PHE A 194 6.28 -7.78 6.35
CA PHE A 194 6.53 -9.23 6.27
C PHE A 194 6.33 -9.73 4.85
N LEU A 195 5.29 -9.25 4.17
CA LEU A 195 5.03 -9.67 2.80
C LEU A 195 6.10 -9.13 1.85
N LEU A 196 6.56 -7.90 2.07
CA LEU A 196 7.63 -7.35 1.24
C LEU A 196 8.90 -8.14 1.41
N LEU A 197 9.22 -8.54 2.64
CA LEU A 197 10.42 -9.32 2.90
C LEU A 197 10.32 -10.70 2.26
N LEU A 198 9.14 -11.28 2.25
CA LEU A 198 9.00 -12.60 1.63
C LEU A 198 8.64 -12.55 0.15
N SER A 199 8.54 -11.37 -0.45
CA SER A 199 8.25 -11.28 -1.87
C SER A 199 9.35 -10.66 -2.71
N LEU A 200 9.88 -9.51 -2.30
CA LEU A 200 10.82 -8.76 -3.14
C LEU A 200 12.12 -9.46 -3.56
N PRO A 201 12.70 -10.41 -2.79
CA PRO A 201 13.81 -11.19 -3.35
C PRO A 201 13.54 -11.90 -4.66
N VAL A 202 12.32 -12.42 -4.85
CA VAL A 202 12.02 -13.13 -6.08
C VAL A 202 11.94 -12.16 -7.25
N LEU A 203 11.45 -10.95 -7.00
CA LEU A 203 11.44 -9.91 -8.02
C LEU A 203 12.85 -9.51 -8.41
N SER A 204 13.71 -9.29 -7.43
CA SER A 204 15.09 -8.92 -7.72
C SER A 204 15.81 -10.04 -8.46
N ALA A 205 15.49 -11.29 -8.13
CA ALA A 205 16.06 -12.44 -8.83
C ALA A 205 15.62 -12.47 -10.29
N GLY A 206 14.32 -12.33 -10.54
CA GLY A 206 13.82 -12.40 -11.90
C GLY A 206 14.28 -11.25 -12.77
N ILE A 207 14.36 -10.05 -12.19
CA ILE A 207 14.79 -8.90 -12.98
C ILE A 207 16.28 -8.95 -13.26
N THR A 208 17.07 -9.49 -12.32
CA THR A 208 18.48 -9.72 -12.61
C THR A 208 18.65 -10.79 -13.68
N MET A 209 17.79 -11.81 -13.68
CA MET A 209 17.82 -12.82 -14.73
C MET A 209 17.51 -12.21 -16.09
N LEU A 210 16.53 -11.31 -16.13
CA LEU A 210 16.21 -10.63 -17.38
C LEU A 210 17.36 -9.74 -17.84
N LEU A 211 18.09 -9.13 -16.90
CA LEU A 211 19.23 -8.31 -17.30
C LEU A 211 20.37 -9.18 -17.83
N LEU A 212 20.58 -10.36 -17.23
CA LEU A 212 21.61 -11.26 -17.71
C LEU A 212 21.27 -11.78 -19.11
N ASP A 213 19.99 -12.02 -19.38
CA ASP A 213 19.58 -12.37 -20.73
C ASP A 213 19.71 -11.19 -21.68
N ARG A 214 19.49 -9.98 -21.19
CA ARG A 214 19.43 -8.84 -22.10
C ARG A 214 20.81 -8.34 -22.47
N ASN A 215 21.80 -8.43 -21.58
CA ASN A 215 23.10 -7.83 -21.84
C ASN A 215 24.28 -8.80 -21.82
N PHE A 216 24.11 -10.01 -21.30
CA PHE A 216 25.25 -10.90 -21.10
C PHE A 216 25.10 -12.23 -21.84
N ASN A 217 24.24 -12.27 -22.87
CA ASN A 217 24.14 -13.38 -23.83
C ASN A 217 23.78 -14.70 -23.17
N THR A 218 23.04 -14.66 -22.07
CA THR A 218 22.65 -15.87 -21.38
C THR A 218 21.34 -16.38 -21.95
N SER A 219 20.89 -17.53 -21.45
CA SER A 219 19.65 -18.15 -21.92
C SER A 219 18.81 -18.54 -20.70
N PHE A 220 18.06 -17.58 -20.17
CA PHE A 220 17.07 -17.84 -19.14
C PHE A 220 15.67 -17.92 -19.73
N PHE A 221 15.31 -16.94 -20.56
CA PHE A 221 13.97 -16.87 -21.13
C PHE A 221 13.95 -16.86 -22.65
N GLU A 222 15.06 -16.54 -23.31
CA GLU A 222 15.10 -16.57 -24.76
C GLU A 222 15.06 -18.01 -25.25
N VAL A 223 14.23 -18.25 -26.27
CA VAL A 223 14.02 -19.61 -26.76
C VAL A 223 15.24 -20.11 -27.53
N SER A 224 15.96 -19.22 -28.20
CA SER A 224 17.22 -19.58 -28.87
C SER A 224 18.29 -19.72 -27.80
N GLY A 225 18.32 -20.90 -27.18
CA GLY A 225 19.15 -21.13 -26.02
C GLY A 225 18.43 -21.99 -25.00
N GLY A 226 17.18 -22.33 -25.28
CA GLY A 226 16.43 -23.28 -24.48
C GLY A 226 15.51 -22.67 -23.45
N GLY A 227 15.65 -21.39 -23.14
CA GLY A 227 14.84 -20.75 -22.13
C GLY A 227 13.43 -20.48 -22.60
N ASP A 228 12.61 -20.00 -21.67
CA ASP A 228 11.21 -19.71 -21.95
C ASP A 228 10.77 -18.50 -21.13
N PRO A 229 9.94 -17.64 -21.71
CA PRO A 229 9.42 -16.49 -20.95
C PRO A 229 8.35 -16.85 -19.93
N ILE A 230 7.92 -18.11 -19.88
CA ILE A 230 7.00 -18.57 -18.85
C ILE A 230 7.65 -18.47 -17.47
N LEU A 231 8.97 -18.64 -17.40
CA LEU A 231 9.67 -18.48 -16.14
C LEU A 231 9.64 -17.04 -15.66
N TYR A 232 9.77 -16.08 -16.58
CA TYR A 232 9.64 -14.68 -16.16
C TYR A 232 8.21 -14.37 -15.78
N GLU A 233 7.23 -14.96 -16.47
CA GLU A 233 5.85 -14.70 -16.09
C GLU A 233 5.54 -15.24 -14.71
N HIS A 234 6.05 -16.43 -14.39
CA HIS A 234 5.87 -17.02 -13.07
C HIS A 234 6.54 -16.16 -11.99
N LEU A 235 7.79 -15.76 -12.22
CA LEU A 235 8.50 -14.97 -11.20
C LEU A 235 7.91 -13.58 -11.05
N PHE A 236 7.55 -12.94 -12.15
CA PHE A 236 7.05 -11.58 -12.06
C PHE A 236 5.67 -11.52 -11.46
N TRP A 237 4.82 -12.52 -11.67
CA TRP A 237 3.54 -12.45 -10.98
C TRP A 237 3.58 -13.01 -9.57
N PHE A 238 4.53 -13.89 -9.27
CA PHE A 238 4.81 -14.27 -7.89
C PHE A 238 5.30 -13.09 -7.08
N PHE A 239 5.96 -12.14 -7.72
CA PHE A 239 6.13 -10.84 -7.09
C PHE A 239 4.85 -10.03 -7.14
N GLY A 240 4.15 -10.05 -8.29
CA GLY A 240 3.25 -8.97 -8.61
C GLY A 240 1.95 -8.99 -7.85
N HIS A 241 1.41 -10.17 -7.59
CA HIS A 241 0.18 -10.11 -6.80
C HIS A 241 0.46 -9.86 -5.30
N PRO A 242 1.52 -10.40 -4.69
CA PRO A 242 1.92 -9.86 -3.39
C PRO A 242 2.25 -8.39 -3.41
N GLU A 243 2.74 -7.86 -4.53
CA GLU A 243 2.97 -6.42 -4.65
C GLU A 243 1.67 -5.63 -4.52
N VAL A 244 0.61 -6.08 -5.20
CA VAL A 244 -0.59 -5.28 -5.16
C VAL A 244 -1.38 -5.49 -3.86
N TYR A 245 -1.25 -6.66 -3.22
CA TYR A 245 -1.84 -6.77 -1.88
C TYR A 245 -1.03 -5.97 -0.86
N ILE A 246 0.27 -5.79 -1.11
CA ILE A 246 1.08 -4.88 -0.31
C ILE A 246 0.64 -3.45 -0.52
N LEU A 247 0.22 -3.11 -1.74
CA LEU A 247 -0.33 -1.78 -1.98
C LEU A 247 -1.66 -1.59 -1.27
N ILE A 248 -2.42 -2.66 -1.07
CA ILE A 248 -3.75 -2.49 -0.50
C ILE A 248 -3.82 -2.67 1.01
N ILE A 249 -2.82 -3.25 1.65
CA ILE A 249 -2.90 -3.53 3.10
C ILE A 249 -2.84 -2.26 3.97
N PRO A 250 -1.88 -1.33 3.83
CA PRO A 250 -1.93 -0.13 4.68
C PRO A 250 -3.09 0.78 4.33
N GLY A 251 -3.66 0.64 3.14
CA GLY A 251 -4.93 1.28 2.87
C GLY A 251 -6.02 0.79 3.81
N PHE A 252 -6.08 -0.52 4.03
CA PHE A 252 -7.03 -1.09 4.99
C PHE A 252 -6.75 -0.58 6.39
N GLY A 253 -5.48 -0.45 6.74
CA GLY A 253 -5.13 0.05 8.07
C GLY A 253 -5.54 1.49 8.29
N ILE A 254 -5.27 2.35 7.31
CA ILE A 254 -5.58 3.76 7.45
C ILE A 254 -7.09 3.99 7.43
N ILE A 255 -7.81 3.22 6.61
CA ILE A 255 -9.26 3.35 6.57
C ILE A 255 -9.89 2.88 7.87
N SER A 256 -9.38 1.79 8.45
CA SER A 256 -9.87 1.33 9.74
C SER A 256 -9.60 2.36 10.83
N HIS A 257 -8.44 3.00 10.78
CA HIS A 257 -8.14 4.02 11.78
C HIS A 257 -8.89 5.32 11.56
N VAL A 258 -9.44 5.56 10.37
CA VAL A 258 -10.32 6.70 10.18
C VAL A 258 -11.72 6.37 10.69
N VAL A 259 -12.22 5.19 10.33
CA VAL A 259 -13.59 4.82 10.64
C VAL A 259 -13.78 4.64 12.14
N SER A 260 -12.84 3.99 12.81
CA SER A 260 -13.00 3.74 14.23
C SER A 260 -12.82 4.98 15.10
N THR A 261 -12.48 6.13 14.54
CA THR A 261 -12.45 7.35 15.32
C THR A 261 -13.38 8.43 14.79
N TYR A 262 -13.97 8.24 13.62
CA TYR A 262 -15.01 9.17 13.20
C TYR A 262 -16.39 8.61 13.41
N SER A 263 -16.50 7.32 13.68
CA SER A 263 -17.75 6.74 14.13
C SER A 263 -17.82 6.61 15.65
N LYS A 264 -16.79 7.10 16.35
CA LYS A 264 -16.72 7.18 17.81
C LYS A 264 -16.87 5.85 18.53
N LYS A 265 -16.70 4.73 17.82
CA LYS A 265 -16.77 3.43 18.45
C LYS A 265 -15.56 2.62 18.01
N PRO A 266 -15.08 1.71 18.85
CA PRO A 266 -13.91 0.91 18.46
C PRO A 266 -14.24 -0.05 17.34
N VAL A 267 -13.18 -0.46 16.63
CA VAL A 267 -13.33 -1.31 15.46
C VAL A 267 -13.84 -2.68 15.86
N PHE A 268 -14.69 -3.25 15.01
CA PHE A 268 -15.38 -4.49 15.35
C PHE A 268 -14.41 -5.65 15.27
N GLY A 269 -13.93 -6.10 16.43
CA GLY A 269 -13.10 -7.28 16.47
C GLY A 269 -11.72 -7.08 15.88
N GLU A 270 -10.86 -6.34 16.59
CA GLU A 270 -9.53 -6.04 16.08
C GLU A 270 -8.68 -7.30 15.90
N ILE A 271 -8.92 -8.33 16.71
CA ILE A 271 -8.23 -9.59 16.53
C ILE A 271 -8.66 -10.26 15.22
N SER A 272 -9.96 -10.21 14.91
CA SER A 272 -10.44 -10.75 13.66
C SER A 272 -9.96 -9.92 12.48
N MET A 273 -9.78 -8.60 12.69
CA MET A 273 -9.26 -7.75 11.64
C MET A 273 -7.80 -8.07 11.33
N VAL A 274 -6.98 -8.26 12.37
CA VAL A 274 -5.57 -8.55 12.08
C VAL A 274 -5.38 -9.98 11.59
N TYR A 275 -6.26 -10.92 11.97
CA TYR A 275 -6.18 -12.24 11.37
C TYR A 275 -6.68 -12.22 9.93
N ALA A 276 -7.62 -11.32 9.61
CA ALA A 276 -8.02 -11.16 8.22
C ALA A 276 -6.89 -10.55 7.40
N MET A 277 -6.14 -9.62 7.99
CA MET A 277 -4.99 -9.04 7.29
C MET A 277 -3.89 -10.08 7.10
N ALA A 278 -3.66 -10.92 8.10
CA ALA A 278 -2.67 -11.98 7.96
C ALA A 278 -3.11 -13.01 6.93
N SER A 279 -4.42 -13.28 6.86
CA SER A 279 -4.92 -14.26 5.90
C SER A 279 -4.84 -13.73 4.48
N ILE A 280 -5.20 -12.47 4.26
CA ILE A 280 -5.11 -11.91 2.91
C ILE A 280 -3.65 -11.73 2.51
N GLY A 281 -2.77 -11.52 3.48
CA GLY A 281 -1.35 -11.40 3.17
C GLY A 281 -0.75 -12.73 2.77
N LEU A 282 -0.98 -13.76 3.58
CA LEU A 282 -0.41 -15.07 3.26
C LEU A 282 -1.10 -15.72 2.07
N LEU A 283 -2.35 -15.34 1.78
CA LEU A 283 -3.01 -15.89 0.60
C LEU A 283 -2.75 -15.07 -0.64
N GLY A 284 -2.12 -13.90 -0.52
CA GLY A 284 -1.62 -13.22 -1.70
C GLY A 284 -0.47 -13.94 -2.37
N PHE A 285 0.19 -14.85 -1.66
CA PHE A 285 1.29 -15.61 -2.23
C PHE A 285 0.80 -16.74 -3.12
N LEU A 286 -0.12 -17.56 -2.61
CA LEU A 286 -0.45 -18.82 -3.24
C LEU A 286 -1.49 -18.70 -4.36
N VAL A 287 -1.80 -17.49 -4.81
CA VAL A 287 -2.72 -17.29 -5.92
C VAL A 287 -2.03 -16.60 -7.09
N TRP A 288 -0.70 -16.63 -7.12
CA TRP A 288 0.08 -15.86 -8.09
C TRP A 288 -0.08 -16.34 -9.51
N SER A 289 -0.66 -17.52 -9.73
CA SER A 289 -0.87 -18.04 -11.06
C SER A 289 -2.18 -17.56 -11.68
N HIS A 290 -2.87 -16.61 -11.06
CA HIS A 290 -4.12 -16.14 -11.65
C HIS A 290 -3.89 -15.11 -12.74
N HIS A 291 -2.69 -14.60 -12.91
CA HIS A 291 -2.43 -13.62 -13.96
C HIS A 291 -2.15 -14.26 -15.31
N MET A 292 -2.07 -15.59 -15.40
CA MET A 292 -1.71 -16.22 -16.67
C MET A 292 -2.54 -17.49 -16.92
N TYR A 293 -3.84 -17.43 -16.62
CA TYR A 293 -4.76 -18.52 -16.97
C TYR A 293 -4.81 -18.78 -18.47
N ILE A 294 -4.52 -17.75 -19.26
CA ILE A 294 -4.50 -17.87 -20.70
C ILE A 294 -3.31 -18.70 -21.16
N VAL A 295 -2.22 -18.70 -20.38
CA VAL A 295 -0.90 -19.09 -20.86
C VAL A 295 -0.84 -20.56 -21.28
N GLY A 296 -1.70 -21.39 -20.72
CA GLY A 296 -1.75 -22.78 -21.11
C GLY A 296 -1.58 -23.72 -19.95
N LEU A 297 -1.94 -23.26 -18.76
CA LEU A 297 -1.91 -24.12 -17.59
C LEU A 297 -2.98 -25.20 -17.71
N ASP A 298 -2.74 -26.31 -17.01
CA ASP A 298 -3.54 -27.52 -17.14
C ASP A 298 -4.90 -27.34 -16.48
N ALA A 299 -5.70 -28.41 -16.54
CA ALA A 299 -7.06 -28.35 -16.01
C ALA A 299 -7.06 -28.30 -14.49
N ASP A 300 -6.30 -29.19 -13.85
CA ASP A 300 -6.25 -29.23 -12.39
C ASP A 300 -5.54 -28.01 -11.83
N THR A 301 -4.53 -27.50 -12.54
CA THR A 301 -3.81 -26.30 -12.08
C THR A 301 -4.72 -25.09 -12.08
N ARG A 302 -5.44 -24.87 -13.17
CA ARG A 302 -6.34 -23.72 -13.26
C ARG A 302 -7.51 -23.88 -12.29
N ALA A 303 -8.03 -25.10 -12.14
CA ALA A 303 -9.16 -25.31 -11.23
C ALA A 303 -8.75 -25.22 -9.77
N TYR A 304 -7.48 -25.44 -9.44
CA TYR A 304 -7.03 -25.16 -8.09
C TYR A 304 -6.80 -23.67 -7.88
N PHE A 305 -6.18 -23.01 -8.86
CA PHE A 305 -5.81 -21.61 -8.65
C PHE A 305 -7.01 -20.69 -8.68
N THR A 306 -8.06 -21.04 -9.43
CA THR A 306 -9.26 -20.22 -9.36
C THR A 306 -9.98 -20.41 -8.03
N SER A 307 -9.92 -21.61 -7.44
CA SER A 307 -10.55 -21.83 -6.15
C SER A 307 -9.80 -21.10 -5.05
N ALA A 308 -8.47 -21.02 -5.16
CA ALA A 308 -7.70 -20.26 -4.18
C ALA A 308 -7.93 -18.76 -4.35
N THR A 309 -7.91 -18.25 -5.58
CA THR A 309 -8.08 -16.82 -5.76
C THR A 309 -9.53 -16.37 -5.65
N MET A 310 -10.47 -17.31 -5.52
CA MET A 310 -11.82 -16.97 -5.13
C MET A 310 -12.09 -17.26 -3.66
N ILE A 311 -11.23 -18.04 -2.99
CA ILE A 311 -11.32 -18.17 -1.53
C ILE A 311 -10.58 -17.05 -0.83
N ILE A 312 -9.74 -16.29 -1.56
CA ILE A 312 -9.14 -15.09 -0.99
C ILE A 312 -10.13 -13.96 -0.77
N ALA A 313 -11.35 -14.07 -1.29
CA ALA A 313 -12.38 -13.07 -1.07
C ALA A 313 -13.11 -13.23 0.25
N ILE A 314 -12.77 -14.24 1.04
CA ILE A 314 -13.34 -14.40 2.38
C ILE A 314 -12.71 -13.44 3.38
N PRO A 315 -11.38 -13.28 3.51
CA PRO A 315 -10.88 -12.31 4.51
C PRO A 315 -11.15 -10.87 4.15
N THR A 316 -11.11 -10.53 2.86
CA THR A 316 -11.47 -9.18 2.43
C THR A 316 -12.92 -8.88 2.76
N GLY A 317 -13.80 -9.88 2.60
CA GLY A 317 -15.18 -9.71 3.00
C GLY A 317 -15.37 -9.60 4.48
N ILE A 318 -14.53 -10.29 5.27
CA ILE A 318 -14.53 -10.12 6.71
C ILE A 318 -14.16 -8.68 7.08
N LYS A 319 -13.18 -8.12 6.38
CA LYS A 319 -12.79 -6.73 6.63
C LYS A 319 -13.90 -5.75 6.25
N ILE A 320 -14.56 -5.99 5.11
CA ILE A 320 -15.61 -5.07 4.66
C ILE A 320 -16.82 -5.12 5.60
N PHE A 321 -17.21 -6.32 6.02
CA PHE A 321 -18.36 -6.42 6.90
C PHE A 321 -18.05 -5.94 8.31
N SER A 322 -16.81 -6.10 8.76
CA SER A 322 -16.40 -5.52 10.04
C SER A 322 -16.40 -4.00 9.97
N TRP A 323 -16.00 -3.45 8.83
CA TRP A 323 -16.06 -2.01 8.63
C TRP A 323 -17.49 -1.51 8.64
N LEU A 324 -18.41 -2.23 8.00
CA LEU A 324 -19.80 -1.81 8.01
C LEU A 324 -20.40 -1.91 9.40
N ALA A 325 -19.96 -2.87 10.20
CA ALA A 325 -20.37 -2.91 11.59
C ALA A 325 -19.78 -1.73 12.37
N THR A 326 -18.56 -1.32 12.02
CA THR A 326 -17.93 -0.20 12.71
C THR A 326 -18.64 1.12 12.40
N ILE A 327 -19.14 1.27 11.18
CA ILE A 327 -19.90 2.49 10.91
C ILE A 327 -21.31 2.39 11.47
N HIS A 328 -21.86 1.18 11.57
CA HIS A 328 -23.21 1.03 12.10
C HIS A 328 -23.21 1.28 13.61
N GLY A 329 -24.15 2.10 14.05
CA GLY A 329 -24.26 2.36 15.47
C GLY A 329 -23.19 3.30 15.99
N GLY A 330 -22.90 4.37 15.28
CA GLY A 330 -21.95 5.35 15.72
C GLY A 330 -22.54 6.75 15.64
N SER A 331 -21.66 7.71 15.40
CA SER A 331 -22.06 9.07 15.12
C SER A 331 -21.16 9.53 13.98
N ILE A 332 -21.63 9.33 12.75
CA ILE A 332 -20.76 9.50 11.59
C ILE A 332 -20.59 10.99 11.33
N ARG A 333 -19.58 11.58 11.94
CA ARG A 333 -19.30 12.98 11.73
C ARG A 333 -18.69 13.14 10.34
N LEU A 334 -19.53 13.49 9.37
CA LEU A 334 -19.13 13.45 7.96
C LEU A 334 -18.15 14.56 7.61
N ALA A 335 -16.91 14.44 8.07
CA ALA A 335 -15.85 15.29 7.58
C ALA A 335 -15.20 14.62 6.38
N THR A 336 -14.12 15.22 5.90
CA THR A 336 -13.48 14.73 4.69
C THR A 336 -12.82 13.35 4.82
N PRO A 337 -12.10 12.99 5.90
CA PRO A 337 -11.60 11.61 5.98
C PRO A 337 -12.69 10.56 6.04
N MET A 338 -13.80 10.88 6.71
CA MET A 338 -14.90 9.93 6.75
C MET A 338 -15.57 9.82 5.38
N LEU A 339 -15.62 10.92 4.63
CA LEU A 339 -16.12 10.85 3.26
C LEU A 339 -15.25 9.97 2.39
N TYR A 340 -13.92 10.10 2.55
CA TYR A 340 -13.01 9.28 1.76
C TYR A 340 -13.11 7.81 2.15
N ALA A 341 -13.34 7.53 3.42
CA ALA A 341 -13.48 6.13 3.83
C ALA A 341 -14.80 5.54 3.37
N ILE A 342 -15.87 6.34 3.34
CA ILE A 342 -17.16 5.85 2.86
C ILE A 342 -17.08 5.51 1.38
N ALA A 343 -16.51 6.43 0.59
CA ALA A 343 -16.42 6.16 -0.83
C ALA A 343 -15.38 5.09 -1.13
N PHE A 344 -14.36 4.95 -0.28
CA PHE A 344 -13.44 3.82 -0.40
C PHE A 344 -14.16 2.52 -0.20
N LEU A 345 -15.03 2.45 0.81
CA LEU A 345 -15.81 1.24 1.09
C LEU A 345 -16.66 0.83 -0.11
N PHE A 346 -17.43 1.78 -0.64
CA PHE A 346 -18.31 1.47 -1.77
C PHE A 346 -17.52 1.13 -3.03
N LEU A 347 -16.53 1.95 -3.37
CA LEU A 347 -15.82 1.76 -4.63
C LEU A 347 -14.91 0.55 -4.59
N PHE A 348 -14.24 0.31 -3.47
CA PHE A 348 -13.46 -0.91 -3.31
C PHE A 348 -14.34 -2.14 -3.31
N THR A 349 -15.57 -2.05 -2.81
CA THR A 349 -16.48 -3.18 -2.91
C THR A 349 -16.84 -3.47 -4.36
N MET A 350 -17.12 -2.41 -5.14
CA MET A 350 -17.46 -2.61 -6.55
C MET A 350 -16.29 -3.20 -7.32
N GLY A 351 -15.08 -2.69 -7.07
CA GLY A 351 -13.91 -3.23 -7.73
C GLY A 351 -13.59 -4.64 -7.32
N GLY A 352 -13.82 -4.98 -6.04
CA GLY A 352 -13.57 -6.34 -5.61
C GLY A 352 -14.56 -7.32 -6.19
N LEU A 353 -15.80 -6.89 -6.39
CA LEU A 353 -16.76 -7.76 -7.06
C LEU A 353 -16.41 -7.94 -8.54
N THR A 354 -15.89 -6.89 -9.18
CA THR A 354 -15.38 -7.04 -10.54
C THR A 354 -14.20 -8.03 -10.58
N GLY A 355 -13.32 -7.96 -9.58
CA GLY A 355 -12.22 -8.90 -9.52
C GLY A 355 -12.66 -10.33 -9.28
N VAL A 356 -13.69 -10.54 -8.48
CA VAL A 356 -14.12 -11.91 -8.22
C VAL A 356 -14.95 -12.44 -9.39
N ALA A 357 -15.49 -11.55 -10.23
CA ALA A 357 -16.01 -12.01 -11.50
C ALA A 357 -14.89 -12.32 -12.48
N LEU A 358 -13.76 -11.64 -12.36
CA LEU A 358 -12.61 -11.87 -13.22
C LEU A 358 -11.83 -13.13 -12.83
N ALA A 359 -11.97 -13.59 -11.59
CA ALA A 359 -11.06 -14.60 -11.06
C ALA A 359 -11.29 -15.98 -11.64
N ASN A 360 -12.48 -16.26 -12.17
CA ASN A 360 -12.79 -17.60 -12.63
C ASN A 360 -12.08 -17.89 -13.93
N ALA A 361 -11.38 -19.04 -13.98
CA ALA A 361 -10.59 -19.40 -15.15
C ALA A 361 -11.48 -19.75 -16.34
N SER A 362 -12.69 -20.21 -16.07
CA SER A 362 -13.66 -20.39 -17.14
C SER A 362 -14.20 -19.07 -17.67
N LEU A 363 -14.02 -17.97 -16.93
CA LEU A 363 -14.42 -16.65 -17.38
C LEU A 363 -13.25 -15.77 -17.76
N ASP A 364 -12.03 -16.10 -17.35
CA ASP A 364 -10.88 -15.31 -17.73
C ASP A 364 -10.51 -15.47 -19.19
N VAL A 365 -11.07 -16.48 -19.88
CA VAL A 365 -10.77 -16.68 -21.29
C VAL A 365 -11.37 -15.62 -22.19
N ALA A 366 -12.24 -14.75 -21.68
CA ALA A 366 -12.80 -13.67 -22.47
C ALA A 366 -12.51 -12.30 -21.88
N PHE A 367 -11.65 -12.20 -20.87
CA PHE A 367 -11.39 -10.94 -20.20
C PHE A 367 -9.93 -10.55 -20.08
N HIS A 368 -8.99 -11.49 -20.23
CA HIS A 368 -7.60 -11.16 -19.97
C HIS A 368 -7.03 -10.25 -21.05
N ASP A 369 -6.34 -9.21 -20.60
CA ASP A 369 -5.80 -8.11 -21.41
C ASP A 369 -6.87 -7.38 -22.21
N THR A 370 -8.12 -7.49 -21.79
CA THR A 370 -9.17 -6.59 -22.25
C THR A 370 -9.16 -5.39 -21.33
N TYR A 371 -10.16 -4.51 -21.43
CA TYR A 371 -10.22 -3.42 -20.47
C TYR A 371 -11.03 -3.78 -19.25
N TYR A 372 -11.47 -5.03 -19.12
CA TYR A 372 -12.21 -5.42 -17.94
C TYR A 372 -11.27 -5.64 -16.77
N VAL A 373 -10.10 -6.21 -17.04
CA VAL A 373 -9.05 -6.27 -16.02
C VAL A 373 -8.57 -4.87 -15.71
N VAL A 374 -8.62 -3.96 -16.69
CA VAL A 374 -8.27 -2.57 -16.45
C VAL A 374 -9.29 -1.92 -15.52
N GLY A 375 -10.57 -2.25 -15.71
CA GLY A 375 -11.59 -1.74 -14.82
C GLY A 375 -11.42 -2.23 -13.39
N HIS A 376 -11.18 -3.54 -13.23
CA HIS A 376 -11.00 -4.12 -11.89
C HIS A 376 -9.78 -3.54 -11.19
N PHE A 377 -8.65 -3.48 -11.88
CA PHE A 377 -7.46 -3.09 -11.15
C PHE A 377 -7.34 -1.59 -11.01
N HIS A 378 -7.76 -0.79 -12.00
CA HIS A 378 -7.75 0.64 -11.77
C HIS A 378 -8.76 1.03 -10.72
N TYR A 379 -9.88 0.31 -10.63
CA TYR A 379 -10.84 0.58 -9.56
C TYR A 379 -10.25 0.26 -8.20
N VAL A 380 -9.79 -0.98 -7.99
CA VAL A 380 -9.31 -1.37 -6.67
C VAL A 380 -8.03 -0.64 -6.31
N LEU A 381 -7.08 -0.59 -7.23
CA LEU A 381 -5.79 0.04 -6.95
C LEU A 381 -5.93 1.55 -6.81
N SER A 382 -6.57 2.22 -7.77
CA SER A 382 -6.74 3.67 -7.70
C SER A 382 -7.58 4.09 -6.52
N MET A 383 -8.69 3.41 -6.24
CA MET A 383 -9.50 3.76 -5.09
C MET A 383 -8.78 3.41 -3.79
N GLY A 384 -8.49 2.15 -3.56
CA GLY A 384 -7.83 1.76 -2.33
C GLY A 384 -6.39 2.19 -2.17
N ALA A 385 -5.85 2.96 -3.10
CA ALA A 385 -4.60 3.65 -2.89
C ALA A 385 -4.81 5.14 -2.73
N ILE A 386 -5.45 5.79 -3.71
CA ILE A 386 -5.58 7.22 -3.71
C ILE A 386 -6.59 7.69 -2.68
N PHE A 387 -7.71 6.98 -2.54
CA PHE A 387 -8.71 7.35 -1.54
C PHE A 387 -8.20 7.11 -0.13
N SER A 388 -7.48 6.00 0.08
CA SER A 388 -6.86 5.78 1.37
C SER A 388 -5.76 6.79 1.64
N LEU A 389 -5.06 7.24 0.60
CA LEU A 389 -4.01 8.22 0.76
C LEU A 389 -4.57 9.57 1.14
N PHE A 390 -5.64 9.98 0.48
CA PHE A 390 -6.30 11.22 0.83
C PHE A 390 -6.93 11.14 2.21
N ALA A 391 -7.45 9.97 2.59
CA ALA A 391 -7.99 9.81 3.93
C ALA A 391 -6.91 9.94 4.97
N GLY A 392 -5.74 9.34 4.73
CA GLY A 392 -4.64 9.48 5.65
C GLY A 392 -4.10 10.90 5.71
N TYR A 393 -4.08 11.59 4.57
CA TYR A 393 -3.57 12.95 4.57
C TYR A 393 -4.53 13.89 5.29
N TYR A 394 -5.82 13.86 4.95
CA TYR A 394 -6.78 14.71 5.62
C TYR A 394 -7.08 14.26 7.05
N TYR A 395 -6.62 13.08 7.44
CA TYR A 395 -6.80 12.57 8.78
C TYR A 395 -5.64 12.89 9.69
N TRP A 396 -4.42 12.97 9.16
CA TRP A 396 -3.25 13.22 9.99
C TRP A 396 -2.57 14.54 9.73
N SER A 397 -2.98 15.30 8.71
CA SER A 397 -2.24 16.50 8.33
C SER A 397 -2.25 17.62 9.36
N PRO A 398 -3.36 17.97 10.04
CA PRO A 398 -3.21 18.91 11.16
C PRO A 398 -2.44 18.35 12.32
N GLN A 399 -2.32 17.04 12.43
CA GLN A 399 -1.54 16.44 13.50
C GLN A 399 -0.06 16.36 13.16
N ILE A 400 0.28 15.96 11.93
CA ILE A 400 1.67 15.76 11.56
C ILE A 400 2.32 17.01 10.99
N LEU A 401 1.54 18.03 10.69
CA LEU A 401 2.08 19.25 10.12
C LEU A 401 1.74 20.46 10.95
N GLY A 402 0.56 20.48 11.56
CA GLY A 402 0.20 21.53 12.49
C GLY A 402 -0.49 22.71 11.88
N LEU A 403 -1.10 22.55 10.71
CA LEU A 403 -1.83 23.64 10.09
C LEU A 403 -3.24 23.12 9.83
N ASN A 404 -4.05 23.82 9.05
CA ASN A 404 -5.40 23.35 8.82
C ASN A 404 -5.82 23.63 7.39
N TYR A 405 -6.18 22.57 6.67
CA TYR A 405 -6.76 22.71 5.35
C TYR A 405 -8.12 23.36 5.43
N ASN A 406 -8.49 24.06 4.37
CA ASN A 406 -9.87 24.55 4.25
C ASN A 406 -10.82 23.37 4.11
N GLU A 407 -11.99 23.50 4.72
CA GLU A 407 -12.86 22.33 4.81
C GLU A 407 -13.74 22.17 3.57
N LYS A 408 -14.37 23.26 3.13
CA LYS A 408 -15.24 23.20 1.96
C LYS A 408 -14.46 22.86 0.70
N LEU A 409 -13.22 23.32 0.61
CA LEU A 409 -12.36 22.93 -0.50
C LEU A 409 -12.02 21.44 -0.44
N ALA A 410 -11.84 20.91 0.77
CA ALA A 410 -11.55 19.49 0.90
C ALA A 410 -12.73 18.64 0.47
N GLN A 411 -13.95 19.06 0.82
CA GLN A 411 -15.10 18.27 0.44
C GLN A 411 -15.39 18.37 -1.06
N ILE A 412 -15.16 19.53 -1.68
CA ILE A 412 -15.37 19.57 -3.13
C ILE A 412 -14.26 18.85 -3.86
N GLN A 413 -13.06 18.79 -3.28
CA GLN A 413 -12.00 17.97 -3.85
C GLN A 413 -12.37 16.50 -3.82
N PHE A 414 -12.96 16.06 -2.70
CA PHE A 414 -13.41 14.68 -2.60
C PHE A 414 -14.53 14.37 -3.59
N TRP A 415 -15.50 15.27 -3.71
CA TRP A 415 -16.61 14.99 -4.61
C TRP A 415 -16.18 15.01 -6.06
N LEU A 416 -15.24 15.91 -6.41
CA LEU A 416 -14.73 15.94 -7.77
C LEU A 416 -13.95 14.69 -8.09
N ILE A 417 -13.08 14.22 -7.19
CA ILE A 417 -12.34 13.01 -7.53
C ILE A 417 -13.22 11.77 -7.45
N PHE A 418 -14.32 11.81 -6.68
CA PHE A 418 -15.17 10.64 -6.65
C PHE A 418 -16.00 10.52 -7.92
N ILE A 419 -16.63 11.61 -8.35
CA ILE A 419 -17.43 11.53 -9.56
C ILE A 419 -16.53 11.37 -10.78
N GLY A 420 -15.30 11.91 -10.73
CA GLY A 420 -14.39 11.73 -11.83
C GLY A 420 -13.88 10.31 -11.93
N ALA A 421 -13.52 9.70 -10.80
CA ALA A 421 -13.02 8.33 -10.79
C ALA A 421 -14.12 7.35 -11.18
N ASN A 422 -15.34 7.59 -10.70
CA ASN A 422 -16.46 6.73 -11.07
C ASN A 422 -16.74 6.81 -12.56
N VAL A 423 -16.81 8.04 -13.10
CA VAL A 423 -17.15 8.17 -14.52
C VAL A 423 -15.99 7.86 -15.44
N ILE A 424 -14.77 7.72 -14.92
CA ILE A 424 -13.70 7.27 -15.81
C ILE A 424 -13.55 5.75 -15.78
N PHE A 425 -13.77 5.09 -14.64
CA PHE A 425 -13.46 3.66 -14.58
C PHE A 425 -14.69 2.79 -14.54
N PHE A 426 -15.87 3.37 -14.63
CA PHE A 426 -17.00 2.54 -14.98
C PHE A 426 -17.13 2.18 -16.47
N PRO A 427 -16.84 3.07 -17.46
CA PRO A 427 -16.95 2.62 -18.85
C PRO A 427 -15.94 1.58 -19.28
N MET A 428 -14.81 1.45 -18.57
CA MET A 428 -13.82 0.49 -18.98
C MET A 428 -14.28 -0.94 -18.72
N HIS A 429 -15.22 -1.14 -17.80
CA HIS A 429 -15.89 -2.43 -17.65
C HIS A 429 -16.62 -2.82 -18.93
N PHE A 430 -17.33 -1.88 -19.55
CA PHE A 430 -18.02 -2.18 -20.79
C PHE A 430 -17.06 -2.37 -21.96
N LEU A 431 -16.02 -1.54 -22.01
CA LEU A 431 -15.05 -1.67 -23.10
C LEU A 431 -14.28 -2.98 -23.01
N GLY A 432 -14.08 -3.51 -21.81
CA GLY A 432 -13.54 -4.84 -21.69
C GLY A 432 -14.55 -5.94 -21.90
N ILE A 433 -15.82 -5.70 -21.54
CA ILE A 433 -16.82 -6.73 -21.72
C ILE A 433 -17.21 -6.89 -23.18
N ASN A 434 -16.90 -5.92 -24.04
CA ASN A 434 -17.08 -6.09 -25.47
C ASN A 434 -15.76 -6.11 -26.22
N GLY A 435 -14.69 -6.50 -25.55
CA GLY A 435 -13.45 -6.79 -26.24
C GLY A 435 -12.70 -5.62 -26.82
N MET A 436 -12.16 -4.76 -25.97
CA MET A 436 -11.17 -3.81 -26.39
C MET A 436 -9.85 -4.23 -25.77
N PRO A 437 -8.82 -4.55 -26.55
CA PRO A 437 -7.59 -5.10 -25.97
C PRO A 437 -6.79 -4.05 -25.20
N ARG A 438 -5.91 -4.54 -24.35
CA ARG A 438 -5.05 -3.66 -23.59
C ARG A 438 -3.98 -3.03 -24.47
N ARG A 439 -3.48 -1.89 -24.01
CA ARG A 439 -2.23 -1.27 -24.48
C ARG A 439 -2.29 -0.88 -25.96
N ILE A 440 -3.46 -0.50 -26.45
CA ILE A 440 -3.62 -0.06 -27.84
C ILE A 440 -3.61 1.46 -27.88
N PRO A 441 -2.83 2.09 -28.75
CA PRO A 441 -2.93 3.54 -28.91
C PRO A 441 -4.06 3.94 -29.85
N ASP A 442 -4.34 3.09 -30.82
CA ASP A 442 -5.44 3.26 -31.75
C ASP A 442 -6.39 2.09 -31.56
N TYR A 443 -7.67 2.33 -31.76
CA TYR A 443 -8.62 1.32 -31.36
C TYR A 443 -9.67 1.14 -32.44
N PRO A 444 -10.47 0.07 -32.38
CA PRO A 444 -11.65 -0.04 -33.25
C PRO A 444 -12.56 1.17 -33.17
N ASP A 445 -13.16 1.51 -34.31
CA ASP A 445 -13.93 2.75 -34.42
C ASP A 445 -15.33 2.64 -33.86
N ALA A 446 -15.61 1.64 -33.03
CA ALA A 446 -16.85 1.59 -32.27
C ALA A 446 -16.69 2.08 -30.84
N PHE A 447 -15.48 1.99 -30.28
CA PHE A 447 -15.28 2.28 -28.87
C PHE A 447 -15.13 3.76 -28.57
N ALA A 448 -15.38 4.63 -29.55
CA ALA A 448 -15.04 6.04 -29.42
C ALA A 448 -15.87 6.75 -28.37
N GLY A 449 -17.12 6.32 -28.16
CA GLY A 449 -17.96 7.01 -27.20
C GLY A 449 -17.50 6.81 -25.76
N TRP A 450 -17.28 5.55 -25.37
CA TRP A 450 -16.80 5.31 -24.02
C TRP A 450 -15.36 5.76 -23.86
N ASN A 451 -14.54 5.63 -24.89
CA ASN A 451 -13.17 6.12 -24.76
C ASN A 451 -13.09 7.64 -24.89
N TYR A 452 -14.20 8.31 -25.17
CA TYR A 452 -14.33 9.74 -25.05
C TYR A 452 -14.79 10.15 -23.66
N VAL A 453 -15.79 9.45 -23.11
CA VAL A 453 -16.25 9.81 -21.77
C VAL A 453 -15.20 9.45 -20.72
N ALA A 454 -14.33 8.49 -21.01
CA ALA A 454 -13.22 8.21 -20.11
C ALA A 454 -12.22 9.35 -20.11
N SER A 455 -11.97 9.96 -21.27
CA SER A 455 -11.07 11.10 -21.28
C SER A 455 -11.73 12.35 -20.72
N ILE A 456 -13.05 12.39 -20.64
CA ILE A 456 -13.69 13.43 -19.84
C ILE A 456 -13.40 13.19 -18.35
N GLY A 457 -13.55 11.93 -17.91
CA GLY A 457 -13.33 11.61 -16.50
C GLY A 457 -11.90 11.82 -16.03
N SER A 458 -10.93 11.62 -16.92
CA SER A 458 -9.55 11.92 -16.58
C SER A 458 -9.34 13.42 -16.34
N PHE A 459 -10.01 14.25 -17.13
CA PHE A 459 -9.90 15.69 -16.94
C PHE A 459 -10.56 16.12 -15.63
N ILE A 460 -11.66 15.45 -15.26
CA ILE A 460 -12.30 15.74 -13.97
C ILE A 460 -11.36 15.38 -12.82
N ALA A 461 -10.75 14.20 -12.87
CA ALA A 461 -9.85 13.79 -11.80
C ALA A 461 -8.58 14.64 -11.73
N THR A 462 -8.08 15.09 -12.88
CA THR A 462 -6.92 15.97 -12.86
C THR A 462 -7.28 17.35 -12.34
N LEU A 463 -8.52 17.80 -12.57
CA LEU A 463 -8.98 19.03 -11.94
C LEU A 463 -9.11 18.86 -10.44
N SER A 464 -9.50 17.67 -9.99
CA SER A 464 -9.52 17.39 -8.55
C SER A 464 -8.12 17.45 -7.96
N LEU A 465 -7.13 16.98 -8.71
CA LEU A 465 -5.76 17.05 -8.21
C LEU A 465 -5.24 18.48 -8.17
N PHE A 466 -5.61 19.29 -9.16
CA PHE A 466 -5.17 20.68 -9.12
C PHE A 466 -5.85 21.45 -8.00
N LEU A 467 -7.10 21.11 -7.69
CA LEU A 467 -7.75 21.66 -6.52
C LEU A 467 -7.06 21.20 -5.24
N PHE A 468 -6.60 19.95 -5.22
CA PHE A 468 -5.88 19.42 -4.05
C PHE A 468 -4.58 20.18 -3.83
N ILE A 469 -3.84 20.46 -4.90
CA ILE A 469 -2.60 21.21 -4.69
C ILE A 469 -2.84 22.69 -4.50
N TYR A 470 -4.06 23.17 -4.75
CA TYR A 470 -4.40 24.48 -4.22
C TYR A 470 -4.66 24.41 -2.72
N ILE A 471 -5.29 23.33 -2.27
CA ILE A 471 -5.57 23.11 -0.84
C ILE A 471 -4.27 23.02 -0.06
N LEU A 472 -3.25 22.41 -0.67
CA LEU A 472 -1.96 22.28 -0.01
C LEU A 472 -1.30 23.62 0.23
N TYR A 473 -1.35 24.51 -0.77
CA TYR A 473 -0.84 25.87 -0.59
C TYR A 473 -1.65 26.63 0.44
N ASP A 474 -2.98 26.48 0.42
CA ASP A 474 -3.82 27.18 1.38
C ASP A 474 -3.56 26.70 2.80
N GLN A 475 -3.33 25.41 2.96
CA GLN A 475 -2.99 24.87 4.27
C GLN A 475 -1.62 25.34 4.72
N LEU A 476 -0.71 25.52 3.77
CA LEU A 476 0.65 25.88 4.18
C LEU A 476 0.81 27.37 4.46
N VAL A 477 -0.02 28.25 3.91
CA VAL A 477 0.13 29.67 4.20
C VAL A 477 -1.07 30.27 4.92
N ASN A 478 -2.13 29.50 5.17
CA ASN A 478 -3.25 30.02 5.94
C ASN A 478 -3.69 29.06 7.04
N GLY A 479 -2.79 28.18 7.50
CA GLY A 479 -3.18 27.20 8.50
C GLY A 479 -3.47 27.79 9.86
N LEU A 480 -2.74 28.84 10.24
CA LEU A 480 -3.01 29.49 11.51
C LEU A 480 -4.33 30.28 11.46
N ASN A 481 -4.57 30.98 10.35
CA ASN A 481 -5.84 31.66 10.18
C ASN A 481 -7.00 30.68 10.06
N ASN A 482 -6.74 29.49 9.51
CA ASN A 482 -7.78 28.47 9.47
C ASN A 482 -8.02 27.89 10.86
N LYS A 483 -7.01 27.84 11.71
CA LYS A 483 -7.21 27.44 13.09
C LYS A 483 -8.07 28.45 13.83
N VAL A 484 -7.81 29.74 13.60
CA VAL A 484 -8.52 30.78 14.34
C VAL A 484 -9.96 30.89 13.82
N ASN A 485 -10.12 31.20 12.54
CA ASN A 485 -11.45 31.46 11.99
C ASN A 485 -12.16 30.13 11.74
N ASN A 486 -13.47 30.20 11.42
CA ASN A 486 -14.36 29.05 11.41
C ASN A 486 -14.25 28.20 10.16
N LYS A 487 -13.15 28.25 9.40
CA LYS A 487 -13.09 27.50 8.14
C LYS A 487 -12.94 26.00 8.39
N SER A 488 -11.87 25.60 9.05
CA SER A 488 -11.55 24.19 9.19
C SER A 488 -12.34 23.57 10.33
N VAL A 489 -12.06 22.30 10.63
CA VAL A 489 -12.61 21.60 11.78
C VAL A 489 -11.48 21.40 12.76
N ILE A 490 -11.51 22.16 13.85
CA ILE A 490 -10.42 22.09 14.82
C ILE A 490 -10.50 20.80 15.63
N TYR A 491 -11.60 20.61 16.35
CA TYR A 491 -11.77 19.40 17.14
C TYR A 491 -12.31 18.30 16.25
N ASN A 492 -11.53 17.25 16.07
CA ASN A 492 -11.91 16.18 15.14
C ASN A 492 -13.00 15.30 15.71
N LYS A 493 -12.74 14.65 16.83
CA LYS A 493 -13.79 13.93 17.52
C LYS A 493 -14.71 14.93 18.19
N ALA A 494 -16.00 14.86 17.84
CA ALA A 494 -16.98 15.79 18.36
C ALA A 494 -17.20 15.55 19.85
N PRO A 495 -17.74 16.54 20.56
CA PRO A 495 -18.26 16.28 21.90
C PRO A 495 -19.38 15.26 21.83
N ASP A 496 -19.40 14.35 22.79
CA ASP A 496 -20.50 13.42 22.86
C ASP A 496 -21.75 14.11 23.39
N PHE A 497 -22.85 13.37 23.40
CA PHE A 497 -24.16 14.00 23.41
C PHE A 497 -24.49 14.67 24.74
N VAL A 498 -24.17 14.02 25.86
CA VAL A 498 -24.37 14.61 27.16
C VAL A 498 -23.15 15.35 27.65
N GLU A 499 -22.08 15.35 26.88
CA GLU A 499 -20.87 16.05 27.27
C GLU A 499 -21.06 17.54 27.12
N SER A 500 -20.56 18.30 28.08
CA SER A 500 -20.68 19.75 28.06
C SER A 500 -19.64 20.34 27.12
N ASN A 501 -19.43 21.65 27.22
CA ASN A 501 -18.40 22.30 26.45
C ASN A 501 -17.13 22.57 27.25
N THR A 502 -17.24 22.88 28.54
CA THR A 502 -16.06 23.09 29.36
C THR A 502 -15.33 21.77 29.61
N ILE A 503 -16.09 20.71 29.85
CA ILE A 503 -15.52 19.38 30.04
C ILE A 503 -14.81 18.93 28.77
N PHE A 504 -15.42 19.18 27.63
CA PHE A 504 -14.78 18.87 26.36
C PHE A 504 -13.56 19.75 26.13
N ASN A 505 -13.58 20.98 26.64
CA ASN A 505 -12.43 21.86 26.47
C ASN A 505 -11.25 21.38 27.30
N LEU A 506 -11.52 20.73 28.43
CA LEU A 506 -10.40 20.17 29.17
C LEU A 506 -10.00 18.77 28.68
N ASN A 507 -10.85 18.10 27.92
CA ASN A 507 -10.58 16.74 27.48
C ASN A 507 -10.73 16.60 25.96
N THR A 508 -10.02 17.47 25.22
CA THR A 508 -10.35 17.74 23.81
C THR A 508 -10.13 16.54 22.89
N VAL A 509 -9.07 15.76 23.13
CA VAL A 509 -8.68 14.72 22.18
C VAL A 509 -8.90 13.36 22.83
N LYS A 510 -9.83 12.60 22.27
CA LYS A 510 -10.14 11.25 22.74
C LYS A 510 -9.78 10.29 21.62
N SER A 511 -8.53 9.88 21.55
CA SER A 511 -8.08 8.98 20.51
C SER A 511 -7.82 7.60 21.09
N SER A 512 -7.59 6.63 20.20
CA SER A 512 -7.18 5.30 20.59
C SER A 512 -5.72 5.03 20.30
N SER A 513 -4.96 6.04 19.90
CA SER A 513 -3.53 5.92 19.67
C SER A 513 -2.85 7.15 20.24
N ILE A 514 -1.52 7.15 20.19
CA ILE A 514 -0.76 8.20 20.86
C ILE A 514 -0.84 9.51 20.10
N GLU A 515 -0.63 9.46 18.78
CA GLU A 515 -0.15 10.62 18.04
C GLU A 515 -1.14 11.78 17.99
N PHE A 516 -2.42 11.53 18.24
CA PHE A 516 -3.36 12.64 18.30
C PHE A 516 -3.26 13.39 19.61
N LEU A 517 -2.63 12.81 20.62
CA LEU A 517 -2.33 13.55 21.83
C LEU A 517 -1.04 14.35 21.72
N LEU A 518 -0.21 14.03 20.73
CA LEU A 518 1.01 14.78 20.50
C LEU A 518 0.68 16.20 20.09
N THR A 519 1.60 17.11 20.37
CA THR A 519 1.41 18.50 20.05
C THR A 519 1.41 18.70 18.55
N SER A 520 0.71 19.76 18.11
CA SER A 520 0.85 20.23 16.75
C SER A 520 2.30 20.65 16.52
N PRO A 521 2.73 20.70 15.26
CA PRO A 521 3.70 19.72 14.76
C PRO A 521 4.68 19.28 15.82
N PRO A 522 4.80 17.97 16.03
CA PRO A 522 5.34 17.44 17.29
C PRO A 522 6.81 17.76 17.49
N ALA A 523 7.22 17.69 18.75
CA ALA A 523 8.61 17.97 19.13
C ALA A 523 9.53 16.95 18.47
N VAL A 524 10.77 17.38 18.22
CA VAL A 524 11.63 16.72 17.24
C VAL A 524 12.00 15.32 17.69
N HIS A 525 12.46 15.17 18.92
CA HIS A 525 12.57 13.86 19.55
C HIS A 525 11.66 13.90 20.77
N SER A 526 10.40 13.53 20.55
CA SER A 526 9.48 13.37 21.66
C SER A 526 9.75 12.04 22.37
N PHE A 527 8.93 11.74 23.36
CA PHE A 527 9.12 10.63 24.31
C PHE A 527 10.50 10.70 24.98
N ASN A 528 10.76 11.87 25.56
CA ASN A 528 11.90 12.00 26.47
C ASN A 528 11.70 11.09 27.67
N THR A 529 10.51 11.05 28.18
CA THR A 529 10.04 10.02 29.08
C THR A 529 9.38 8.92 28.25
N PRO A 530 9.66 7.64 28.53
CA PRO A 530 8.98 6.57 27.80
C PRO A 530 7.50 6.53 28.12
N ALA A 531 6.69 6.39 27.08
CA ALA A 531 5.24 6.50 27.25
C ALA A 531 4.66 5.18 27.72
N VAL A 532 4.16 5.16 28.94
CA VAL A 532 3.70 3.94 29.59
C VAL A 532 2.25 3.69 29.20
N GLN A 533 1.86 2.42 29.22
CA GLN A 533 0.51 1.99 28.89
C GLN A 533 0.09 0.92 29.88
N SER A 534 -1.19 0.90 30.21
CA SER A 534 -1.73 -0.11 31.11
C SER A 534 -1.82 -1.48 30.45
N ASP B 1 -19.32 -10.67 -33.13
CA ASP B 1 -18.82 -10.71 -34.49
C ASP B 1 -18.04 -9.44 -34.81
N VAL B 2 -18.70 -8.30 -34.66
CA VAL B 2 -18.07 -7.00 -34.81
C VAL B 2 -18.53 -6.17 -33.60
N PRO B 3 -17.65 -5.44 -32.92
CA PRO B 3 -18.06 -4.70 -31.71
C PRO B 3 -19.01 -3.56 -32.04
N THR B 4 -20.16 -3.56 -31.38
CA THR B 4 -21.12 -2.49 -31.54
C THR B 4 -20.64 -1.26 -30.77
N PRO B 5 -20.83 -0.05 -31.31
CA PRO B 5 -20.56 1.14 -30.51
C PRO B 5 -21.60 1.32 -29.42
N TYR B 6 -21.14 1.93 -28.31
CA TYR B 6 -21.88 2.02 -27.05
C TYR B 6 -22.35 0.66 -26.58
N ALA B 7 -21.42 -0.29 -26.56
CA ALA B 7 -21.75 -1.65 -26.18
C ALA B 7 -21.84 -1.77 -24.66
N CYS B 8 -22.65 -2.73 -24.22
CA CYS B 8 -22.83 -2.95 -22.78
C CYS B 8 -22.87 -4.43 -22.44
N TYR B 9 -22.30 -5.27 -23.29
CA TYR B 9 -22.37 -6.71 -23.11
C TYR B 9 -21.26 -7.36 -23.93
N PHE B 10 -21.27 -8.68 -24.00
CA PHE B 10 -20.45 -9.39 -24.96
C PHE B 10 -21.05 -9.25 -26.35
N GLN B 11 -20.29 -9.69 -27.35
CA GLN B 11 -20.81 -9.70 -28.70
C GLN B 11 -21.77 -10.86 -28.89
N ASP B 12 -22.34 -10.94 -30.08
CA ASP B 12 -23.28 -12.01 -30.38
C ASP B 12 -22.54 -13.33 -30.49
N SER B 13 -22.98 -14.32 -29.72
CA SER B 13 -22.28 -15.58 -29.60
C SER B 13 -22.41 -16.43 -30.87
N ALA B 14 -21.38 -17.22 -31.15
CA ALA B 14 -21.36 -18.05 -32.34
C ALA B 14 -20.82 -19.46 -32.10
N THR B 15 -20.66 -19.87 -30.85
CA THR B 15 -20.00 -21.13 -30.52
C THR B 15 -20.48 -21.56 -29.14
N PRO B 16 -20.43 -22.86 -28.84
CA PRO B 16 -20.76 -23.30 -27.46
C PRO B 16 -19.89 -22.71 -26.37
N ASN B 17 -18.65 -22.34 -26.70
CA ASN B 17 -17.77 -21.68 -25.72
C ASN B 17 -18.31 -20.32 -25.31
N GLN B 18 -18.73 -19.51 -26.28
CA GLN B 18 -19.14 -18.15 -25.97
C GLN B 18 -20.48 -18.12 -25.26
N GLU B 19 -21.43 -18.96 -25.68
CA GLU B 19 -22.70 -18.99 -24.97
C GLU B 19 -22.57 -19.65 -23.60
N GLY B 20 -21.62 -20.59 -23.46
CA GLY B 20 -21.36 -21.17 -22.15
C GLY B 20 -20.79 -20.15 -21.18
N ILE B 21 -19.78 -19.39 -21.61
CA ILE B 21 -19.20 -18.39 -20.72
C ILE B 21 -20.14 -17.21 -20.53
N LEU B 22 -21.05 -16.96 -21.46
CA LEU B 22 -22.06 -15.92 -21.26
C LEU B 22 -23.04 -16.32 -20.18
N GLU B 23 -23.53 -17.56 -20.24
CA GLU B 23 -24.44 -18.05 -19.20
C GLU B 23 -23.73 -18.14 -17.85
N LEU B 24 -22.45 -18.52 -17.85
CA LEU B 24 -21.66 -18.56 -16.64
C LEU B 24 -21.46 -17.17 -16.06
N HIS B 25 -21.16 -16.20 -16.93
CA HIS B 25 -20.92 -14.84 -16.49
C HIS B 25 -22.18 -14.20 -15.94
N ASP B 26 -23.34 -14.52 -16.50
CA ASP B 26 -24.56 -13.97 -15.92
C ASP B 26 -24.95 -14.69 -14.65
N ASN B 27 -24.64 -15.98 -14.52
CA ASN B 27 -24.84 -16.66 -13.24
C ASN B 27 -23.94 -16.08 -12.16
N ILE B 28 -22.74 -15.63 -12.54
CA ILE B 28 -21.86 -14.96 -11.58
C ILE B 28 -22.41 -13.58 -11.23
N MET B 29 -22.80 -12.81 -12.26
CA MET B 29 -23.24 -11.44 -12.08
C MET B 29 -24.54 -11.35 -11.30
N PHE B 30 -25.35 -12.41 -11.28
CA PHE B 30 -26.55 -12.44 -10.46
C PHE B 30 -26.20 -12.35 -8.97
N TYR B 31 -25.34 -13.25 -8.49
CA TYR B 31 -24.97 -13.21 -7.07
C TYR B 31 -24.10 -12.01 -6.75
N LEU B 32 -23.32 -11.53 -7.72
CA LEU B 32 -22.52 -10.33 -7.44
C LEU B 32 -23.38 -9.09 -7.38
N LEU B 33 -24.47 -9.04 -8.14
CA LEU B 33 -25.38 -7.92 -7.99
C LEU B 33 -26.18 -8.02 -6.70
N VAL B 34 -26.44 -9.25 -6.22
CA VAL B 34 -27.02 -9.43 -4.87
C VAL B 34 -26.11 -8.80 -3.83
N ILE B 35 -24.82 -9.11 -3.89
CA ILE B 35 -23.87 -8.61 -2.89
C ILE B 35 -23.68 -7.10 -3.03
N LEU B 36 -23.63 -6.59 -4.26
CA LEU B 36 -23.44 -5.16 -4.45
C LEU B 36 -24.65 -4.36 -4.00
N GLY B 37 -25.86 -4.86 -4.26
CA GLY B 37 -27.04 -4.20 -3.74
C GLY B 37 -27.10 -4.25 -2.22
N LEU B 38 -26.62 -5.34 -1.63
CA LEU B 38 -26.53 -5.44 -0.18
C LEU B 38 -25.61 -4.38 0.39
N VAL B 39 -24.39 -4.28 -0.14
CA VAL B 39 -23.40 -3.35 0.41
C VAL B 39 -23.81 -1.91 0.15
N SER B 40 -24.43 -1.65 -1.01
CA SER B 40 -24.86 -0.28 -1.30
C SER B 40 -26.02 0.15 -0.40
N TRP B 41 -26.99 -0.76 -0.17
CA TRP B 41 -28.09 -0.38 0.73
C TRP B 41 -27.62 -0.24 2.16
N MET B 42 -26.73 -1.13 2.61
CA MET B 42 -26.20 -1.03 3.97
C MET B 42 -25.42 0.26 4.17
N LEU B 43 -24.59 0.63 3.20
CA LEU B 43 -23.80 1.84 3.32
C LEU B 43 -24.68 3.08 3.26
N TYR B 44 -25.67 3.09 2.36
CA TYR B 44 -26.55 4.25 2.22
C TYR B 44 -27.42 4.44 3.45
N THR B 45 -28.06 3.37 3.95
CA THR B 45 -28.89 3.56 5.13
C THR B 45 -28.06 3.76 6.38
N ILE B 46 -26.79 3.32 6.39
CA ILE B 46 -25.97 3.55 7.56
C ILE B 46 -25.56 5.02 7.64
N VAL B 47 -25.18 5.62 6.50
CA VAL B 47 -24.83 7.04 6.58
C VAL B 47 -26.07 7.90 6.78
N MET B 48 -27.18 7.58 6.10
CA MET B 48 -28.37 8.40 6.22
C MET B 48 -29.11 8.18 7.53
N THR B 49 -28.80 7.14 8.29
CA THR B 49 -29.33 7.02 9.64
C THR B 49 -28.37 7.63 10.65
N TYR B 50 -27.14 7.14 10.69
CA TYR B 50 -26.24 7.46 11.79
C TYR B 50 -25.36 8.66 11.52
N SER B 51 -25.65 9.47 10.49
CA SER B 51 -25.01 10.77 10.45
C SER B 51 -25.61 11.69 11.49
N LYS B 52 -26.83 11.41 11.95
CA LYS B 52 -27.51 12.21 12.95
C LYS B 52 -28.01 11.31 14.08
N ASN B 53 -27.15 10.41 14.53
CA ASN B 53 -27.38 9.64 15.75
C ASN B 53 -26.39 10.10 16.80
N PRO B 54 -26.77 11.02 17.69
CA PRO B 54 -25.78 11.67 18.54
C PRO B 54 -25.26 10.84 19.71
N ILE B 55 -25.84 9.68 19.99
CA ILE B 55 -25.40 8.83 21.09
C ILE B 55 -24.70 7.64 20.47
N ALA B 56 -23.36 7.70 20.42
CA ALA B 56 -22.58 6.70 19.71
C ALA B 56 -22.55 5.40 20.50
N TYR B 57 -22.96 4.30 19.87
CA TYR B 57 -23.04 3.01 20.53
C TYR B 57 -21.65 2.40 20.54
N LYS B 58 -20.86 2.79 21.53
CA LYS B 58 -19.46 2.39 21.60
C LYS B 58 -19.24 1.14 22.43
N TYR B 59 -20.30 0.50 22.91
CA TYR B 59 -20.18 -0.68 23.76
C TYR B 59 -20.62 -1.95 23.04
N ILE B 60 -20.46 -1.98 21.72
CA ILE B 60 -20.79 -3.14 20.91
C ILE B 60 -19.54 -3.49 20.12
N LYS B 61 -18.80 -4.51 20.57
CA LYS B 61 -17.63 -4.95 19.83
C LYS B 61 -17.39 -6.46 19.80
N HIS B 62 -18.18 -7.28 20.47
CA HIS B 62 -17.87 -8.71 20.46
C HIS B 62 -18.44 -9.39 19.21
N GLY B 63 -19.77 -9.46 19.12
CA GLY B 63 -20.53 -10.04 18.01
C GLY B 63 -20.08 -11.38 17.44
N GLN B 64 -20.12 -12.45 18.23
CA GLN B 64 -19.54 -13.72 17.79
C GLN B 64 -20.44 -14.41 16.76
N THR B 65 -21.76 -14.31 16.93
CA THR B 65 -22.68 -14.96 16.00
C THR B 65 -22.65 -14.30 14.63
N ILE B 66 -22.59 -12.96 14.60
CA ILE B 66 -22.45 -12.28 13.33
C ILE B 66 -21.06 -12.49 12.73
N GLU B 67 -20.06 -12.84 13.57
CA GLU B 67 -18.74 -13.14 13.05
C GLU B 67 -18.72 -14.50 12.35
N VAL B 68 -19.37 -15.51 12.95
CA VAL B 68 -19.43 -16.79 12.26
C VAL B 68 -20.40 -16.73 11.07
N ILE B 69 -21.37 -15.80 11.08
CA ILE B 69 -22.21 -15.62 9.91
C ILE B 69 -21.41 -15.01 8.76
N TRP B 70 -20.58 -14.00 9.06
CA TRP B 70 -19.66 -13.45 8.07
C TRP B 70 -18.59 -14.43 7.63
N THR B 71 -18.28 -15.43 8.46
CA THR B 71 -17.35 -16.43 8.01
C THR B 71 -18.01 -17.46 7.10
N ILE B 72 -19.28 -17.80 7.36
CA ILE B 72 -19.89 -18.93 6.68
C ILE B 72 -20.74 -18.54 5.46
N PHE B 73 -21.16 -17.28 5.33
CA PHE B 73 -21.97 -16.94 4.16
C PHE B 73 -21.15 -16.70 2.89
N PRO B 74 -20.00 -15.99 2.91
CA PRO B 74 -19.14 -16.00 1.72
C PRO B 74 -18.64 -17.37 1.31
N ALA B 75 -18.43 -18.30 2.25
CA ALA B 75 -17.96 -19.63 1.88
C ALA B 75 -19.02 -20.40 1.10
N VAL B 76 -20.28 -20.32 1.54
CA VAL B 76 -21.33 -21.06 0.83
C VAL B 76 -21.68 -20.37 -0.49
N ILE B 77 -21.61 -19.03 -0.54
CA ILE B 77 -21.87 -18.39 -1.83
C ILE B 77 -20.70 -18.56 -2.80
N LEU B 78 -19.50 -18.78 -2.27
CA LEU B 78 -18.37 -19.07 -3.15
C LEU B 78 -18.41 -20.49 -3.65
N LEU B 79 -18.91 -21.43 -2.84
CA LEU B 79 -19.20 -22.76 -3.35
C LEU B 79 -20.30 -22.73 -4.40
N ILE B 80 -21.29 -21.84 -4.21
CA ILE B 80 -22.39 -21.69 -5.15
C ILE B 80 -21.88 -21.19 -6.50
N ILE B 81 -21.02 -20.18 -6.50
CA ILE B 81 -20.47 -19.72 -7.78
C ILE B 81 -19.28 -20.53 -8.24
N ALA B 82 -18.78 -21.45 -7.42
CA ALA B 82 -17.67 -22.30 -7.79
C ALA B 82 -18.11 -23.60 -8.45
N PHE B 83 -19.33 -24.05 -8.17
CA PHE B 83 -19.85 -25.26 -8.81
C PHE B 83 -19.94 -25.14 -10.34
N PRO B 84 -20.69 -24.19 -10.93
CA PRO B 84 -20.78 -24.20 -12.40
C PRO B 84 -19.52 -23.68 -13.07
N SER B 85 -18.68 -22.92 -12.36
CA SER B 85 -17.39 -22.52 -12.92
C SER B 85 -16.50 -23.73 -13.12
N PHE B 86 -16.48 -24.63 -12.13
CA PHE B 86 -15.73 -25.87 -12.26
C PHE B 86 -16.32 -26.77 -13.33
N ILE B 87 -17.66 -26.81 -13.42
CA ILE B 87 -18.33 -27.68 -14.40
C ILE B 87 -18.00 -27.22 -15.82
N LEU B 88 -18.14 -25.91 -16.09
CA LEU B 88 -17.88 -25.43 -17.44
C LEU B 88 -16.40 -25.41 -17.76
N LEU B 89 -15.54 -25.20 -16.75
CA LEU B 89 -14.10 -25.22 -17.01
C LEU B 89 -13.61 -26.61 -17.36
N TYR B 90 -14.11 -27.64 -16.67
CA TYR B 90 -13.75 -28.99 -17.05
C TYR B 90 -14.54 -29.49 -18.26
N LEU B 91 -15.62 -28.78 -18.64
CA LEU B 91 -16.31 -29.10 -19.89
C LEU B 91 -15.54 -28.63 -21.11
N CYS B 92 -15.13 -27.36 -21.11
CA CYS B 92 -14.62 -26.73 -22.31
C CYS B 92 -13.14 -26.99 -22.57
N ASP B 93 -12.47 -27.80 -21.74
CA ASP B 93 -11.02 -27.95 -21.87
C ASP B 93 -10.62 -29.10 -22.79
N GLU B 94 -11.37 -30.19 -22.81
CA GLU B 94 -11.02 -31.34 -23.63
C GLU B 94 -11.36 -31.07 -25.09
N VAL B 95 -10.43 -31.39 -25.98
CA VAL B 95 -10.68 -31.37 -27.41
C VAL B 95 -11.40 -32.66 -27.77
N ILE B 96 -12.73 -32.63 -27.76
CA ILE B 96 -13.54 -33.84 -27.84
C ILE B 96 -13.69 -34.30 -29.28
N SER B 97 -12.73 -35.12 -29.76
CA SER B 97 -12.71 -35.81 -31.04
C SER B 97 -12.92 -34.88 -32.24
N PRO B 98 -11.94 -34.07 -32.62
CA PRO B 98 -12.15 -33.12 -33.72
C PRO B 98 -11.97 -33.81 -35.07
N ALA B 99 -12.07 -33.00 -36.12
CA ALA B 99 -11.86 -33.49 -37.48
C ALA B 99 -11.02 -32.56 -38.34
N MET B 100 -10.56 -31.42 -37.81
CA MET B 100 -9.83 -30.43 -38.58
C MET B 100 -9.07 -29.52 -37.63
N THR B 101 -7.80 -29.25 -37.94
CA THR B 101 -7.01 -28.24 -37.25
C THR B 101 -6.48 -27.23 -38.26
N ILE B 102 -5.96 -26.12 -37.74
CA ILE B 102 -5.24 -25.14 -38.56
C ILE B 102 -4.24 -24.41 -37.67
N LYS B 103 -2.99 -24.36 -38.11
CA LYS B 103 -1.98 -23.63 -37.37
C LYS B 103 -2.13 -22.14 -37.66
N ALA B 104 -2.02 -21.33 -36.61
CA ALA B 104 -2.08 -19.87 -36.74
C ALA B 104 -0.86 -19.29 -36.03
N ILE B 105 0.26 -19.25 -36.73
CA ILE B 105 1.48 -18.72 -36.17
C ILE B 105 1.41 -17.20 -36.19
N GLY B 106 1.98 -16.57 -35.18
CA GLY B 106 2.00 -15.12 -35.16
C GLY B 106 3.38 -14.53 -35.33
N TYR B 107 3.65 -13.96 -36.50
CA TYR B 107 4.91 -13.28 -36.69
C TYR B 107 4.76 -11.83 -36.28
N GLN B 108 5.89 -11.12 -36.30
CA GLN B 108 6.00 -9.78 -35.71
C GLN B 108 5.12 -8.83 -36.49
N TRP B 109 3.97 -8.53 -35.89
CA TRP B 109 2.92 -7.63 -36.35
C TRP B 109 2.17 -8.15 -37.57
N TYR B 110 2.18 -9.47 -37.81
CA TYR B 110 1.28 -10.04 -38.81
C TYR B 110 1.05 -11.51 -38.51
N TRP B 111 -0.18 -11.97 -38.72
CA TRP B 111 -0.53 -13.36 -38.53
C TRP B 111 -0.26 -14.15 -39.81
N LYS B 112 0.08 -15.42 -39.64
CA LYS B 112 0.32 -16.32 -40.76
C LYS B 112 -0.33 -17.66 -40.45
N TYR B 113 -1.28 -18.07 -41.28
CA TYR B 113 -2.02 -19.30 -41.04
C TYR B 113 -1.62 -20.37 -42.04
N GLU B 114 -1.43 -21.58 -41.53
CA GLU B 114 -1.19 -22.78 -42.31
C GLU B 114 -2.36 -23.73 -42.11
N TYR B 115 -3.09 -24.02 -43.18
CA TYR B 115 -4.14 -25.02 -43.10
C TYR B 115 -3.46 -26.39 -43.07
N SER B 116 -3.57 -27.07 -41.94
CA SER B 116 -2.72 -28.22 -41.64
C SER B 116 -3.22 -29.52 -42.27
N ASP B 117 -4.18 -29.48 -43.19
CA ASP B 117 -4.71 -30.71 -43.74
C ASP B 117 -5.03 -30.66 -45.23
N PHE B 118 -4.70 -29.58 -45.93
CA PHE B 118 -5.15 -29.43 -47.31
C PHE B 118 -4.00 -28.96 -48.20
N ILE B 119 -3.99 -29.47 -49.43
CA ILE B 119 -2.87 -29.33 -50.35
C ILE B 119 -3.11 -28.17 -51.28
N ASN B 120 -2.03 -27.70 -51.91
CA ASN B 120 -2.13 -26.59 -52.87
C ASN B 120 -1.80 -27.02 -54.29
N ASP B 121 -0.60 -27.53 -54.55
CA ASP B 121 -0.23 -27.96 -55.89
C ASP B 121 0.01 -29.46 -55.97
N SER B 122 1.00 -29.96 -55.22
CA SER B 122 1.30 -31.40 -55.20
C SER B 122 2.05 -31.66 -53.90
N GLY B 123 1.35 -32.17 -52.89
CA GLY B 123 1.96 -32.41 -51.59
C GLY B 123 2.45 -31.18 -50.86
N GLU B 124 1.84 -30.02 -51.13
CA GLU B 124 2.26 -28.76 -50.52
C GLU B 124 1.06 -28.09 -49.87
N THR B 125 1.18 -27.81 -48.58
CA THR B 125 0.09 -27.21 -47.83
C THR B 125 -0.08 -25.74 -48.21
N VAL B 126 -1.19 -25.17 -47.72
CA VAL B 126 -1.57 -23.80 -48.07
C VAL B 126 -1.42 -22.92 -46.84
N GLU B 127 -0.85 -21.73 -47.05
CA GLU B 127 -0.59 -20.78 -45.99
C GLU B 127 -0.74 -19.37 -46.54
N PHE B 128 -1.14 -18.46 -45.66
CA PHE B 128 -1.15 -17.04 -46.05
C PHE B 128 -1.07 -16.17 -44.81
N GLU B 129 -0.49 -14.99 -44.98
CA GLU B 129 -0.47 -13.98 -43.94
C GLU B 129 -1.74 -13.13 -44.03
N SER B 130 -1.99 -12.39 -42.96
CA SER B 130 -3.11 -11.45 -42.90
C SER B 130 -2.58 -10.10 -42.42
N TYR B 131 -2.04 -9.33 -43.36
CA TYR B 131 -1.60 -7.98 -43.06
C TYR B 131 -2.79 -7.07 -42.82
N VAL B 132 -2.62 -6.10 -41.92
CA VAL B 132 -3.65 -5.09 -41.73
C VAL B 132 -3.70 -4.19 -42.96
N ILE B 133 -4.89 -3.68 -43.26
CA ILE B 133 -5.05 -2.77 -44.38
C ILE B 133 -4.52 -1.41 -43.97
N PRO B 134 -3.55 -0.85 -44.68
CA PRO B 134 -3.13 0.53 -44.41
C PRO B 134 -4.25 1.50 -44.75
N ASP B 135 -4.31 2.59 -43.99
CA ASP B 135 -5.48 3.46 -44.00
C ASP B 135 -5.66 4.21 -45.32
N GLU B 136 -4.60 4.37 -46.10
CA GLU B 136 -4.72 4.91 -47.45
C GLU B 136 -5.14 3.86 -48.47
N LEU B 137 -5.35 2.61 -48.04
CA LEU B 137 -5.78 1.54 -48.92
C LEU B 137 -7.16 1.03 -48.54
N LEU B 138 -7.98 1.89 -47.94
CA LEU B 138 -9.32 1.50 -47.53
C LEU B 138 -10.31 1.74 -48.67
N GLU B 139 -11.57 1.43 -48.40
CA GLU B 139 -12.66 1.70 -49.32
C GLU B 139 -13.93 1.91 -48.51
N GLU B 140 -14.81 2.75 -49.03
CA GLU B 140 -16.05 3.13 -48.34
C GLU B 140 -16.97 1.93 -48.15
N GLY B 141 -17.02 1.43 -46.92
CA GLY B 141 -17.71 0.18 -46.63
C GLY B 141 -16.86 -0.70 -45.75
N GLN B 142 -15.54 -0.54 -45.84
CA GLN B 142 -14.61 -1.35 -45.08
C GLN B 142 -14.09 -0.57 -43.88
N LEU B 143 -13.81 -1.30 -42.80
CA LEU B 143 -13.53 -0.71 -41.51
C LEU B 143 -12.04 -0.55 -41.28
N ARG B 144 -11.69 0.46 -40.49
CA ARG B 144 -10.30 0.71 -40.12
C ARG B 144 -9.92 -0.16 -38.95
N LEU B 145 -8.69 -0.67 -38.99
CA LEU B 145 -8.00 -1.41 -37.92
C LEU B 145 -8.67 -2.75 -37.58
N LEU B 146 -9.60 -3.23 -38.41
CA LEU B 146 -10.15 -4.56 -38.23
C LEU B 146 -10.31 -5.33 -39.53
N ASP B 147 -9.91 -4.76 -40.66
CA ASP B 147 -10.01 -5.43 -41.95
C ASP B 147 -8.61 -5.76 -42.44
N THR B 148 -8.49 -6.89 -43.12
CA THR B 148 -7.20 -7.36 -43.59
C THR B 148 -7.25 -7.61 -45.09
N ASP B 149 -6.09 -7.88 -45.66
CA ASP B 149 -6.02 -8.18 -47.08
C ASP B 149 -6.52 -9.58 -47.38
N THR B 150 -6.10 -10.57 -46.59
CA THR B 150 -6.47 -11.96 -46.79
C THR B 150 -7.35 -12.40 -45.63
N SER B 151 -8.66 -12.44 -45.87
CA SER B 151 -9.61 -12.85 -44.85
C SER B 151 -9.55 -14.36 -44.66
N MET B 152 -9.24 -14.80 -43.44
CA MET B 152 -9.16 -16.23 -43.15
C MET B 152 -10.55 -16.85 -43.20
N VAL B 153 -10.66 -18.02 -43.84
CA VAL B 153 -11.94 -18.69 -44.06
C VAL B 153 -11.98 -19.96 -43.22
N VAL B 154 -13.10 -20.16 -42.52
CA VAL B 154 -13.29 -21.32 -41.67
C VAL B 154 -14.62 -21.99 -42.02
N PRO B 155 -14.64 -23.31 -42.19
CA PRO B 155 -15.91 -24.01 -42.45
C PRO B 155 -16.78 -24.08 -41.21
N VAL B 156 -18.08 -24.04 -41.45
CA VAL B 156 -19.08 -24.01 -40.39
C VAL B 156 -19.32 -25.41 -39.85
N ASP B 157 -19.42 -25.53 -38.51
CA ASP B 157 -19.99 -26.68 -37.81
C ASP B 157 -19.13 -27.94 -37.95
N THR B 158 -17.85 -27.80 -37.66
CA THR B 158 -16.96 -28.92 -37.44
C THR B 158 -15.93 -28.46 -36.42
N HIS B 159 -15.65 -29.32 -35.43
CA HIS B 159 -14.83 -28.97 -34.28
C HIS B 159 -13.41 -28.68 -34.73
N ILE B 160 -13.08 -27.40 -34.80
CA ILE B 160 -11.82 -26.93 -35.37
C ILE B 160 -10.86 -26.60 -34.23
N ARG B 161 -9.64 -27.12 -34.33
CA ARG B 161 -8.63 -26.99 -33.28
C ARG B 161 -7.61 -25.96 -33.73
N PHE B 162 -7.71 -24.76 -33.18
CA PHE B 162 -6.72 -23.73 -33.43
C PHE B 162 -5.47 -24.02 -32.61
N VAL B 163 -4.35 -24.19 -33.28
CA VAL B 163 -3.05 -24.28 -32.63
C VAL B 163 -2.28 -23.02 -32.99
N VAL B 164 -1.85 -22.28 -31.98
CA VAL B 164 -1.13 -21.04 -32.20
C VAL B 164 0.24 -21.12 -31.53
N THR B 165 1.18 -20.39 -32.12
CA THR B 165 2.54 -20.28 -31.63
C THR B 165 3.04 -18.90 -32.01
N ALA B 166 3.91 -18.32 -31.19
CA ALA B 166 4.55 -17.09 -31.59
C ALA B 166 5.73 -17.38 -32.51
N ALA B 167 6.31 -16.32 -33.06
CA ALA B 167 7.49 -16.44 -33.89
C ALA B 167 8.68 -15.67 -33.33
N ASP B 168 8.46 -14.43 -32.90
CA ASP B 168 9.54 -13.59 -32.44
C ASP B 168 9.25 -13.05 -31.04
N VAL B 169 7.98 -12.85 -30.74
CA VAL B 169 7.54 -12.14 -29.55
C VAL B 169 6.16 -12.67 -29.18
N ILE B 170 5.88 -12.74 -27.87
CA ILE B 170 4.62 -13.26 -27.34
C ILE B 170 3.44 -12.48 -27.89
N HIS B 171 2.51 -13.19 -28.53
CA HIS B 171 1.28 -12.59 -29.06
C HIS B 171 0.08 -13.21 -28.37
N ASP B 172 -1.10 -12.87 -28.86
CA ASP B 172 -2.34 -13.41 -28.30
C ASP B 172 -3.35 -13.56 -29.44
N PHE B 173 -3.62 -14.81 -29.82
CA PHE B 173 -4.70 -15.08 -30.76
C PHE B 173 -6.02 -14.88 -30.04
N ALA B 174 -6.75 -13.83 -30.40
CA ALA B 174 -7.87 -13.39 -29.57
C ALA B 174 -9.06 -13.02 -30.44
N ILE B 175 -10.10 -13.85 -30.41
CA ILE B 175 -11.40 -13.54 -31.00
C ILE B 175 -12.43 -13.63 -29.89
N PRO B 176 -13.03 -12.52 -29.46
CA PRO B 176 -14.04 -12.61 -28.40
C PRO B 176 -15.38 -13.11 -28.89
N SER B 177 -15.64 -13.06 -30.19
CA SER B 177 -16.89 -13.56 -30.72
C SER B 177 -16.92 -15.08 -30.71
N LEU B 178 -15.82 -15.72 -31.09
CA LEU B 178 -15.66 -17.15 -30.96
C LEU B 178 -15.22 -17.56 -29.56
N GLY B 179 -15.10 -16.62 -28.64
CA GLY B 179 -14.82 -16.94 -27.25
C GLY B 179 -13.44 -17.46 -26.97
N ILE B 180 -12.47 -17.21 -27.84
CA ILE B 180 -11.13 -17.72 -27.62
C ILE B 180 -10.17 -16.56 -27.42
N LYS B 181 -9.22 -16.75 -26.52
CA LYS B 181 -8.15 -15.78 -26.28
C LYS B 181 -7.00 -16.60 -25.72
N VAL B 182 -6.00 -16.87 -26.55
CA VAL B 182 -4.96 -17.84 -26.21
C VAL B 182 -3.61 -17.23 -26.54
N ASP B 183 -2.73 -17.17 -25.55
CA ASP B 183 -1.42 -16.58 -25.73
C ASP B 183 -0.54 -17.46 -26.60
N ALA B 184 0.51 -16.86 -27.13
CA ALA B 184 1.47 -17.54 -28.00
C ALA B 184 2.85 -17.11 -27.57
N THR B 185 3.62 -18.04 -27.05
CA THR B 185 5.01 -17.87 -26.74
C THR B 185 5.85 -18.60 -27.79
N PRO B 186 7.04 -18.09 -28.12
CA PRO B 186 7.86 -18.75 -29.15
C PRO B 186 8.38 -20.12 -28.75
N GLY B 187 8.43 -20.44 -27.47
CA GLY B 187 8.89 -21.73 -27.01
C GLY B 187 7.95 -22.88 -27.35
N ARG B 188 6.70 -22.78 -26.90
CA ARG B 188 5.75 -23.86 -27.04
C ARG B 188 4.45 -23.35 -27.65
N LEU B 189 3.72 -24.28 -28.28
CA LEU B 189 2.46 -23.96 -28.94
C LEU B 189 1.33 -23.95 -27.91
N ASN B 190 0.10 -23.81 -28.39
CA ASN B 190 -1.09 -23.87 -27.55
C ASN B 190 -2.29 -24.16 -28.43
N GLN B 191 -3.09 -25.15 -28.05
CA GLN B 191 -4.22 -25.58 -28.87
C GLN B 191 -5.52 -25.44 -28.11
N VAL B 192 -6.59 -25.15 -28.84
CA VAL B 192 -7.91 -24.92 -28.27
C VAL B 192 -8.96 -25.20 -29.35
N SER B 193 -10.02 -25.89 -28.98
CA SER B 193 -11.06 -26.27 -29.93
C SER B 193 -12.24 -25.32 -29.87
N ALA B 194 -12.93 -25.20 -31.00
CA ALA B 194 -14.17 -24.42 -31.07
C ALA B 194 -15.04 -25.00 -32.16
N LEU B 195 -16.28 -24.51 -32.25
CA LEU B 195 -17.22 -24.95 -33.27
C LEU B 195 -18.14 -23.79 -33.60
N ILE B 196 -18.00 -23.23 -34.79
CA ILE B 196 -18.83 -22.09 -35.18
C ILE B 196 -20.17 -22.60 -35.67
N GLN B 197 -21.22 -21.84 -35.36
CA GLN B 197 -22.59 -22.30 -35.58
C GLN B 197 -23.36 -21.49 -36.60
N ARG B 198 -22.76 -20.46 -37.19
CA ARG B 198 -23.45 -19.68 -38.21
C ARG B 198 -22.41 -19.03 -39.11
N GLU B 199 -22.81 -18.78 -40.36
CA GLU B 199 -21.95 -18.08 -41.30
C GLU B 199 -21.81 -16.62 -40.88
N GLY B 200 -20.59 -16.16 -40.73
CA GLY B 200 -20.40 -14.80 -40.22
C GLY B 200 -18.95 -14.40 -40.19
N VAL B 201 -18.75 -13.09 -40.10
CA VAL B 201 -17.43 -12.48 -40.04
C VAL B 201 -17.17 -12.06 -38.60
N PHE B 202 -16.08 -12.58 -38.03
CA PHE B 202 -15.73 -12.32 -36.65
C PHE B 202 -14.33 -11.73 -36.61
N TYR B 203 -14.20 -10.59 -35.94
CA TYR B 203 -12.94 -9.87 -35.91
C TYR B 203 -12.23 -10.12 -34.59
N GLY B 204 -10.93 -9.87 -34.61
CA GLY B 204 -10.13 -9.93 -33.40
C GLY B 204 -8.85 -9.15 -33.59
N ALA B 205 -8.04 -9.14 -32.53
CA ALA B 205 -6.75 -8.48 -32.57
C ALA B 205 -5.80 -9.20 -31.63
N CYS B 206 -4.51 -8.92 -31.78
CA CYS B 206 -3.51 -9.43 -30.87
C CYS B 206 -3.71 -8.78 -29.51
N SER B 207 -4.27 -9.50 -28.55
CA SER B 207 -4.57 -8.92 -27.24
C SER B 207 -3.43 -9.20 -26.26
N GLU B 208 -2.24 -8.76 -26.66
CA GLU B 208 -1.04 -8.79 -25.85
C GLU B 208 -0.14 -7.73 -26.45
N LEU B 209 0.80 -7.25 -25.65
CA LEU B 209 1.70 -6.23 -26.15
C LEU B 209 2.65 -6.85 -27.18
N CYS B 210 2.91 -6.09 -28.24
CA CYS B 210 3.64 -6.61 -29.39
C CYS B 210 4.63 -5.58 -29.92
N GLY B 211 5.08 -4.67 -29.07
CA GLY B 211 5.83 -3.54 -29.57
C GLY B 211 4.89 -2.49 -30.14
N THR B 212 5.42 -1.69 -31.06
CA THR B 212 4.62 -0.62 -31.65
C THR B 212 3.61 -1.13 -32.65
N GLY B 213 3.78 -2.34 -33.17
CA GLY B 213 2.80 -2.91 -34.07
C GLY B 213 1.82 -3.83 -33.37
N HIS B 214 1.13 -3.31 -32.36
CA HIS B 214 0.26 -4.12 -31.52
C HIS B 214 -1.22 -3.95 -31.79
N ALA B 215 -1.68 -2.73 -32.07
CA ALA B 215 -3.08 -2.53 -32.40
C ALA B 215 -3.40 -3.04 -33.80
N ASN B 216 -2.53 -2.72 -34.76
CA ASN B 216 -2.76 -3.06 -36.17
C ASN B 216 -2.32 -4.50 -36.41
N MET B 217 -3.13 -5.42 -35.92
CA MET B 217 -2.88 -6.85 -36.10
C MET B 217 -4.20 -7.61 -35.99
N PRO B 218 -5.05 -7.54 -37.00
CA PRO B 218 -6.40 -8.08 -36.88
C PRO B 218 -6.48 -9.54 -37.28
N ILE B 219 -7.51 -10.20 -36.76
CA ILE B 219 -7.79 -11.59 -37.06
C ILE B 219 -9.19 -11.64 -37.65
N LYS B 220 -9.28 -11.95 -38.94
CA LYS B 220 -10.53 -11.88 -39.68
C LYS B 220 -10.97 -13.30 -40.00
N ILE B 221 -11.97 -13.80 -39.27
CA ILE B 221 -12.42 -15.19 -39.40
C ILE B 221 -13.81 -15.19 -40.02
N GLU B 222 -13.95 -15.78 -41.19
CA GLU B 222 -15.22 -15.83 -41.89
C GLU B 222 -15.66 -17.28 -41.95
N ALA B 223 -16.66 -17.63 -41.15
CA ALA B 223 -17.24 -18.95 -41.15
C ALA B 223 -18.25 -19.03 -42.27
N VAL B 224 -17.91 -19.77 -43.32
CA VAL B 224 -18.77 -19.93 -44.48
C VAL B 224 -19.13 -21.40 -44.60
N SER B 225 -20.20 -21.67 -45.35
CA SER B 225 -20.71 -23.03 -45.50
C SER B 225 -19.74 -23.89 -46.29
N LEU B 226 -19.84 -25.20 -46.08
CA LEU B 226 -18.84 -26.12 -46.59
C LEU B 226 -18.77 -26.25 -48.12
N PRO B 227 -19.86 -26.15 -48.91
CA PRO B 227 -19.65 -25.99 -50.36
C PRO B 227 -18.90 -24.73 -50.73
N LYS B 228 -19.25 -23.59 -50.13
CA LYS B 228 -18.52 -22.35 -50.36
C LYS B 228 -17.11 -22.43 -49.78
N PHE B 229 -16.94 -23.16 -48.67
CA PHE B 229 -15.61 -23.34 -48.09
C PHE B 229 -14.70 -24.15 -49.01
N LEU B 230 -15.22 -25.24 -49.58
CA LEU B 230 -14.42 -26.03 -50.51
C LEU B 230 -14.16 -25.29 -51.81
N GLU B 231 -15.12 -24.47 -52.26
CA GLU B 231 -14.90 -23.62 -53.42
C GLU B 231 -13.78 -22.62 -53.17
N TRP B 232 -13.77 -22.00 -51.99
CA TRP B 232 -12.70 -21.07 -51.67
C TRP B 232 -11.37 -21.78 -51.46
N LEU B 233 -11.38 -23.01 -50.97
CA LEU B 233 -10.14 -23.75 -50.80
C LEU B 233 -9.55 -24.18 -52.14
N ASN B 234 -10.41 -24.53 -53.09
CA ASN B 234 -9.92 -24.85 -54.43
C ASN B 234 -9.43 -23.59 -55.15
N GLU B 235 -10.14 -22.48 -54.98
CA GLU B 235 -9.75 -21.24 -55.65
C GLU B 235 -8.70 -20.45 -54.88
N GLN B 236 -8.23 -20.94 -53.74
CA GLN B 236 -7.15 -20.29 -53.02
C GLN B 236 -5.81 -20.78 -53.52
N MET C 1 19.48 4.54 41.61
CA MET C 1 20.35 5.69 41.81
C MET C 1 19.54 6.93 42.11
N THR C 2 20.24 8.04 42.33
CA THR C 2 19.58 9.30 42.60
C THR C 2 18.91 9.82 41.34
N HIS C 3 17.83 10.60 41.55
CA HIS C 3 17.00 11.04 40.44
C HIS C 3 17.71 12.07 39.58
N LEU C 4 18.53 12.93 40.19
CA LEU C 4 19.25 13.97 39.46
C LEU C 4 20.25 13.36 38.48
N GLU C 5 20.95 12.31 38.89
CA GLU C 5 21.86 11.63 37.98
C GLU C 5 21.08 10.87 36.91
N ARG C 6 19.95 10.27 37.30
CA ARG C 6 19.17 9.46 36.37
C ARG C 6 18.55 10.29 35.27
N SER C 7 18.28 11.57 35.54
CA SER C 7 17.82 12.45 34.48
C SER C 7 18.89 12.76 33.45
N ARG C 8 20.17 12.58 33.78
CA ARG C 8 21.27 12.95 32.91
C ARG C 8 21.67 11.86 31.94
N HIS C 9 20.77 10.94 31.60
CA HIS C 9 21.09 9.87 30.67
C HIS C 9 19.89 9.68 29.74
N GLN C 10 20.01 8.71 28.84
CA GLN C 10 19.14 8.65 27.65
C GLN C 10 17.72 8.18 27.94
N GLN C 11 17.44 7.66 29.14
CA GLN C 11 16.09 7.35 29.65
C GLN C 11 15.39 6.20 28.92
N HIS C 12 15.97 5.70 27.84
CA HIS C 12 15.40 4.63 27.05
C HIS C 12 16.54 3.96 26.29
N PRO C 13 16.49 2.64 26.08
CA PRO C 13 17.69 1.92 25.63
C PRO C 13 18.07 2.15 24.17
N PHE C 14 17.20 2.74 23.36
CA PHE C 14 17.40 2.69 21.93
C PHE C 14 18.38 3.77 21.48
N HIS C 15 19.04 3.50 20.35
CA HIS C 15 20.13 4.34 19.89
C HIS C 15 19.60 5.59 19.22
N MET C 16 20.02 6.75 19.71
CA MET C 16 19.69 8.03 19.09
C MET C 16 20.92 8.49 18.32
N VAL C 17 21.01 8.04 17.08
CA VAL C 17 22.20 8.24 16.27
C VAL C 17 22.23 9.69 15.77
N MET C 18 23.43 10.27 15.76
CA MET C 18 23.63 11.60 15.22
C MET C 18 23.41 11.59 13.71
N PRO C 19 23.17 12.75 13.10
CA PRO C 19 23.10 12.81 11.63
C PRO C 19 24.41 12.38 10.99
N SER C 20 24.30 11.81 9.79
CA SER C 20 25.41 11.20 9.09
C SER C 20 25.18 11.33 7.59
N PRO C 21 26.25 11.46 6.80
CA PRO C 21 26.08 11.65 5.36
C PRO C 21 26.06 10.36 4.54
N TRP C 22 26.41 9.23 5.15
CA TRP C 22 26.53 8.00 4.37
C TRP C 22 25.26 7.50 3.70
N PRO C 23 24.01 7.77 4.20
CA PRO C 23 22.84 7.56 3.34
C PRO C 23 22.87 8.20 1.97
N ILE C 24 23.01 9.53 1.89
CA ILE C 24 22.95 10.15 0.57
C ILE C 24 24.23 9.88 -0.21
N VAL C 25 25.35 9.62 0.46
CA VAL C 25 26.55 9.36 -0.33
C VAL C 25 26.52 7.95 -0.94
N VAL C 26 26.07 6.95 -0.16
CA VAL C 26 25.85 5.62 -0.71
C VAL C 26 24.79 5.64 -1.79
N SER C 27 23.78 6.50 -1.63
CA SER C 27 22.72 6.59 -2.64
C SER C 27 23.22 7.20 -3.94
N PHE C 28 24.02 8.26 -3.86
CA PHE C 28 24.57 8.85 -5.09
C PHE C 28 25.58 7.93 -5.75
N ALA C 29 26.32 7.16 -4.95
CA ALA C 29 27.22 6.16 -5.52
C ALA C 29 26.43 5.07 -6.23
N LEU C 30 25.28 4.68 -5.69
CA LEU C 30 24.47 3.64 -6.32
C LEU C 30 23.83 4.15 -7.60
N LEU C 31 23.42 5.43 -7.60
CA LEU C 31 22.91 6.06 -8.81
C LEU C 31 23.98 6.12 -9.89
N SER C 32 25.18 6.56 -9.53
CA SER C 32 26.27 6.66 -10.50
C SER C 32 26.66 5.29 -11.03
N LEU C 33 26.62 4.26 -10.19
CA LEU C 33 26.94 2.92 -10.63
C LEU C 33 25.91 2.39 -11.62
N ALA C 34 24.62 2.55 -11.30
CA ALA C 34 23.56 2.03 -12.18
C ALA C 34 23.52 2.78 -13.50
N LEU C 35 23.62 4.12 -13.45
CA LEU C 35 23.63 4.93 -14.65
C LEU C 35 24.86 4.65 -15.50
N SER C 36 26.03 4.46 -14.87
CA SER C 36 27.25 4.24 -15.62
C SER C 36 27.27 2.86 -16.25
N THR C 37 26.79 1.82 -15.55
CA THR C 37 26.80 0.52 -16.17
C THR C 37 25.72 0.41 -17.24
N ALA C 38 24.61 1.15 -17.11
CA ALA C 38 23.62 1.13 -18.16
C ALA C 38 24.09 1.90 -19.39
N LEU C 39 24.90 2.93 -19.20
CA LEU C 39 25.49 3.58 -20.37
C LEU C 39 26.59 2.73 -20.99
N THR C 40 27.38 2.04 -20.16
CA THR C 40 28.56 1.36 -20.66
C THR C 40 28.20 0.06 -21.37
N MET C 41 27.20 -0.65 -20.89
CA MET C 41 26.82 -1.90 -21.53
C MET C 41 26.02 -1.70 -22.81
N HIS C 42 25.78 -0.48 -23.25
CA HIS C 42 25.12 -0.23 -24.52
C HIS C 42 25.98 0.65 -25.43
N GLY C 43 27.29 0.63 -25.21
CA GLY C 43 28.21 1.28 -26.12
C GLY C 43 28.21 2.79 -26.08
N TYR C 44 27.79 3.40 -24.97
CA TYR C 44 27.89 4.84 -24.84
C TYR C 44 29.14 5.26 -24.08
N ILE C 45 29.69 4.38 -23.24
CA ILE C 45 30.92 4.62 -22.52
C ILE C 45 31.91 3.56 -22.97
N GLY C 46 32.92 3.97 -23.73
CA GLY C 46 33.86 3.02 -24.29
C GLY C 46 34.78 2.40 -23.27
N ASN C 47 35.63 3.23 -22.65
CA ASN C 47 36.57 2.75 -21.65
C ASN C 47 35.83 2.52 -20.34
N MET C 48 35.80 1.26 -19.88
CA MET C 48 35.12 0.90 -18.63
C MET C 48 35.96 1.44 -17.48
N ASN C 49 35.69 2.69 -17.12
CA ASN C 49 36.41 3.35 -16.05
C ASN C 49 35.42 3.90 -15.03
N MET C 50 34.28 4.38 -15.50
CA MET C 50 33.31 5.00 -14.61
C MET C 50 32.61 3.98 -13.74
N VAL C 51 32.39 2.78 -14.26
CA VAL C 51 31.80 1.71 -13.47
C VAL C 51 32.72 1.31 -12.33
N TYR C 52 34.02 1.21 -12.62
CA TYR C 52 34.98 0.90 -11.57
C TYR C 52 35.13 2.03 -10.56
N LEU C 53 35.04 3.29 -11.02
CA LEU C 53 35.12 4.40 -10.09
C LEU C 53 33.91 4.48 -9.17
N ALA C 54 32.71 4.27 -9.72
CA ALA C 54 31.52 4.31 -8.89
C ALA C 54 31.45 3.10 -7.97
N LEU C 55 31.93 1.94 -8.42
CA LEU C 55 31.98 0.76 -7.56
C LEU C 55 32.96 0.98 -6.42
N PHE C 56 34.10 1.61 -6.70
CA PHE C 56 35.06 1.91 -5.64
C PHE C 56 34.51 2.93 -4.65
N VAL C 57 33.77 3.93 -5.14
CA VAL C 57 33.29 4.94 -4.20
C VAL C 57 32.13 4.38 -3.38
N LEU C 58 31.36 3.44 -3.93
CA LEU C 58 30.33 2.80 -3.13
C LEU C 58 30.94 1.88 -2.09
N LEU C 59 32.04 1.19 -2.45
CA LEU C 59 32.72 0.33 -1.48
C LEU C 59 33.35 1.16 -0.37
N THR C 60 33.94 2.31 -0.72
CA THR C 60 34.54 3.16 0.28
C THR C 60 33.49 3.81 1.17
N SER C 61 32.31 4.12 0.61
CA SER C 61 31.26 4.71 1.43
C SER C 61 30.64 3.68 2.37
N SER C 62 30.47 2.43 1.92
CA SER C 62 30.02 1.39 2.84
C SER C 62 31.07 1.08 3.91
N ILE C 63 32.36 1.18 3.56
CA ILE C 63 33.41 0.97 4.56
C ILE C 63 33.39 2.08 5.60
N LEU C 64 33.19 3.33 5.17
CA LEU C 64 33.09 4.42 6.13
C LEU C 64 31.84 4.30 7.00
N TRP C 65 30.74 3.81 6.42
CA TRP C 65 29.54 3.54 7.20
C TRP C 65 29.79 2.48 8.26
N PHE C 66 30.53 1.42 7.90
CA PHE C 66 30.80 0.38 8.87
C PHE C 66 31.81 0.83 9.92
N ARG C 67 32.73 1.71 9.55
CA ARG C 67 33.63 2.29 10.54
C ARG C 67 32.86 3.18 11.51
N ASP C 68 31.85 3.88 11.03
CA ASP C 68 31.03 4.70 11.91
C ASP C 68 30.19 3.85 12.86
N ILE C 69 29.62 2.75 12.36
CA ILE C 69 28.81 1.96 13.28
C ILE C 69 29.68 1.16 14.25
N VAL C 70 30.91 0.79 13.86
CA VAL C 70 31.82 0.12 14.78
C VAL C 70 32.30 1.11 15.85
N ALA C 71 32.58 2.35 15.45
CA ALA C 71 32.97 3.36 16.41
C ALA C 71 31.82 3.70 17.36
N GLU C 72 30.59 3.71 16.87
CA GLU C 72 29.45 3.91 17.75
C GLU C 72 29.22 2.71 18.65
N ALA C 73 29.63 1.51 18.21
CA ALA C 73 29.40 0.33 19.03
C ALA C 73 30.40 0.23 20.17
N THR C 74 31.68 0.39 19.88
CA THR C 74 32.71 0.10 20.87
C THR C 74 33.42 1.33 21.41
N TYR C 75 33.20 2.51 20.84
CA TYR C 75 33.84 3.72 21.34
C TYR C 75 32.86 4.68 21.99
N LEU C 76 31.79 5.02 21.28
CA LEU C 76 30.75 5.84 21.91
C LEU C 76 29.96 5.02 22.91
N GLY C 77 29.63 3.78 22.57
CA GLY C 77 29.02 2.88 23.52
C GLY C 77 27.57 3.18 23.82
N ASP C 78 26.77 3.35 22.77
CA ASP C 78 25.33 3.44 22.91
C ASP C 78 24.64 2.14 22.50
N HIS C 79 25.40 1.07 22.37
CA HIS C 79 24.84 -0.23 21.99
C HIS C 79 24.44 -0.97 23.24
N THR C 80 23.17 -0.83 23.60
CA THR C 80 22.62 -1.47 24.79
C THR C 80 22.19 -2.89 24.46
N MET C 81 21.46 -3.52 25.38
CA MET C 81 20.94 -4.87 25.15
C MET C 81 19.85 -4.86 24.09
N ALA C 82 18.95 -3.88 24.15
CA ALA C 82 17.83 -3.82 23.22
C ALA C 82 18.30 -3.54 21.79
N VAL C 83 19.33 -2.70 21.64
CA VAL C 83 19.84 -2.45 20.30
C VAL C 83 20.64 -3.66 19.80
N ARG C 84 21.25 -4.42 20.70
CA ARG C 84 21.91 -5.67 20.31
C ARG C 84 20.90 -6.66 19.76
N LYS C 85 19.78 -6.83 20.48
CA LYS C 85 18.72 -7.70 20.02
C LYS C 85 18.14 -7.21 18.70
N GLY C 86 18.03 -5.89 18.54
CA GLY C 86 17.49 -5.33 17.31
C GLY C 86 18.39 -5.57 16.12
N ILE C 87 19.69 -5.37 16.29
CA ILE C 87 20.57 -5.55 15.14
C ILE C 87 20.76 -7.04 14.83
N ASN C 88 20.60 -7.91 15.83
CA ASN C 88 20.61 -9.34 15.57
C ASN C 88 19.39 -9.76 14.76
N LEU C 89 18.21 -9.25 15.14
CA LEU C 89 16.99 -9.58 14.40
C LEU C 89 17.02 -9.00 12.99
N GLY C 90 17.62 -7.82 12.83
CA GLY C 90 17.74 -7.23 11.51
C GLY C 90 18.62 -8.03 10.59
N PHE C 91 19.76 -8.51 11.11
CA PHE C 91 20.61 -9.35 10.26
C PHE C 91 19.93 -10.68 9.94
N LEU C 92 19.16 -11.23 10.87
CA LEU C 92 18.47 -12.48 10.59
C LEU C 92 17.45 -12.32 9.47
N MET C 93 16.74 -11.19 9.46
CA MET C 93 15.79 -10.95 8.36
C MET C 93 16.51 -10.69 7.03
N PHE C 94 17.69 -10.06 7.07
CA PHE C 94 18.46 -9.89 5.84
C PHE C 94 18.93 -11.24 5.29
N VAL C 95 19.33 -12.15 6.17
CA VAL C 95 19.76 -13.47 5.73
C VAL C 95 18.58 -14.26 5.17
N LEU C 96 17.37 -14.05 5.72
CA LEU C 96 16.17 -14.64 5.14
C LEU C 96 15.93 -14.11 3.73
N SER C 97 16.20 -12.82 3.50
CA SER C 97 16.03 -12.25 2.16
C SER C 97 17.00 -12.86 1.15
N GLU C 98 18.27 -13.03 1.54
CA GLU C 98 19.23 -13.61 0.58
C GLU C 98 18.97 -15.08 0.30
N VAL C 99 18.56 -15.83 1.34
CA VAL C 99 18.15 -17.22 1.16
C VAL C 99 16.96 -17.30 0.23
N LEU C 100 16.05 -16.32 0.31
CA LEU C 100 14.92 -16.28 -0.61
C LEU C 100 15.35 -15.97 -2.04
N ILE C 101 16.40 -15.16 -2.24
CA ILE C 101 16.92 -14.94 -3.59
C ILE C 101 17.41 -16.26 -4.19
N PHE C 102 18.20 -17.01 -3.42
CA PHE C 102 18.70 -18.28 -3.94
C PHE C 102 17.61 -19.32 -4.09
N ALA C 103 16.56 -19.25 -3.28
CA ALA C 103 15.43 -20.15 -3.45
C ALA C 103 14.60 -19.78 -4.67
N GLY C 104 14.56 -18.50 -5.02
CA GLY C 104 13.93 -18.10 -6.27
C GLY C 104 14.66 -18.64 -7.48
N LEU C 105 16.00 -18.60 -7.44
CA LEU C 105 16.78 -19.21 -8.52
C LEU C 105 16.59 -20.73 -8.57
N PHE C 106 16.51 -21.38 -7.41
CA PHE C 106 16.26 -22.82 -7.35
C PHE C 106 14.91 -23.19 -7.94
N TRP C 107 13.88 -22.41 -7.62
CA TRP C 107 12.55 -22.70 -8.17
C TRP C 107 12.49 -22.42 -9.66
N ALA C 108 13.26 -21.43 -10.14
CA ALA C 108 13.37 -21.20 -11.58
C ALA C 108 13.98 -22.41 -12.28
N TYR C 109 15.10 -22.92 -11.74
CA TYR C 109 15.73 -24.10 -12.31
C TYR C 109 14.83 -25.34 -12.21
N PHE C 110 14.07 -25.44 -11.13
CA PHE C 110 13.17 -26.59 -10.96
C PHE C 110 12.05 -26.56 -11.98
N HIS C 111 11.40 -25.41 -12.16
CA HIS C 111 10.36 -25.33 -13.19
C HIS C 111 10.91 -25.38 -14.61
N SER C 112 12.22 -25.16 -14.79
CA SER C 112 12.80 -25.41 -16.10
C SER C 112 13.07 -26.89 -16.33
N ALA C 113 13.65 -27.59 -15.35
CA ALA C 113 14.24 -28.90 -15.60
C ALA C 113 13.39 -30.07 -15.11
N MET C 114 12.63 -29.92 -14.03
CA MET C 114 11.76 -31.01 -13.59
C MET C 114 10.55 -31.17 -14.50
N SER C 115 10.19 -30.14 -15.26
CA SER C 115 9.10 -30.21 -16.24
C SER C 115 9.59 -29.75 -17.61
N PRO C 116 10.41 -30.55 -18.30
CA PRO C 116 10.72 -30.24 -19.70
C PRO C 116 9.74 -30.92 -20.64
N ASP C 117 9.98 -30.83 -21.94
CA ASP C 117 9.29 -31.70 -22.88
C ASP C 117 9.65 -33.16 -22.61
N VAL C 118 8.63 -34.01 -22.51
CA VAL C 118 8.86 -35.38 -22.06
C VAL C 118 9.50 -36.20 -23.18
N THR C 119 10.15 -37.30 -22.79
CA THR C 119 10.95 -38.10 -23.69
C THR C 119 10.17 -39.22 -24.37
N LEU C 120 9.25 -39.86 -23.64
CA LEU C 120 8.35 -40.95 -24.03
C LEU C 120 9.10 -42.27 -24.30
N GLY C 121 10.43 -42.26 -24.30
CA GLY C 121 11.22 -43.47 -24.48
C GLY C 121 11.97 -43.81 -23.21
N ALA C 122 13.26 -43.50 -23.16
CA ALA C 122 14.07 -43.79 -21.98
C ALA C 122 13.94 -42.66 -20.98
N CYS C 123 13.64 -43.00 -19.72
CA CYS C 123 13.58 -42.03 -18.64
C CYS C 123 14.99 -41.78 -18.09
N TRP C 124 15.06 -41.15 -16.89
CA TRP C 124 16.26 -40.58 -16.28
C TRP C 124 16.87 -39.63 -17.30
N PRO C 125 16.26 -38.46 -17.48
CA PRO C 125 16.23 -37.76 -18.79
C PRO C 125 17.58 -37.35 -19.33
N PRO C 126 18.36 -36.47 -18.62
CA PRO C 126 19.00 -35.30 -19.27
C PRO C 126 19.71 -35.52 -20.61
N VAL C 127 19.15 -34.89 -21.65
CA VAL C 127 19.72 -34.88 -22.99
C VAL C 127 19.95 -33.41 -23.31
N GLY C 128 21.19 -32.95 -23.15
CA GLY C 128 21.50 -31.53 -23.19
C GLY C 128 21.70 -31.02 -21.79
N ILE C 129 22.97 -30.94 -21.37
CA ILE C 129 23.33 -30.68 -19.98
C ILE C 129 24.79 -30.27 -19.99
N GLU C 130 25.25 -29.69 -18.87
CA GLU C 130 26.65 -29.28 -18.75
C GLU C 130 27.58 -30.49 -18.80
N ALA C 131 28.86 -30.21 -19.07
CA ALA C 131 29.80 -31.23 -19.52
C ALA C 131 30.18 -32.20 -18.39
N VAL C 132 31.00 -33.18 -18.75
CA VAL C 132 31.26 -34.32 -17.87
C VAL C 132 32.24 -33.91 -16.77
N GLN C 133 32.23 -34.70 -15.69
CA GLN C 133 33.00 -34.56 -14.46
C GLN C 133 32.87 -33.18 -13.80
N PRO C 134 31.72 -32.85 -13.19
CA PRO C 134 31.65 -31.65 -12.36
C PRO C 134 31.97 -31.95 -10.91
N THR C 135 32.62 -33.09 -10.66
CA THR C 135 32.89 -33.59 -9.33
C THR C 135 34.36 -33.48 -8.96
N GLU C 136 34.61 -33.64 -7.65
CA GLU C 136 35.84 -33.60 -6.86
C GLU C 136 36.39 -32.18 -6.68
N LEU C 137 35.99 -31.27 -7.56
CA LEU C 137 36.27 -29.86 -7.37
C LEU C 137 35.29 -29.27 -6.34
N PRO C 138 34.02 -29.71 -6.28
CA PRO C 138 33.27 -29.49 -5.04
C PRO C 138 33.53 -30.50 -3.95
N LEU C 139 34.19 -31.63 -4.19
CA LEU C 139 34.50 -32.47 -3.04
C LEU C 139 35.69 -31.96 -2.26
N LEU C 140 36.46 -31.01 -2.79
CA LEU C 140 37.30 -30.22 -1.90
C LEU C 140 36.57 -29.00 -1.34
N ASN C 141 35.62 -28.43 -2.08
CA ASN C 141 34.99 -27.18 -1.68
C ASN C 141 33.97 -27.39 -0.56
N THR C 142 33.17 -28.44 -0.64
CA THR C 142 32.22 -28.76 0.41
C THR C 142 32.92 -29.12 1.71
N ILE C 143 34.03 -29.86 1.61
CA ILE C 143 34.70 -30.25 2.84
C ILE C 143 35.46 -29.08 3.45
N ILE C 144 35.95 -28.12 2.64
CA ILE C 144 36.54 -26.96 3.29
C ILE C 144 35.47 -26.02 3.83
N LEU C 145 34.25 -26.01 3.27
CA LEU C 145 33.21 -25.20 3.90
C LEU C 145 32.72 -25.83 5.20
N LEU C 146 32.68 -27.16 5.25
CA LEU C 146 32.38 -27.86 6.49
C LEU C 146 33.44 -27.59 7.55
N SER C 147 34.72 -27.63 7.15
CA SER C 147 35.81 -27.28 8.07
C SER C 147 35.75 -25.83 8.50
N SER C 148 35.29 -24.94 7.62
CA SER C 148 35.12 -23.53 7.96
C SER C 148 34.09 -23.35 9.06
N GLY C 149 32.93 -23.99 8.91
CA GLY C 149 31.91 -23.93 9.95
C GLY C 149 32.38 -24.53 11.26
N ALA C 150 33.13 -25.64 11.17
CA ALA C 150 33.63 -26.31 12.37
C ALA C 150 34.62 -25.43 13.13
N THR C 151 35.60 -24.85 12.42
CA THR C 151 36.56 -24.02 13.13
C THR C 151 35.98 -22.68 13.53
N VAL C 152 34.90 -22.21 12.88
CA VAL C 152 34.26 -20.98 13.31
C VAL C 152 33.54 -21.18 14.65
N THR C 153 32.78 -22.27 14.77
CA THR C 153 32.16 -22.50 16.08
C THR C 153 33.17 -22.94 17.13
N TYR C 154 34.31 -23.52 16.71
CA TYR C 154 35.40 -23.81 17.62
C TYR C 154 35.98 -22.52 18.20
N SER C 155 36.29 -21.55 17.34
CA SER C 155 36.82 -20.28 17.80
C SER C 155 35.78 -19.47 18.57
N HIS C 156 34.48 -19.68 18.28
CA HIS C 156 33.44 -19.01 19.06
C HIS C 156 33.37 -19.56 20.47
N HIS C 157 33.42 -20.89 20.62
CA HIS C 157 33.45 -21.47 21.96
C HIS C 157 34.76 -21.18 22.67
N ALA C 158 35.83 -20.91 21.92
CA ALA C 158 37.06 -20.42 22.54
C ALA C 158 36.91 -18.99 23.03
N LEU C 159 36.20 -18.17 22.25
CA LEU C 159 36.04 -16.76 22.60
C LEU C 159 35.18 -16.57 23.84
N ILE C 160 34.08 -17.33 23.94
CA ILE C 160 33.28 -17.26 25.16
C ILE C 160 34.04 -17.87 26.33
N ALA C 161 34.94 -18.81 26.07
CA ALA C 161 35.80 -19.33 27.13
C ALA C 161 36.81 -18.31 27.61
N GLY C 162 37.15 -17.32 26.80
CA GLY C 162 38.04 -16.26 27.20
C GLY C 162 39.46 -16.43 26.72
N ASN C 163 39.84 -17.61 26.26
CA ASN C 163 41.20 -17.85 25.79
C ASN C 163 41.37 -17.19 24.42
N ARG C 164 42.15 -16.11 24.38
CA ARG C 164 42.26 -15.32 23.16
C ARG C 164 43.14 -15.99 22.12
N ASN C 165 44.26 -16.59 22.56
CA ASN C 165 45.24 -17.17 21.66
C ASN C 165 44.70 -18.35 20.85
N LYS C 166 43.61 -18.97 21.29
CA LYS C 166 42.93 -19.96 20.46
C LYS C 166 42.01 -19.29 19.45
N ALA C 167 41.27 -18.26 19.88
CA ALA C 167 40.22 -17.70 19.05
C ALA C 167 40.78 -16.90 17.89
N LEU C 168 41.88 -16.18 18.11
CA LEU C 168 42.53 -15.46 17.03
C LEU C 168 43.09 -16.41 15.98
N SER C 169 43.68 -17.53 16.42
CA SER C 169 44.27 -18.46 15.47
C SER C 169 43.17 -19.20 14.70
N GLY C 170 42.06 -19.53 15.37
CA GLY C 170 40.93 -20.11 14.66
C GLY C 170 40.31 -19.14 13.67
N LEU C 171 40.29 -17.85 14.02
CA LEU C 171 39.75 -16.85 13.11
C LEU C 171 40.65 -16.67 11.89
N LEU C 172 41.96 -16.68 12.09
CA LEU C 172 42.88 -16.61 10.97
C LEU C 172 42.78 -17.85 10.08
N ILE C 173 42.52 -19.01 10.70
CA ILE C 173 42.35 -20.25 9.94
C ILE C 173 41.11 -20.17 9.06
N THR C 174 39.98 -19.73 9.62
CA THR C 174 38.76 -19.70 8.82
C THR C 174 38.78 -18.58 7.78
N PHE C 175 39.47 -17.47 8.07
CA PHE C 175 39.58 -16.40 7.10
C PHE C 175 40.42 -16.82 5.89
N TRP C 176 41.64 -17.34 6.14
CA TRP C 176 42.47 -17.79 5.03
C TRP C 176 41.86 -19.00 4.33
N LEU C 177 41.08 -19.79 5.05
CA LEU C 177 40.50 -20.99 4.46
C LEU C 177 39.37 -20.63 3.50
N ILE C 178 38.47 -19.73 3.90
CA ILE C 178 37.41 -19.39 2.94
C ILE C 178 37.90 -18.44 1.85
N VAL C 179 39.00 -17.70 2.05
CA VAL C 179 39.47 -16.97 0.87
C VAL C 179 40.24 -17.91 -0.08
N ILE C 180 40.80 -19.00 0.44
CA ILE C 180 41.33 -20.04 -0.43
C ILE C 180 40.18 -20.71 -1.16
N PHE C 181 39.04 -20.87 -0.50
CA PHE C 181 37.83 -21.37 -1.15
C PHE C 181 37.35 -20.44 -2.26
N VAL C 182 37.40 -19.13 -2.02
CA VAL C 182 36.99 -18.14 -3.02
C VAL C 182 37.90 -18.19 -4.24
N THR C 183 39.22 -18.27 -4.01
CA THR C 183 40.15 -18.39 -5.11
C THR C 183 40.00 -19.73 -5.84
N CYS C 184 39.63 -20.79 -5.11
CA CYS C 184 39.42 -22.09 -5.75
C CYS C 184 38.18 -22.08 -6.63
N GLN C 185 37.13 -21.38 -6.21
CA GLN C 185 35.96 -21.22 -7.06
C GLN C 185 36.29 -20.38 -8.29
N TYR C 186 37.11 -19.34 -8.12
CA TYR C 186 37.50 -18.49 -9.25
C TYR C 186 38.31 -19.26 -10.28
N ILE C 187 39.29 -20.04 -9.82
CA ILE C 187 40.09 -20.81 -10.76
C ILE C 187 39.30 -21.97 -11.33
N GLU C 188 38.27 -22.45 -10.61
CA GLU C 188 37.38 -23.47 -11.18
C GLU C 188 36.54 -22.88 -12.30
N TYR C 189 36.13 -21.62 -12.17
CA TYR C 189 35.34 -21.00 -13.23
C TYR C 189 36.20 -20.65 -14.43
N THR C 190 37.47 -20.33 -14.21
CA THR C 190 38.36 -20.07 -15.35
C THR C 190 38.75 -21.38 -16.05
N ASN C 191 39.01 -22.44 -15.29
CA ASN C 191 39.31 -23.75 -15.85
C ASN C 191 38.03 -24.59 -15.86
N ALA C 192 37.08 -24.13 -16.64
CA ALA C 192 35.74 -24.70 -16.69
C ALA C 192 35.64 -25.73 -17.80
N ALA C 193 34.42 -26.17 -18.08
CA ALA C 193 34.15 -27.16 -19.12
C ALA C 193 33.10 -26.71 -20.12
N PHE C 194 32.49 -25.54 -19.93
CA PHE C 194 31.42 -25.03 -20.78
C PHE C 194 31.26 -23.55 -20.45
N THR C 195 30.29 -22.90 -21.09
CA THR C 195 30.07 -21.47 -20.91
C THR C 195 28.59 -21.22 -20.67
N ILE C 196 28.23 -19.95 -20.43
CA ILE C 196 26.94 -19.60 -19.87
C ILE C 196 25.77 -19.78 -20.84
N SER C 197 26.05 -19.94 -22.14
CA SER C 197 24.99 -20.10 -23.12
C SER C 197 24.64 -21.55 -23.41
N ASP C 198 25.18 -22.49 -22.63
CA ASP C 198 24.94 -23.91 -22.85
C ASP C 198 23.68 -24.33 -22.09
N GLY C 199 22.54 -23.80 -22.56
CA GLY C 199 21.26 -24.17 -22.02
C GLY C 199 20.88 -23.40 -20.76
N VAL C 200 19.61 -23.55 -20.41
CA VAL C 200 19.06 -22.92 -19.20
C VAL C 200 19.72 -23.50 -17.95
N TYR C 201 20.08 -24.78 -17.99
CA TYR C 201 20.75 -25.43 -16.85
C TYR C 201 22.10 -24.79 -16.57
N GLY C 202 22.95 -24.68 -17.61
CA GLY C 202 24.24 -24.04 -17.43
C GLY C 202 24.15 -22.57 -17.13
N SER C 203 23.13 -21.90 -17.67
CA SER C 203 22.93 -20.48 -17.41
C SER C 203 22.57 -20.23 -15.95
N VAL C 204 21.62 -21.00 -15.42
CA VAL C 204 21.22 -20.81 -14.03
C VAL C 204 22.29 -21.32 -13.08
N PHE C 205 23.11 -22.30 -13.52
CA PHE C 205 24.22 -22.76 -12.71
C PHE C 205 25.27 -21.66 -12.55
N TYR C 206 25.64 -21.02 -13.65
CA TYR C 206 26.61 -19.94 -13.58
C TYR C 206 26.06 -18.73 -12.84
N ALA C 207 24.77 -18.45 -12.98
CA ALA C 207 24.18 -17.31 -12.26
C ALA C 207 24.17 -17.55 -10.76
N GLY C 208 23.72 -18.73 -10.34
CA GLY C 208 23.71 -19.05 -8.92
C GLY C 208 25.10 -19.11 -8.32
N THR C 209 26.07 -19.65 -9.07
CA THR C 209 27.41 -19.73 -8.52
C THR C 209 28.11 -18.37 -8.53
N GLY C 210 27.73 -17.44 -9.41
CA GLY C 210 28.29 -16.10 -9.33
C GLY C 210 27.73 -15.33 -8.15
N LEU C 211 26.44 -15.47 -7.89
CA LEU C 211 25.86 -14.84 -6.71
C LEU C 211 26.41 -15.44 -5.43
N HIS C 212 26.66 -16.76 -5.44
CA HIS C 212 27.30 -17.40 -4.29
C HIS C 212 28.74 -16.94 -4.11
N PHE C 213 29.44 -16.66 -5.21
CA PHE C 213 30.79 -16.10 -5.13
C PHE C 213 30.77 -14.72 -4.50
N LEU C 214 29.77 -13.91 -4.86
CA LEU C 214 29.69 -12.56 -4.29
C LEU C 214 29.34 -12.62 -2.81
N HIS C 215 28.44 -13.53 -2.42
CA HIS C 215 28.15 -13.70 -1.00
C HIS C 215 29.34 -14.26 -0.24
N MET C 216 30.18 -15.06 -0.90
CA MET C 216 31.37 -15.57 -0.23
C MET C 216 32.43 -14.49 -0.06
N VAL C 217 32.57 -13.57 -1.02
CA VAL C 217 33.53 -12.49 -0.77
C VAL C 217 32.98 -11.51 0.26
N MET C 218 31.65 -11.42 0.40
CA MET C 218 31.09 -10.62 1.49
C MET C 218 31.35 -11.28 2.83
N LEU C 219 31.26 -12.62 2.89
CA LEU C 219 31.60 -13.34 4.10
C LEU C 219 33.08 -13.22 4.43
N ALA C 220 33.93 -13.18 3.41
CA ALA C 220 35.36 -12.98 3.63
C ALA C 220 35.65 -11.60 4.19
N ALA C 221 34.92 -10.59 3.71
CA ALA C 221 35.07 -9.25 4.28
C ALA C 221 34.58 -9.20 5.72
N MET C 222 33.50 -9.93 6.04
CA MET C 222 33.01 -9.96 7.41
C MET C 222 33.99 -10.66 8.34
N LEU C 223 34.61 -11.75 7.88
CA LEU C 223 35.61 -12.41 8.71
C LEU C 223 36.87 -11.58 8.84
N GLY C 224 37.23 -10.82 7.81
CA GLY C 224 38.39 -9.95 7.91
C GLY C 224 38.18 -8.81 8.89
N VAL C 225 36.99 -8.21 8.88
CA VAL C 225 36.75 -7.11 9.81
C VAL C 225 36.54 -7.65 11.22
N ASN C 226 36.05 -8.88 11.38
CA ASN C 226 35.98 -9.45 12.72
C ASN C 226 37.36 -9.81 13.25
N TYR C 227 38.29 -10.22 12.38
CA TYR C 227 39.66 -10.43 12.84
C TYR C 227 40.33 -9.11 13.19
N TRP C 228 40.11 -8.06 12.40
CA TRP C 228 40.70 -6.75 12.70
C TRP C 228 40.09 -6.15 13.96
N ARG C 229 38.86 -6.51 14.29
CA ARG C 229 38.27 -6.06 15.53
C ARG C 229 38.60 -6.96 16.70
N MET C 230 39.05 -8.18 16.47
CA MET C 230 39.55 -8.95 17.60
C MET C 230 40.98 -8.57 17.94
N ARG C 231 41.78 -8.25 16.92
CA ARG C 231 43.19 -7.92 17.14
C ARG C 231 43.36 -6.60 17.87
N ASN C 232 42.49 -5.63 17.62
CA ASN C 232 42.51 -4.37 18.35
C ASN C 232 41.55 -4.37 19.54
N TYR C 233 41.12 -5.56 19.98
CA TYR C 233 40.37 -5.77 21.22
C TYR C 233 39.03 -5.03 21.25
N HIS C 234 38.35 -4.95 20.11
CA HIS C 234 37.01 -4.40 20.16
C HIS C 234 36.03 -5.41 20.71
N LEU C 235 36.25 -6.69 20.43
CA LEU C 235 35.33 -7.71 20.88
C LEU C 235 35.48 -7.93 22.37
N THR C 236 34.39 -8.30 23.02
CA THR C 236 34.42 -8.64 24.43
C THR C 236 34.04 -10.10 24.59
N ALA C 237 33.90 -10.55 25.84
CA ALA C 237 33.55 -11.93 26.10
C ALA C 237 32.05 -12.17 25.97
N GLY C 238 31.23 -11.17 26.28
CA GLY C 238 29.79 -11.33 26.21
C GLY C 238 29.14 -10.42 25.20
N HIS C 239 29.70 -9.24 25.00
CA HIS C 239 29.16 -8.26 24.07
C HIS C 239 29.95 -8.40 22.76
N HIS C 240 29.57 -9.40 21.97
CA HIS C 240 30.05 -9.53 20.61
C HIS C 240 28.82 -9.71 19.73
N VAL C 241 28.68 -8.85 18.72
CA VAL C 241 27.61 -8.99 17.75
C VAL C 241 28.15 -9.35 16.38
N GLY C 242 29.30 -8.76 16.01
CA GLY C 242 29.91 -9.01 14.71
C GLY C 242 30.27 -10.47 14.52
N TYR C 243 30.73 -11.12 15.60
CA TYR C 243 31.00 -12.54 15.51
C TYR C 243 29.72 -13.36 15.40
N GLU C 244 28.62 -12.90 16.01
CA GLU C 244 27.37 -13.64 15.93
C GLU C 244 26.77 -13.56 14.53
N THR C 245 26.77 -12.36 13.93
CA THR C 245 26.28 -12.27 12.56
C THR C 245 27.21 -12.98 11.60
N THR C 246 28.51 -13.02 11.88
CA THR C 246 29.42 -13.74 11.00
C THR C 246 29.24 -15.26 11.09
N ILE C 247 29.00 -15.80 12.29
CA ILE C 247 28.83 -17.25 12.38
C ILE C 247 27.49 -17.67 11.78
N ILE C 248 26.43 -16.87 11.96
CA ILE C 248 25.15 -17.29 11.38
C ILE C 248 25.19 -17.10 9.86
N TYR C 249 25.95 -16.13 9.36
CA TYR C 249 26.09 -15.96 7.93
C TYR C 249 26.90 -17.09 7.32
N THR C 250 27.96 -17.52 8.02
CA THR C 250 28.78 -18.63 7.53
C THR C 250 27.98 -19.92 7.49
N HIS C 251 27.14 -20.18 8.50
CA HIS C 251 26.36 -21.41 8.51
C HIS C 251 25.26 -21.38 7.45
N VAL C 252 24.67 -20.20 7.21
CA VAL C 252 23.65 -20.11 6.17
C VAL C 252 24.26 -20.29 4.80
N LEU C 253 25.43 -19.71 4.56
CA LEU C 253 26.09 -19.91 3.27
C LEU C 253 26.60 -21.34 3.12
N ASP C 254 26.93 -21.99 4.24
CA ASP C 254 27.30 -23.40 4.23
C ASP C 254 26.13 -24.26 3.77
N VAL C 255 24.94 -24.03 4.35
CA VAL C 255 23.81 -24.87 3.98
C VAL C 255 23.30 -24.54 2.57
N ILE C 256 23.50 -23.31 2.11
CA ILE C 256 23.11 -22.99 0.73
C ILE C 256 24.07 -23.61 -0.26
N TRP C 257 25.37 -23.68 0.09
CA TRP C 257 26.32 -24.30 -0.82
C TRP C 257 26.16 -25.82 -0.82
N LEU C 258 25.81 -26.40 0.32
CA LEU C 258 25.48 -27.82 0.36
C LEU C 258 24.24 -28.12 -0.50
N PHE C 259 23.22 -27.26 -0.42
CA PHE C 259 22.02 -27.46 -1.23
C PHE C 259 22.32 -27.37 -2.72
N LEU C 260 23.07 -26.34 -3.12
CA LEU C 260 23.43 -26.17 -4.52
C LEU C 260 24.29 -27.33 -5.02
N TYR C 261 25.21 -27.79 -4.18
CA TYR C 261 26.08 -28.91 -4.50
C TYR C 261 25.29 -30.19 -4.74
N VAL C 262 24.38 -30.53 -3.81
CA VAL C 262 23.69 -31.81 -3.95
C VAL C 262 22.69 -31.75 -5.10
N VAL C 263 21.95 -30.63 -5.25
CA VAL C 263 20.94 -30.60 -6.32
C VAL C 263 21.54 -30.31 -7.69
N PHE C 264 22.82 -29.95 -7.77
CA PHE C 264 23.40 -29.83 -9.08
C PHE C 264 24.33 -30.98 -9.46
N TYR C 265 24.74 -31.81 -8.50
CA TYR C 265 25.68 -32.85 -8.84
C TYR C 265 25.22 -34.27 -8.50
N TRP C 266 24.19 -34.47 -7.68
CA TRP C 266 23.76 -35.81 -7.36
C TRP C 266 22.33 -36.10 -7.79
N TRP C 267 21.36 -35.26 -7.41
CA TRP C 267 19.95 -35.54 -7.70
C TRP C 267 19.50 -34.96 -9.03
N GLY C 268 19.98 -33.77 -9.39
CA GLY C 268 19.52 -33.11 -10.59
C GLY C 268 20.37 -33.40 -11.83
N VAL C 269 20.93 -34.60 -11.90
CA VAL C 269 21.76 -34.99 -13.04
C VAL C 269 21.08 -36.05 -13.88
N PRO D 1 41.68 13.93 40.79
CA PRO D 1 42.18 14.41 39.50
C PRO D 1 41.39 13.85 38.33
N VAL D 2 41.76 12.66 37.88
CA VAL D 2 40.99 11.94 36.87
C VAL D 2 39.64 11.54 37.47
N VAL D 3 38.59 11.62 36.67
CA VAL D 3 37.29 11.15 37.12
C VAL D 3 37.33 9.63 37.25
N LYS D 4 36.48 9.10 38.12
CA LYS D 4 36.58 7.69 38.49
C LYS D 4 35.91 6.81 37.44
N THR D 5 35.69 5.54 37.79
CA THR D 5 35.24 4.55 36.82
C THR D 5 33.93 3.87 37.20
N ALA D 6 33.26 4.33 38.27
CA ALA D 6 31.91 3.91 38.68
C ALA D 6 31.83 2.40 38.96
N GLN D 7 32.49 2.00 40.05
CA GLN D 7 32.46 0.61 40.47
C GLN D 7 31.06 0.13 40.83
N ASN D 8 30.22 1.02 41.36
CA ASN D 8 28.87 0.67 41.79
C ASN D 8 27.85 1.57 41.11
N LEU D 9 26.61 1.50 41.58
CA LEU D 9 25.51 2.23 40.95
C LEU D 9 25.40 3.67 41.44
N ALA D 10 25.48 3.88 42.75
CA ALA D 10 25.24 5.19 43.34
C ALA D 10 26.47 6.09 43.33
N GLU D 11 27.42 5.84 42.44
CA GLU D 11 28.66 6.59 42.38
C GLU D 11 28.79 7.46 41.14
N VAL D 12 28.14 7.08 40.03
CA VAL D 12 28.32 7.74 38.75
C VAL D 12 27.73 9.14 38.80
N ASN D 13 28.55 10.15 38.47
CA ASN D 13 28.11 11.55 38.41
C ASN D 13 28.56 12.11 37.06
N GLY D 14 27.75 11.86 36.04
CA GLY D 14 28.09 12.29 34.70
C GLY D 14 28.42 11.11 33.81
N PRO D 15 28.48 11.35 32.49
CA PRO D 15 28.85 10.27 31.58
C PRO D 15 30.35 10.02 31.52
N GLU D 16 31.16 10.91 32.10
CA GLU D 16 32.60 10.77 32.02
C GLU D 16 33.13 9.62 32.85
N THR D 17 32.36 9.13 33.82
CA THR D 17 32.80 8.01 34.65
C THR D 17 32.22 6.70 34.17
N LEU D 18 32.08 6.52 32.87
CA LEU D 18 31.62 5.26 32.33
C LEU D 18 32.68 4.68 31.41
N ILE D 19 33.92 4.66 31.85
CA ILE D 19 35.05 4.29 31.01
C ILE D 19 35.59 2.90 31.35
N GLY D 20 36.10 2.74 32.56
CA GLY D 20 36.62 1.46 32.99
C GLY D 20 38.06 1.24 32.59
N PRO D 21 38.70 0.25 33.20
CA PRO D 21 40.07 -0.10 32.80
C PRO D 21 40.07 -1.03 31.60
N GLY D 22 41.24 -1.52 31.20
CA GLY D 22 41.32 -2.41 30.05
C GLY D 22 41.80 -3.82 30.36
N ALA D 23 41.56 -4.76 29.45
CA ALA D 23 42.16 -6.07 29.54
C ALA D 23 43.67 -5.95 29.37
N LYS D 24 44.42 -6.93 29.90
CA LYS D 24 45.82 -6.66 30.14
C LYS D 24 46.66 -6.77 28.88
N GLU D 25 46.99 -7.99 28.45
CA GLU D 25 47.40 -8.24 27.08
C GLU D 25 47.07 -9.65 26.63
N GLY D 26 46.46 -10.47 27.47
CA GLY D 26 46.27 -11.87 27.21
C GLY D 26 44.82 -12.16 26.92
N THR D 27 44.10 -12.54 27.96
CA THR D 27 42.68 -12.89 27.88
C THR D 27 41.85 -11.74 27.33
N VAL D 28 40.66 -12.10 26.86
CA VAL D 28 39.76 -11.22 26.13
C VAL D 28 39.25 -10.12 27.04
N PRO D 29 38.78 -8.99 26.50
CA PRO D 29 38.12 -7.98 27.33
C PRO D 29 36.85 -8.53 27.97
N THR D 30 36.81 -8.48 29.30
CA THR D 30 35.57 -8.75 30.00
C THR D 30 34.62 -7.57 29.80
N ASP D 31 33.32 -7.84 29.93
CA ASP D 31 32.31 -6.81 29.66
C ASP D 31 32.38 -5.66 30.66
N LEU D 32 32.79 -5.94 31.89
CA LEU D 32 32.90 -4.89 32.91
C LEU D 32 34.00 -3.90 32.63
N ASP D 33 34.98 -4.25 31.80
CA ASP D 33 36.13 -3.40 31.56
C ASP D 33 35.96 -2.52 30.32
N GLN D 34 35.56 -3.08 29.20
CA GLN D 34 35.62 -2.34 27.95
C GLN D 34 34.34 -1.60 27.61
N GLU D 35 33.20 -2.02 28.17
CA GLU D 35 31.93 -1.40 27.81
C GLU D 35 31.84 0.02 28.36
N THR D 36 31.32 0.93 27.55
CA THR D 36 31.26 2.33 27.93
C THR D 36 29.87 2.89 27.68
N GLY D 37 29.65 4.08 28.24
CA GLY D 37 28.43 4.83 28.00
C GLY D 37 27.19 4.18 28.58
N LEU D 38 26.10 4.27 27.82
CA LEU D 38 24.82 3.72 28.26
C LEU D 38 24.88 2.21 28.37
N ALA D 39 25.71 1.56 27.57
CA ALA D 39 25.90 0.12 27.71
C ALA D 39 26.56 -0.21 29.04
N ARG D 40 27.50 0.63 29.47
CA ARG D 40 28.15 0.41 30.76
C ARG D 40 27.17 0.66 31.91
N LEU D 41 26.32 1.67 31.78
CA LEU D 41 25.31 1.94 32.81
C LEU D 41 24.30 0.80 32.89
N GLU D 42 23.86 0.30 31.74
CA GLU D 42 22.94 -0.82 31.71
C GLU D 42 23.60 -2.10 32.22
N LEU D 43 24.91 -2.24 32.03
CA LEU D 43 25.62 -3.40 32.58
C LEU D 43 25.74 -3.33 34.08
N LEU D 44 26.03 -2.14 34.62
CA LEU D 44 26.05 -1.94 36.06
C LEU D 44 24.69 -2.25 36.68
N GLY D 45 23.63 -1.79 36.03
CA GLY D 45 22.30 -2.11 36.51
C GLY D 45 21.94 -3.58 36.36
N LYS D 46 22.48 -4.24 35.35
CA LYS D 46 22.30 -5.68 35.22
C LYS D 46 23.09 -6.45 36.26
N LEU D 47 24.17 -5.86 36.78
CA LEU D 47 24.91 -6.52 37.84
C LEU D 47 24.23 -6.37 39.19
N GLU D 48 23.88 -5.15 39.56
CA GLU D 48 23.32 -4.90 40.88
C GLU D 48 21.81 -5.03 40.94
N GLY D 49 21.18 -5.58 39.90
CA GLY D 49 19.76 -5.83 39.91
C GLY D 49 18.87 -4.64 39.61
N ILE D 50 19.41 -3.42 39.61
CA ILE D 50 18.61 -2.22 39.37
C ILE D 50 18.34 -2.14 37.88
N ASP D 51 17.15 -2.57 37.47
CA ASP D 51 16.79 -2.58 36.06
C ASP D 51 16.60 -1.15 35.57
N VAL D 52 17.60 -0.61 34.88
CA VAL D 52 17.43 0.67 34.21
C VAL D 52 16.47 0.50 33.04
N PHE D 53 15.90 1.62 32.59
CA PHE D 53 14.88 1.70 31.55
C PHE D 53 13.66 0.85 31.94
N ASP D 54 12.97 1.34 32.96
CA ASP D 54 11.78 0.69 33.51
C ASP D 54 10.68 0.49 32.47
N THR D 55 10.45 -0.76 32.09
CA THR D 55 9.34 -1.12 31.22
C THR D 55 8.11 -1.54 32.02
N LYS D 56 8.00 -1.10 33.26
CA LYS D 56 6.89 -1.49 34.11
C LYS D 56 5.62 -0.84 33.61
N PRO D 57 4.59 -1.61 33.27
CA PRO D 57 3.35 -1.02 32.75
C PRO D 57 2.61 -0.27 33.84
N LEU D 58 1.58 0.46 33.40
CA LEU D 58 0.84 1.35 34.27
C LEU D 58 0.02 0.55 35.28
N ASP D 59 0.16 0.90 36.56
CA ASP D 59 -0.60 0.27 37.62
C ASP D 59 -2.09 0.55 37.44
N SER D 60 -2.84 -0.48 37.05
CA SER D 60 -4.27 -0.33 36.85
C SER D 60 -5.02 -1.22 37.81
N SER D 61 -4.63 -1.20 39.08
CA SER D 61 -5.34 -1.98 40.09
C SER D 61 -6.65 -1.30 40.48
N ARG D 62 -6.56 -0.10 41.02
CA ARG D 62 -7.73 0.64 41.46
C ARG D 62 -8.19 1.58 40.35
N LYS D 63 -9.16 2.44 40.65
CA LYS D 63 -9.60 3.40 39.66
C LYS D 63 -8.62 4.56 39.53
N GLY D 64 -8.35 5.26 40.63
CA GLY D 64 -7.58 6.48 40.54
C GLY D 64 -8.42 7.74 40.52
N THR D 65 -9.24 7.93 41.56
CA THR D 65 -10.18 9.03 41.65
C THR D 65 -9.48 10.38 41.80
N MET D 66 -10.29 11.44 41.94
CA MET D 66 -9.73 12.78 42.08
C MET D 66 -9.08 12.99 43.43
N LYS D 67 -9.70 12.49 44.50
CA LYS D 67 -9.11 12.63 45.83
C LYS D 67 -7.90 11.72 46.01
N ASP D 68 -7.79 10.65 45.24
CA ASP D 68 -6.62 9.78 45.26
C ASP D 68 -6.14 9.61 43.82
N PRO D 69 -5.40 10.58 43.29
CA PRO D 69 -4.93 10.47 41.92
C PRO D 69 -3.80 9.46 41.79
N ILE D 70 -3.78 8.77 40.65
CA ILE D 70 -2.65 7.89 40.35
C ILE D 70 -1.47 8.78 40.02
N ILE D 71 -0.45 8.75 40.87
CA ILE D 71 0.72 9.59 40.70
C ILE D 71 1.72 8.82 39.87
N ILE D 72 2.20 9.45 38.79
CA ILE D 72 3.14 8.79 37.89
C ILE D 72 4.41 9.62 37.79
N GLU D 73 5.55 8.94 37.83
CA GLU D 73 6.84 9.61 37.78
C GLU D 73 7.19 9.96 36.34
N SER D 74 7.57 11.20 36.11
CA SER D 74 8.09 11.56 34.81
C SER D 74 9.41 12.31 34.95
N TYR D 75 10.12 12.39 33.84
CA TYR D 75 11.34 13.17 33.74
C TYR D 75 11.15 14.41 32.89
N ASP D 76 9.95 14.60 32.34
CA ASP D 76 9.59 15.81 31.63
C ASP D 76 8.25 16.29 32.16
N ASP D 77 7.74 17.37 31.59
CA ASP D 77 6.54 18.00 32.12
C ASP D 77 5.25 17.33 31.69
N TYR D 78 5.33 16.32 30.83
CA TYR D 78 4.16 15.67 30.25
C TYR D 78 4.47 14.19 30.12
N ARG D 79 3.47 13.34 30.30
CA ARG D 79 3.76 11.92 30.08
C ARG D 79 2.56 11.22 29.46
N TYR D 80 2.73 10.71 28.25
CA TYR D 80 1.63 10.05 27.55
C TYR D 80 1.33 8.70 28.17
N VAL D 81 0.15 8.56 28.77
CA VAL D 81 -0.20 7.42 29.58
C VAL D 81 -1.50 6.82 29.05
N GLY D 82 -1.45 5.56 28.66
CA GLY D 82 -2.62 4.89 28.10
C GLY D 82 -3.33 4.06 29.15
N CYS D 83 -4.63 4.27 29.24
CA CYS D 83 -5.45 3.59 30.25
C CYS D 83 -6.39 2.59 29.59
N THR D 84 -6.78 1.60 30.39
CA THR D 84 -7.73 0.57 29.97
C THR D 84 -8.89 0.35 30.94
N GLY D 85 -8.79 0.77 32.19
CA GLY D 85 -9.93 0.68 33.09
C GLY D 85 -9.50 0.21 34.47
N SER D 86 -10.48 -0.28 35.22
CA SER D 86 -10.24 -0.73 36.60
C SER D 86 -9.57 -2.12 36.65
N PRO D 87 -9.90 -3.08 35.75
CA PRO D 87 -8.91 -4.11 35.48
C PRO D 87 -7.95 -3.63 34.42
N ALA D 88 -7.06 -4.49 33.96
CA ALA D 88 -6.18 -4.10 32.86
C ALA D 88 -6.83 -4.21 31.49
N GLY D 89 -8.08 -4.67 31.42
CA GLY D 89 -8.69 -4.84 30.12
C GLY D 89 -10.13 -4.38 30.01
N SER D 90 -10.53 -3.34 30.75
CA SER D 90 -11.94 -2.99 30.80
C SER D 90 -12.40 -2.28 29.53
N HIS D 91 -11.84 -1.11 29.25
CA HIS D 91 -12.30 -0.36 28.10
C HIS D 91 -11.22 -0.32 27.02
N THR D 92 -11.60 0.26 25.88
CA THR D 92 -10.68 0.44 24.77
C THR D 92 -9.59 1.41 25.16
N ILE D 93 -8.36 1.11 24.73
CA ILE D 93 -7.17 1.82 25.20
C ILE D 93 -7.24 3.28 24.79
N MET D 94 -7.17 4.17 25.78
CA MET D 94 -7.30 5.59 25.53
C MET D 94 -6.14 6.32 26.18
N TRP D 95 -5.49 7.20 25.41
CA TRP D 95 -4.31 7.87 25.90
C TRP D 95 -4.67 9.22 26.53
N LEU D 96 -4.05 9.51 27.67
CA LEU D 96 -4.18 10.77 28.37
C LEU D 96 -2.80 11.41 28.49
N LYS D 97 -2.77 12.73 28.59
CA LYS D 97 -1.52 13.48 28.73
C LYS D 97 -1.55 14.25 30.03
N PRO D 98 -1.25 13.61 31.16
CA PRO D 98 -1.07 14.38 32.39
C PRO D 98 0.19 15.22 32.31
N THR D 99 0.05 16.48 32.72
CA THR D 99 1.08 17.48 32.70
C THR D 99 1.48 17.82 34.12
N VAL D 100 2.39 18.79 34.25
CA VAL D 100 2.77 19.29 35.57
C VAL D 100 1.60 20.02 36.22
N ASN D 101 1.06 21.03 35.54
CA ASN D 101 0.14 21.94 36.20
C ASN D 101 -1.26 21.38 36.37
N GLU D 102 -1.67 20.42 35.55
CA GLU D 102 -3.02 19.88 35.65
C GLU D 102 -2.98 18.37 35.56
N VAL D 103 -4.05 17.76 36.07
CA VAL D 103 -4.25 16.32 36.04
C VAL D 103 -4.81 15.95 34.67
N ALA D 104 -4.88 14.65 34.39
CA ALA D 104 -5.60 14.16 33.23
C ALA D 104 -6.71 13.25 33.70
N ARG D 105 -7.85 13.30 33.02
CA ARG D 105 -9.01 12.51 33.39
C ARG D 105 -9.37 11.56 32.27
N CYS D 106 -10.01 10.45 32.65
CA CYS D 106 -10.15 9.33 31.72
C CYS D 106 -11.23 9.56 30.67
N TRP D 107 -12.42 9.96 31.11
CA TRP D 107 -13.72 10.03 30.42
C TRP D 107 -14.33 8.64 30.22
N GLU D 108 -13.59 7.58 30.51
CA GLU D 108 -14.18 6.25 30.45
C GLU D 108 -14.27 5.60 31.82
N CYS D 109 -13.16 5.42 32.51
CA CYS D 109 -13.19 4.81 33.84
C CYS D 109 -13.04 5.84 34.94
N GLY D 110 -13.04 7.12 34.61
CA GLY D 110 -13.00 8.16 35.61
C GLY D 110 -11.68 8.34 36.31
N SER D 111 -10.60 7.72 35.82
CA SER D 111 -9.32 7.81 36.50
C SER D 111 -8.73 9.20 36.35
N VAL D 112 -8.01 9.61 37.39
CA VAL D 112 -7.37 10.92 37.47
C VAL D 112 -5.88 10.68 37.68
N TYR D 113 -5.08 11.02 36.68
CA TYR D 113 -3.65 10.84 36.75
C TYR D 113 -2.97 12.17 37.02
N LYS D 114 -2.01 12.16 37.94
CA LYS D 114 -1.22 13.34 38.27
C LYS D 114 0.24 13.02 38.05
N LEU D 115 0.92 13.90 37.33
CA LEU D 115 2.33 13.72 36.99
C LEU D 115 3.17 14.28 38.12
N ASN D 116 3.80 13.40 38.91
CA ASN D 116 4.84 14.12 39.63
C ASN D 116 6.15 14.03 38.84
N PRO D 117 6.92 15.10 38.80
CA PRO D 117 8.15 15.09 38.01
C PRO D 117 9.33 14.65 38.83
N VAL D 118 10.34 14.18 38.11
CA VAL D 118 11.67 14.07 38.70
C VAL D 118 12.41 15.39 38.56
N GLY D 119 12.46 15.92 37.33
CA GLY D 119 12.93 17.26 37.05
C GLY D 119 14.35 17.56 37.43
N VAL D 120 14.50 18.53 38.34
CA VAL D 120 15.76 19.13 38.80
C VAL D 120 16.58 19.56 37.59
N PRO D 121 16.21 20.67 36.91
CA PRO D 121 16.95 21.06 35.72
C PRO D 121 18.27 21.75 36.06
N ALA E 1 -24.30 34.76 47.67
CA ALA E 1 -24.46 34.19 46.34
C ALA E 1 -24.76 35.27 45.31
N GLN E 2 -26.04 35.46 45.01
CA GLN E 2 -26.44 36.40 43.97
C GLN E 2 -27.63 37.23 44.46
N THR E 3 -27.90 38.30 43.72
CA THR E 3 -29.02 39.20 43.97
C THR E 3 -30.31 38.63 43.42
N HIS E 4 -31.32 39.50 43.26
CA HIS E 4 -32.66 39.05 42.88
C HIS E 4 -32.71 38.49 41.46
N ALA E 5 -31.90 38.99 40.54
CA ALA E 5 -32.01 38.57 39.15
C ALA E 5 -30.69 38.83 38.43
N LEU E 6 -30.68 38.52 37.14
CA LEU E 6 -29.59 38.84 36.23
C LEU E 6 -30.19 39.56 35.03
N SER E 7 -29.49 40.59 34.54
CA SER E 7 -30.06 41.51 33.58
C SER E 7 -30.18 40.87 32.20
N ASN E 8 -31.33 41.11 31.55
CA ASN E 8 -31.62 40.57 30.23
C ASN E 8 -30.76 41.18 29.13
N ALA E 9 -30.04 42.28 29.40
CA ALA E 9 -29.08 42.78 28.44
C ALA E 9 -27.87 41.87 28.30
N ALA E 10 -27.61 41.03 29.30
CA ALA E 10 -26.47 40.12 29.28
C ALA E 10 -26.88 38.65 29.31
N VAL E 11 -28.04 38.32 29.85
CA VAL E 11 -28.43 36.92 29.99
C VAL E 11 -29.46 36.49 28.93
N MET E 12 -30.18 37.42 28.33
CA MET E 12 -31.15 37.10 27.29
C MET E 12 -30.52 37.36 25.92
N ASP E 13 -30.81 36.46 24.97
CA ASP E 13 -30.24 36.46 23.61
C ASP E 13 -28.72 36.42 23.65
N LEU E 14 -28.21 35.34 24.26
CA LEU E 14 -26.80 35.03 24.24
C LEU E 14 -26.38 34.36 22.95
N GLN E 15 -27.35 33.88 22.18
CA GLN E 15 -27.17 32.94 21.09
C GLN E 15 -26.67 33.57 19.80
N SER E 16 -26.44 34.88 19.78
CA SER E 16 -25.87 35.54 18.61
C SER E 16 -24.67 36.40 18.98
N ARG E 17 -24.25 36.37 20.24
CA ARG E 17 -23.18 37.22 20.71
C ARG E 17 -22.21 36.50 21.64
N TRP E 18 -22.44 35.23 21.96
CA TRP E 18 -21.56 34.53 22.88
C TRP E 18 -20.18 34.30 22.28
N GLU E 19 -20.12 33.97 20.99
CA GLU E 19 -18.83 33.76 20.33
C GLU E 19 -18.11 35.07 20.06
N ASN E 20 -18.82 36.19 20.11
CA ASN E 20 -18.20 37.49 19.91
C ASN E 20 -17.75 38.12 21.22
N MET E 21 -18.21 37.62 22.36
CA MET E 21 -17.85 38.21 23.63
C MET E 21 -16.40 37.91 23.98
N PRO E 22 -15.74 38.80 24.71
CA PRO E 22 -14.41 38.50 25.22
C PRO E 22 -14.44 37.44 26.29
N SER E 23 -13.25 36.88 26.57
CA SER E 23 -13.15 35.76 27.50
C SER E 23 -13.44 36.17 28.94
N THR E 24 -13.18 37.43 29.27
CA THR E 24 -13.41 37.92 30.63
C THR E 24 -14.90 37.95 30.96
N GLU E 25 -15.71 38.50 30.04
CA GLU E 25 -17.16 38.50 30.24
C GLU E 25 -17.73 37.09 30.15
N GLN E 26 -17.12 36.23 29.34
CA GLN E 26 -17.52 34.83 29.26
C GLN E 26 -17.38 34.14 30.61
N GLN E 27 -16.19 34.25 31.21
CA GLN E 27 -15.96 33.64 32.52
C GLN E 27 -16.79 34.30 33.60
N ASP E 28 -17.02 35.62 33.50
CA ASP E 28 -17.83 36.31 34.50
C ASP E 28 -19.28 35.86 34.47
N ILE E 29 -19.87 35.74 33.28
CA ILE E 29 -21.27 35.36 33.15
C ILE E 29 -21.46 33.89 33.53
N VAL E 30 -20.50 33.02 33.15
CA VAL E 30 -20.65 31.63 33.55
C VAL E 30 -20.37 31.45 35.04
N SER E 31 -19.60 32.37 35.64
CA SER E 31 -19.39 32.31 37.08
C SER E 31 -20.63 32.74 37.84
N LYS E 32 -21.28 33.81 37.37
CA LYS E 32 -22.55 34.23 37.98
C LYS E 32 -23.65 33.21 37.76
N LEU E 33 -23.64 32.50 36.63
CA LEU E 33 -24.63 31.47 36.40
C LEU E 33 -24.37 30.26 37.28
N SER E 34 -23.12 29.87 37.47
CA SER E 34 -22.82 28.78 38.40
C SER E 34 -23.08 29.18 39.85
N GLU E 35 -23.00 30.47 40.17
CA GLU E 35 -23.45 30.94 41.47
C GLU E 35 -24.97 30.88 41.59
N ARG E 36 -25.67 31.13 40.50
CA ARG E 36 -27.12 30.94 40.48
C ARG E 36 -27.49 29.46 40.60
N GLN E 37 -26.60 28.57 40.13
CA GLN E 37 -26.88 27.14 40.05
C GLN E 37 -27.12 26.49 41.40
N LYS E 38 -26.62 27.08 42.49
CA LYS E 38 -26.73 26.42 43.79
C LYS E 38 -28.14 26.52 44.37
N LEU E 39 -28.96 27.43 43.86
CA LEU E 39 -30.34 27.55 44.31
C LEU E 39 -31.17 26.37 43.80
N PRO E 40 -32.33 26.12 44.42
CA PRO E 40 -33.27 25.16 43.81
C PRO E 40 -33.80 25.70 42.50
N TRP E 41 -33.86 24.84 41.50
CA TRP E 41 -34.02 25.27 40.12
C TRP E 41 -35.44 25.63 39.73
N ALA E 42 -36.35 25.77 40.69
CA ALA E 42 -37.65 26.38 40.41
C ALA E 42 -37.64 27.88 40.61
N GLN E 43 -36.47 28.46 40.95
CA GLN E 43 -36.36 29.88 41.23
C GLN E 43 -35.53 30.63 40.22
N LEU E 44 -34.83 29.95 39.34
CA LEU E 44 -34.05 30.62 38.31
C LEU E 44 -34.97 31.21 37.26
N THR E 45 -34.59 32.37 36.73
CA THR E 45 -35.38 32.95 35.65
C THR E 45 -35.08 32.22 34.36
N GLU E 46 -36.03 32.30 33.43
CA GLU E 46 -35.95 31.54 32.18
C GLU E 46 -34.83 31.99 31.24
N PRO E 47 -34.47 33.29 31.14
CA PRO E 47 -33.21 33.59 30.43
C PRO E 47 -31.96 33.01 31.08
N GLU E 48 -31.95 32.81 32.40
CA GLU E 48 -30.78 32.15 33.02
C GLU E 48 -30.73 30.68 32.63
N LYS E 49 -31.88 30.01 32.56
CA LYS E 49 -31.92 28.63 32.10
C LYS E 49 -31.50 28.51 30.65
N GLN E 50 -32.00 29.40 29.79
CA GLN E 50 -31.62 29.39 28.39
C GLN E 50 -30.14 29.68 28.20
N ALA E 51 -29.60 30.59 29.02
CA ALA E 51 -28.19 30.93 28.89
C ALA E 51 -27.30 29.80 29.37
N VAL E 52 -27.66 29.14 30.47
CA VAL E 52 -26.80 28.07 30.96
C VAL E 52 -26.92 26.84 30.06
N TRP E 53 -28.06 26.65 29.40
CA TRP E 53 -28.15 25.58 28.42
C TRP E 53 -27.34 25.92 27.18
N TYR E 54 -27.32 27.19 26.78
CA TYR E 54 -26.49 27.54 25.63
C TYR E 54 -25.01 27.51 25.95
N ILE E 55 -24.65 27.65 27.23
CA ILE E 55 -23.26 27.47 27.61
C ILE E 55 -22.89 25.99 27.52
N SER E 56 -23.67 25.12 28.15
CA SER E 56 -23.27 23.72 28.20
C SER E 56 -23.47 23.00 26.88
N TYR E 57 -24.69 23.04 26.34
CA TYR E 57 -24.94 22.22 25.16
C TYR E 57 -25.38 23.03 23.96
N GLY E 58 -24.67 24.12 23.69
CA GLY E 58 -24.97 24.95 22.54
C GLY E 58 -24.09 24.64 21.34
N GLU E 59 -24.54 25.11 20.19
CA GLU E 59 -23.84 24.87 18.93
C GLU E 59 -22.81 25.97 18.65
N TRP E 60 -21.91 26.15 19.60
CA TRP E 60 -20.83 27.13 19.48
C TRP E 60 -19.53 26.45 19.85
N GLY E 61 -18.42 27.02 19.36
CA GLY E 61 -17.10 26.58 19.72
C GLY E 61 -16.82 25.16 19.30
N PRO E 62 -16.76 24.25 20.27
CA PRO E 62 -16.54 22.83 19.96
C PRO E 62 -17.66 22.18 19.18
N ARG E 63 -18.91 22.44 19.56
CA ARG E 63 -20.03 21.75 18.95
C ARG E 63 -20.51 22.40 17.65
N ARG E 64 -19.69 23.25 17.04
CA ARG E 64 -20.01 23.78 15.73
C ARG E 64 -19.95 22.65 14.70
N PRO E 65 -20.93 22.58 13.80
CA PRO E 65 -20.91 21.49 12.82
C PRO E 65 -19.85 21.68 11.75
N VAL E 66 -19.73 20.71 10.84
CA VAL E 66 -18.67 20.80 9.85
C VAL E 66 -19.04 21.77 8.72
N LEU E 67 -20.32 21.94 8.43
CA LEU E 67 -20.79 22.77 7.32
C LEU E 67 -21.68 23.85 7.89
N ASN E 68 -21.12 25.04 8.14
CA ASN E 68 -21.80 26.07 8.92
C ASN E 68 -22.84 26.79 8.07
N LYS E 69 -24.01 26.15 7.94
CA LYS E 69 -25.30 26.77 7.66
C LYS E 69 -25.48 27.27 6.23
N GLY E 70 -24.41 27.31 5.45
CA GLY E 70 -24.52 27.80 4.09
C GLY E 70 -23.58 27.09 3.15
N ASP E 71 -22.93 26.04 3.64
CA ASP E 71 -21.83 25.43 2.91
C ASP E 71 -22.26 24.31 1.98
N SER E 72 -23.45 23.75 2.15
CA SER E 72 -23.96 22.81 1.15
C SER E 72 -24.21 23.51 -0.18
N SER E 73 -24.65 24.77 -0.12
CA SER E 73 -24.78 25.58 -1.32
C SER E 73 -23.42 25.82 -1.97
N PHE E 74 -22.40 26.12 -1.15
CA PHE E 74 -21.08 26.40 -1.69
C PHE E 74 -20.45 25.16 -2.29
N ILE E 75 -20.65 23.99 -1.68
CA ILE E 75 -20.04 22.80 -2.26
C ILE E 75 -20.79 22.35 -3.51
N ALA E 76 -22.12 22.56 -3.57
CA ALA E 76 -22.84 22.19 -4.78
C ALA E 76 -22.47 23.11 -5.93
N LYS E 77 -22.38 24.43 -5.67
CA LYS E 77 -21.97 25.35 -6.72
C LYS E 77 -20.51 25.13 -7.13
N GLY E 78 -19.66 24.74 -6.18
CA GLY E 78 -18.27 24.47 -6.52
C GLY E 78 -18.09 23.23 -7.36
N VAL E 79 -18.81 22.15 -7.01
CA VAL E 79 -18.72 20.92 -7.79
C VAL E 79 -19.33 21.11 -9.18
N ALA E 80 -20.43 21.86 -9.26
CA ALA E 80 -21.05 22.12 -10.56
C ALA E 80 -20.16 22.99 -11.44
N ALA E 81 -19.58 24.05 -10.87
CA ALA E 81 -18.67 24.90 -11.62
C ALA E 81 -17.41 24.14 -12.03
N GLY E 82 -16.93 23.24 -11.17
CA GLY E 82 -15.77 22.46 -11.51
C GLY E 82 -16.03 21.44 -12.60
N LEU E 83 -17.20 20.79 -12.57
CA LEU E 83 -17.52 19.84 -13.62
C LEU E 83 -17.73 20.54 -14.96
N LEU E 84 -18.42 21.69 -14.96
CA LEU E 84 -18.60 22.42 -16.20
C LEU E 84 -17.29 23.02 -16.70
N PHE E 85 -16.39 23.40 -15.79
CA PHE E 85 -15.08 23.88 -16.21
C PHE E 85 -14.22 22.76 -16.74
N SER E 86 -14.35 21.55 -16.19
CA SER E 86 -13.60 20.42 -16.71
C SER E 86 -14.08 20.03 -18.09
N VAL E 87 -15.39 20.03 -18.30
CA VAL E 87 -15.94 19.75 -19.62
C VAL E 87 -15.52 20.83 -20.62
N GLY E 88 -15.49 22.09 -20.17
CA GLY E 88 -15.05 23.17 -21.05
C GLY E 88 -13.58 23.07 -21.41
N LEU E 89 -12.73 22.73 -20.44
CA LEU E 89 -11.31 22.61 -20.73
C LEU E 89 -11.02 21.41 -21.63
N PHE E 90 -11.74 20.30 -21.42
CA PHE E 90 -11.56 19.17 -22.30
C PHE E 90 -12.07 19.45 -23.71
N ALA E 91 -13.13 20.23 -23.84
CA ALA E 91 -13.59 20.63 -25.17
C ALA E 91 -12.61 21.58 -25.83
N VAL E 92 -11.94 22.43 -25.05
CA VAL E 92 -10.95 23.34 -25.62
C VAL E 92 -9.74 22.58 -26.12
N VAL E 93 -9.23 21.62 -25.34
CA VAL E 93 -8.11 20.82 -25.84
C VAL E 93 -8.56 19.81 -26.89
N ARG E 94 -9.86 19.53 -26.99
CA ARG E 94 -10.37 18.74 -28.10
C ARG E 94 -10.32 19.53 -29.40
N MET E 95 -10.79 20.77 -29.36
CA MET E 95 -10.78 21.60 -30.57
C MET E 95 -9.36 21.97 -30.96
N ALA E 96 -8.50 22.25 -30.00
CA ALA E 96 -7.10 22.57 -30.26
C ALA E 96 -6.27 21.32 -29.96
N GLY E 97 -6.12 20.47 -30.96
CA GLY E 97 -5.38 19.24 -30.82
C GLY E 97 -5.08 18.60 -32.15
N GLY E 98 -5.23 17.28 -32.20
CA GLY E 98 -5.01 16.53 -33.43
C GLY E 98 -6.30 16.32 -34.20
N GLN E 99 -6.15 16.18 -35.51
CA GLN E 99 -7.31 15.98 -36.38
C GLN E 99 -7.85 14.57 -36.25
N ASP E 100 -9.16 14.44 -36.40
CA ASP E 100 -9.83 13.17 -36.16
C ASP E 100 -9.61 12.20 -37.31
N ALA E 101 -10.07 10.96 -37.12
CA ALA E 101 -9.93 9.93 -38.12
C ALA E 101 -10.86 10.19 -39.31
N LYS E 102 -10.46 9.69 -40.46
CA LYS E 102 -11.22 9.89 -41.69
C LYS E 102 -12.36 8.90 -41.86
N THR E 103 -12.67 8.09 -40.84
CA THR E 103 -13.69 7.06 -40.96
C THR E 103 -14.75 7.16 -39.87
N MET E 104 -14.81 8.28 -39.15
CA MET E 104 -15.95 8.58 -38.28
C MET E 104 -16.97 9.44 -39.02
N ASN E 105 -17.31 9.02 -40.23
CA ASN E 105 -18.14 9.82 -41.12
C ASN E 105 -19.60 9.47 -40.90
N LYS E 106 -20.46 9.89 -41.83
CA LYS E 106 -21.82 9.40 -41.91
C LYS E 106 -21.95 8.33 -42.98
N GLU E 107 -21.52 8.62 -44.21
CA GLU E 107 -21.67 7.68 -45.30
C GLU E 107 -20.74 6.49 -45.16
N TRP E 108 -19.56 6.69 -44.55
CA TRP E 108 -18.66 5.57 -44.30
C TRP E 108 -19.24 4.62 -43.28
N GLN E 109 -19.88 5.17 -42.24
CA GLN E 109 -20.58 4.35 -41.26
C GLN E 109 -21.75 3.62 -41.90
N LEU E 110 -22.46 4.29 -42.80
CA LEU E 110 -23.60 3.67 -43.47
C LEU E 110 -23.16 2.51 -44.36
N LYS E 111 -22.07 2.69 -45.10
CA LYS E 111 -21.61 1.61 -45.97
C LYS E 111 -20.94 0.49 -45.19
N SER E 112 -20.34 0.79 -44.04
CA SER E 112 -19.88 -0.29 -43.17
C SER E 112 -21.05 -1.07 -42.57
N ASP E 113 -22.16 -0.37 -42.27
CA ASP E 113 -23.38 -1.07 -41.88
C ASP E 113 -23.92 -1.93 -43.02
N GLU E 114 -23.78 -1.48 -44.27
CA GLU E 114 -24.18 -2.28 -45.43
C GLU E 114 -23.33 -3.54 -45.56
N TYR E 115 -22.03 -3.41 -45.33
CA TYR E 115 -21.13 -4.56 -45.40
C TYR E 115 -21.44 -5.56 -44.30
N LEU E 116 -21.72 -5.07 -43.09
CA LEU E 116 -22.07 -5.99 -42.01
C LEU E 116 -23.46 -6.59 -42.19
N LYS E 117 -24.36 -5.86 -42.86
CA LYS E 117 -25.67 -6.41 -43.19
C LYS E 117 -25.55 -7.53 -44.22
N SER E 118 -24.70 -7.33 -45.23
CA SER E 118 -24.50 -8.36 -46.25
C SER E 118 -23.78 -9.57 -45.68
N LYS E 119 -22.88 -9.37 -44.73
CA LYS E 119 -22.23 -10.49 -44.05
C LYS E 119 -23.04 -11.03 -42.88
N ASN E 120 -24.22 -10.44 -42.62
CA ASN E 120 -25.21 -10.83 -41.58
C ASN E 120 -24.58 -11.04 -40.20
N ALA E 121 -23.57 -10.24 -39.88
CA ALA E 121 -22.96 -10.31 -38.57
C ALA E 121 -23.86 -9.65 -37.53
N ASN E 122 -23.70 -10.10 -36.28
CA ASN E 122 -24.46 -9.69 -35.09
C ASN E 122 -25.96 -9.82 -35.33
N PRO E 123 -26.51 -11.04 -35.35
CA PRO E 123 -27.91 -11.23 -35.77
C PRO E 123 -28.95 -10.65 -34.83
N TRP E 124 -28.87 -10.96 -33.53
CA TRP E 124 -29.89 -10.46 -32.62
C TRP E 124 -29.48 -9.17 -31.94
N GLY E 125 -28.19 -8.96 -31.70
CA GLY E 125 -27.72 -7.72 -31.13
C GLY E 125 -27.62 -6.64 -32.19
N GLY E 126 -27.19 -5.46 -31.73
CA GLY E 126 -27.03 -4.33 -32.64
C GLY E 126 -25.75 -4.49 -33.45
N TYR E 127 -25.89 -4.39 -34.77
CA TYR E 127 -24.75 -4.33 -35.66
C TYR E 127 -24.56 -2.94 -36.26
N SER E 128 -25.56 -2.07 -36.13
CA SER E 128 -25.51 -0.75 -36.74
C SER E 128 -24.51 0.12 -35.99
N GLN E 129 -23.52 0.62 -36.70
CA GLN E 129 -22.60 1.61 -36.18
C GLN E 129 -22.79 2.89 -36.98
N VAL E 130 -23.68 3.76 -36.52
CA VAL E 130 -23.74 5.09 -37.09
C VAL E 130 -22.92 5.99 -36.17
N GLN E 131 -23.41 6.16 -34.93
CA GLN E 131 -22.69 6.61 -33.72
C GLN E 131 -21.85 7.89 -33.90
N SER E 132 -22.14 8.69 -34.92
CA SER E 132 -21.34 9.88 -35.18
C SER E 132 -22.17 10.84 -36.01
N LYS E 133 -21.89 12.12 -35.84
CA LYS E 133 -22.50 13.18 -36.65
C LYS E 133 -21.63 14.43 -36.58
N ASP F 1 -18.47 -9.36 29.36
CA ASP F 1 -19.48 -10.40 29.49
C ASP F 1 -20.87 -9.77 29.46
N GLU F 2 -21.89 -10.62 29.30
CA GLU F 2 -23.26 -10.16 29.17
C GLU F 2 -23.80 -9.71 30.54
N GLU F 3 -24.96 -9.06 30.50
CA GLU F 3 -25.59 -8.52 31.69
C GLU F 3 -27.08 -8.32 31.42
N THR F 4 -27.89 -8.56 32.44
CA THR F 4 -29.31 -8.26 32.35
C THR F 4 -29.59 -6.85 32.83
N PHE F 5 -30.84 -6.41 32.65
CA PHE F 5 -31.23 -5.03 32.90
C PHE F 5 -31.16 -4.68 34.39
N GLU F 6 -31.42 -5.64 35.27
CA GLU F 6 -31.47 -5.36 36.69
C GLU F 6 -30.08 -5.17 37.28
N GLU F 7 -29.12 -5.98 36.85
CA GLU F 7 -27.74 -5.79 37.28
C GLU F 7 -27.16 -4.50 36.71
N PHE F 8 -27.56 -4.14 35.49
CA PHE F 8 -27.24 -2.83 34.93
C PHE F 8 -27.78 -1.70 35.79
N THR F 9 -29.04 -1.85 36.23
CA THR F 9 -29.68 -0.85 37.08
C THR F 9 -28.94 -0.69 38.40
N ALA F 10 -28.53 -1.81 39.00
CA ALA F 10 -27.80 -1.76 40.27
C ALA F 10 -26.43 -1.12 40.08
N ARG F 11 -25.74 -1.45 38.97
CA ARG F 11 -24.41 -0.91 38.73
C ARG F 11 -24.46 0.60 38.53
N TYR F 12 -25.43 1.08 37.74
CA TYR F 12 -25.46 2.52 37.53
C TYR F 12 -26.12 3.28 38.67
N GLU F 13 -26.90 2.62 39.51
CA GLU F 13 -27.34 3.24 40.76
C GLU F 13 -26.16 3.52 41.66
N LYS F 14 -25.30 2.51 41.87
CA LYS F 14 -24.13 2.70 42.72
C LYS F 14 -23.16 3.71 42.10
N GLU F 15 -23.02 3.70 40.78
CA GLU F 15 -22.13 4.65 40.12
C GLU F 15 -22.67 6.08 40.20
N PHE F 16 -23.99 6.25 40.04
CA PHE F 16 -24.57 7.58 40.09
C PHE F 16 -24.59 8.11 41.51
N ASP F 17 -24.59 7.23 42.50
CA ASP F 17 -24.39 7.76 43.84
C ASP F 17 -22.93 8.10 44.09
N GLU F 18 -21.99 7.40 43.44
CA GLU F 18 -20.58 7.65 43.71
C GLU F 18 -19.98 8.77 42.87
N ALA F 19 -20.68 9.30 41.88
CA ALA F 19 -20.15 10.45 41.14
C ALA F 19 -20.16 11.70 42.01
N TYR F 20 -19.08 12.47 41.96
CA TYR F 20 -18.90 13.61 42.84
C TYR F 20 -18.79 14.93 42.11
N ASP F 21 -17.88 15.09 41.15
CA ASP F 21 -17.78 16.35 40.45
C ASP F 21 -18.71 16.34 39.24
N LEU F 22 -18.72 17.45 38.51
CA LEU F 22 -19.56 17.54 37.32
C LEU F 22 -19.04 16.62 36.22
N PHE F 23 -17.74 16.37 36.18
CA PHE F 23 -17.18 15.52 35.15
C PHE F 23 -17.61 14.07 35.32
N GLU F 24 -17.65 13.59 36.56
CA GLU F 24 -18.03 12.20 36.79
C GLU F 24 -19.51 11.98 36.52
N VAL F 25 -20.34 12.99 36.74
CA VAL F 25 -21.76 12.85 36.44
C VAL F 25 -21.98 12.73 34.95
N GLN F 26 -21.31 13.57 34.15
CA GLN F 26 -21.49 13.50 32.71
C GLN F 26 -20.82 12.26 32.13
N ARG F 27 -19.72 11.80 32.72
CA ARG F 27 -19.09 10.57 32.26
C ARG F 27 -19.97 9.37 32.50
N VAL F 28 -20.51 9.25 33.71
CA VAL F 28 -21.37 8.11 33.99
C VAL F 28 -22.71 8.25 33.29
N LEU F 29 -23.10 9.46 32.91
CA LEU F 29 -24.30 9.62 32.09
C LEU F 29 -24.05 9.13 30.67
N ASN F 30 -22.90 9.45 30.11
CA ASN F 30 -22.57 9.01 28.75
C ASN F 30 -22.44 7.50 28.68
N ASN F 31 -21.75 6.91 29.65
CA ASN F 31 -21.67 5.47 29.69
C ASN F 31 -22.96 4.82 30.14
N CYS F 32 -23.88 5.57 30.74
CA CYS F 32 -25.18 5.02 31.09
C CYS F 32 -26.10 4.98 29.89
N PHE F 33 -25.92 5.90 28.95
CA PHE F 33 -26.78 5.90 27.78
C PHE F 33 -26.20 5.16 26.58
N SER F 34 -24.89 4.94 26.54
CA SER F 34 -24.30 4.25 25.39
C SER F 34 -24.44 2.74 25.56
N TYR F 35 -25.66 2.25 25.31
CA TYR F 35 -25.94 0.83 25.36
C TYR F 35 -27.11 0.54 24.42
N ASP F 36 -27.46 -0.74 24.29
CA ASP F 36 -28.64 -1.14 23.50
C ASP F 36 -29.88 -1.24 24.39
N LEU F 37 -30.09 -0.20 25.19
CA LEU F 37 -31.22 -0.07 26.10
C LEU F 37 -31.23 1.35 26.64
N VAL F 38 -32.43 1.87 26.86
CA VAL F 38 -32.60 3.14 27.56
C VAL F 38 -32.60 2.79 29.05
N PRO F 39 -31.97 3.59 29.91
CA PRO F 39 -31.95 3.26 31.34
C PRO F 39 -33.32 3.33 31.97
N ALA F 40 -33.42 2.72 33.15
CA ALA F 40 -34.67 2.61 33.86
C ALA F 40 -35.11 3.96 34.41
N PRO F 41 -36.40 4.09 34.77
CA PRO F 41 -36.82 5.27 35.55
C PRO F 41 -36.08 5.44 36.85
N ALA F 42 -35.65 4.35 37.49
CA ALA F 42 -34.85 4.47 38.70
C ALA F 42 -33.49 5.10 38.40
N VAL F 43 -32.89 4.74 37.27
CA VAL F 43 -31.57 5.28 36.95
C VAL F 43 -31.68 6.74 36.53
N ILE F 44 -32.78 7.12 35.89
CA ILE F 44 -32.95 8.52 35.50
C ILE F 44 -33.29 9.38 36.72
N GLU F 45 -34.04 8.83 37.67
CA GLU F 45 -34.28 9.54 38.92
C GLU F 45 -32.99 9.71 39.71
N LYS F 46 -32.15 8.67 39.77
CA LYS F 46 -30.85 8.81 40.41
C LYS F 46 -29.94 9.75 39.64
N ALA F 47 -30.11 9.82 38.31
CA ALA F 47 -29.35 10.76 37.50
C ALA F 47 -29.72 12.19 37.84
N LEU F 48 -31.01 12.45 38.01
CA LEU F 48 -31.44 13.80 38.38
C LEU F 48 -31.02 14.14 39.81
N ARG F 49 -31.02 13.15 40.70
CA ARG F 49 -30.56 13.40 42.06
C ARG F 49 -29.07 13.70 42.09
N ALA F 50 -28.28 12.98 41.28
CA ALA F 50 -26.86 13.26 41.20
C ALA F 50 -26.57 14.56 40.47
N ALA F 51 -27.46 14.98 39.58
CA ALA F 51 -27.30 16.28 38.96
C ALA F 51 -27.64 17.42 39.90
N ARG F 52 -28.57 17.19 40.82
CA ARG F 52 -28.85 18.22 41.82
C ARG F 52 -27.75 18.29 42.86
N ARG F 53 -27.24 17.14 43.30
CA ARG F 53 -26.13 17.10 44.25
C ARG F 53 -24.82 17.61 43.67
N VAL F 54 -24.75 17.83 42.37
CA VAL F 54 -23.55 18.38 41.75
C VAL F 54 -23.70 19.86 41.41
N ASN F 55 -24.90 20.42 41.58
CA ASN F 55 -25.22 21.84 41.32
C ASN F 55 -24.91 22.22 39.88
N ASP F 56 -25.68 21.62 38.98
CA ASP F 56 -25.60 21.93 37.55
C ASP F 56 -26.94 21.61 36.92
N LEU F 57 -27.68 22.65 36.51
CA LEU F 57 -28.95 22.44 35.80
C LEU F 57 -28.83 21.74 34.45
N PRO F 58 -28.02 22.19 33.48
CA PRO F 58 -28.26 21.75 32.08
C PRO F 58 -28.01 20.29 31.79
N THR F 59 -27.17 19.62 32.58
CA THR F 59 -27.07 18.15 32.45
C THR F 59 -28.38 17.49 32.86
N ALA F 60 -29.11 18.07 33.81
CA ALA F 60 -30.42 17.55 34.18
C ALA F 60 -31.52 17.98 33.24
N ILE F 61 -31.19 18.64 32.13
CA ILE F 61 -32.08 18.73 30.99
C ILE F 61 -31.61 17.83 29.85
N ARG F 62 -30.30 17.67 29.68
CA ARG F 62 -29.76 16.74 28.70
C ARG F 62 -30.05 15.30 29.06
N VAL F 63 -30.36 15.02 30.33
CA VAL F 63 -30.85 13.68 30.70
C VAL F 63 -32.16 13.39 29.99
N PHE F 64 -33.12 14.31 30.07
CA PHE F 64 -34.40 14.11 29.39
C PHE F 64 -34.25 14.17 27.88
N GLU F 65 -33.32 15.02 27.39
CA GLU F 65 -33.10 15.09 25.95
C GLU F 65 -32.49 13.80 25.41
N ALA F 66 -31.56 13.21 26.14
CA ALA F 66 -30.99 11.94 25.72
C ALA F 66 -31.97 10.80 25.89
N LEU F 67 -32.87 10.91 26.87
CA LEU F 67 -33.93 9.91 27.01
C LEU F 67 -34.86 9.96 25.80
N LYS F 68 -35.16 11.17 25.33
CA LYS F 68 -35.99 11.32 24.14
C LYS F 68 -35.30 10.76 22.91
N TYR F 69 -34.02 11.08 22.72
CA TYR F 69 -33.32 10.58 21.54
C TYR F 69 -32.93 9.11 21.65
N LYS F 70 -33.01 8.53 22.84
CA LYS F 70 -32.68 7.12 23.01
C LYS F 70 -33.90 6.23 22.89
N VAL F 71 -35.07 6.72 23.31
CA VAL F 71 -36.28 5.92 23.17
C VAL F 71 -36.65 5.82 21.69
N GLU F 72 -37.41 4.78 21.36
CA GLU F 72 -37.73 4.50 19.96
C GLU F 72 -39.08 5.04 19.53
N ASN F 73 -39.98 5.29 20.47
CA ASN F 73 -41.33 5.77 20.16
C ASN F 73 -41.68 6.89 21.12
N GLU F 74 -42.31 7.93 20.58
CA GLU F 74 -42.69 9.08 21.40
C GLU F 74 -43.80 8.76 22.38
N ASP F 75 -44.61 7.74 22.12
CA ASP F 75 -45.56 7.26 23.12
C ASP F 75 -44.82 6.72 24.34
N GLN F 76 -43.72 5.99 24.10
CA GLN F 76 -42.90 5.54 25.21
C GLN F 76 -42.16 6.71 25.86
N TYR F 77 -41.87 7.76 25.10
CA TYR F 77 -41.24 8.94 25.69
C TYR F 77 -42.19 9.65 26.65
N LYS F 78 -43.47 9.78 26.26
CA LYS F 78 -44.44 10.35 27.18
C LYS F 78 -44.73 9.41 28.34
N ALA F 79 -44.61 8.09 28.12
CA ALA F 79 -44.75 7.14 29.22
C ALA F 79 -43.60 7.28 30.21
N TYR F 80 -42.42 7.65 29.75
CA TYR F 80 -41.34 7.96 30.68
C TYR F 80 -41.57 9.31 31.34
N LEU F 81 -42.12 10.27 30.60
CA LEU F 81 -42.22 11.63 31.09
C LEU F 81 -43.28 11.75 32.18
N ASP F 82 -44.43 11.12 31.99
CA ASP F 82 -45.47 11.16 33.02
C ASP F 82 -45.15 10.25 34.20
N GLU F 83 -44.16 9.38 34.08
CA GLU F 83 -43.75 8.55 35.20
C GLU F 83 -42.60 9.18 35.99
N LEU F 84 -41.83 10.07 35.37
CA LEU F 84 -40.81 10.85 36.07
C LEU F 84 -41.32 12.23 36.46
N LYS F 85 -42.61 12.35 36.76
CA LYS F 85 -43.22 13.67 36.90
C LYS F 85 -42.86 14.34 38.23
N ASP F 86 -42.80 13.56 39.31
CA ASP F 86 -42.65 14.16 40.63
C ASP F 86 -41.24 14.67 40.85
N VAL F 87 -40.23 13.95 40.35
CA VAL F 87 -38.85 14.38 40.51
C VAL F 87 -38.56 15.60 39.64
N ARG F 88 -39.15 15.65 38.45
CA ARG F 88 -38.98 16.81 37.58
C ARG F 88 -39.67 18.04 38.14
N GLN F 89 -40.88 17.88 38.69
CA GLN F 89 -41.55 19.02 39.31
C GLN F 89 -40.90 19.41 40.63
N GLU F 90 -40.22 18.47 41.29
CA GLU F 90 -39.59 18.75 42.56
C GLU F 90 -38.30 19.54 42.37
N LEU F 91 -37.40 19.05 41.51
CA LEU F 91 -36.16 19.79 41.28
C LEU F 91 -36.40 21.01 40.41
N GLY F 92 -37.39 20.98 39.54
CA GLY F 92 -37.67 22.11 38.69
C GLY F 92 -36.77 22.17 37.49
N VAL F 93 -36.77 21.11 36.68
CA VAL F 93 -35.98 21.04 35.47
C VAL F 93 -36.90 21.29 34.28
N PRO F 94 -36.78 22.42 33.58
CA PRO F 94 -37.61 22.64 32.40
C PRO F 94 -37.16 21.76 31.25
N LEU F 95 -38.13 21.13 30.60
CA LEU F 95 -37.83 20.28 29.47
C LEU F 95 -37.38 21.10 28.26
N LYS F 96 -36.54 20.48 27.44
CA LYS F 96 -36.02 21.15 26.25
C LYS F 96 -37.13 21.43 25.24
N GLU F 97 -38.18 20.61 25.25
CA GLU F 97 -39.31 20.86 24.37
C GLU F 97 -40.05 22.13 24.77
N GLU F 98 -40.15 22.41 26.07
CA GLU F 98 -40.90 23.56 26.55
C GLU F 98 -39.99 24.72 26.95
N LEU F 99 -38.73 24.68 26.57
CA LEU F 99 -37.80 25.77 26.87
C LEU F 99 -37.65 26.74 25.72
N PHE F 100 -37.64 26.24 24.49
CA PHE F 100 -37.40 27.04 23.29
C PHE F 100 -38.65 27.04 22.43
N PRO F 101 -39.49 28.05 22.52
CA PRO F 101 -40.72 28.06 21.72
C PRO F 101 -40.47 28.34 20.24
N SER F 102 -40.62 27.31 19.42
CA SER F 102 -40.47 27.44 17.97
C SER F 102 -41.26 26.33 17.27
N ALA G 1 48.07 -3.40 20.97
CA ALA G 1 47.93 -1.96 21.14
C ALA G 1 46.95 -1.63 22.25
N ASN G 2 45.71 -2.12 22.08
CA ASN G 2 44.60 -1.99 23.03
C ASN G 2 44.30 -0.51 23.33
N LYS G 3 43.83 0.17 22.29
CA LYS G 3 43.55 1.59 22.38
C LYS G 3 42.06 1.87 22.56
N VAL G 4 41.33 0.92 23.14
CA VAL G 4 39.88 1.06 23.29
C VAL G 4 39.54 2.14 24.31
N ILE G 5 40.23 2.13 25.45
CA ILE G 5 39.94 3.08 26.52
C ILE G 5 40.30 4.50 26.12
N GLN G 6 41.49 4.66 25.53
CA GLN G 6 41.93 5.96 25.02
C GLN G 6 41.01 6.45 23.92
N LEU G 7 40.55 5.56 23.05
CA LEU G 7 39.66 5.98 21.99
C LEU G 7 38.27 6.31 22.49
N GLN G 8 37.83 5.68 23.58
CA GLN G 8 36.56 6.06 24.19
C GLN G 8 36.64 7.45 24.78
N LYS G 9 37.74 7.76 25.48
CA LYS G 9 37.91 9.10 26.04
C LYS G 9 38.02 10.16 24.94
N ILE G 10 38.67 9.82 23.82
CA ILE G 10 38.71 10.77 22.70
C ILE G 10 37.34 10.97 22.08
N PHE G 11 36.62 9.88 21.78
CA PHE G 11 35.32 9.94 21.11
C PHE G 11 34.24 10.55 21.98
N GLN G 12 34.41 10.59 23.30
CA GLN G 12 33.47 11.31 24.13
C GLN G 12 33.99 12.67 24.56
N SER G 13 35.25 12.99 24.30
CA SER G 13 35.82 14.30 24.62
C SER G 13 35.91 15.17 23.37
N SER G 14 34.92 15.07 22.49
CA SER G 14 34.95 15.79 21.23
C SER G 14 33.66 16.59 21.02
N THR G 15 33.78 17.60 20.16
CA THR G 15 32.65 18.38 19.69
C THR G 15 32.42 18.21 18.19
N LYS G 16 33.35 17.60 17.47
CA LYS G 16 33.36 17.46 16.02
C LYS G 16 32.32 16.43 15.59
N PRO G 17 32.01 16.33 14.28
CA PRO G 17 31.12 15.25 13.84
C PRO G 17 31.72 13.87 14.06
N LEU G 18 30.83 12.87 14.10
CA LEU G 18 31.19 11.53 14.59
C LEU G 18 32.16 10.83 13.67
N TRP G 19 32.10 11.11 12.36
CA TRP G 19 32.99 10.42 11.45
C TRP G 19 34.32 11.16 11.32
N TRP G 20 34.47 12.28 12.01
CA TRP G 20 35.68 13.10 11.94
C TRP G 20 36.61 12.93 13.13
N ARG G 21 36.22 12.15 14.15
CA ARG G 21 36.79 12.39 15.48
C ARG G 21 38.18 11.78 15.64
N HIS G 22 38.34 10.48 15.34
CA HIS G 22 39.62 9.91 15.73
C HIS G 22 40.66 10.22 14.65
N PRO G 23 41.89 10.58 15.06
CA PRO G 23 42.70 11.48 14.21
C PRO G 23 43.34 10.83 13.00
N ARG G 24 43.05 9.56 12.72
CA ARG G 24 43.51 8.99 11.46
C ARG G 24 42.50 9.24 10.35
N SER G 25 41.33 9.79 10.69
CA SER G 25 40.20 9.69 9.77
C SER G 25 40.16 10.81 8.74
N ALA G 26 40.95 11.87 8.93
CA ALA G 26 40.93 12.95 7.94
C ALA G 26 41.61 12.55 6.65
N LEU G 27 42.70 11.80 6.76
CA LEU G 27 43.36 11.24 5.58
C LEU G 27 42.51 10.16 4.94
N TYR G 28 41.63 9.54 5.71
CA TYR G 28 40.61 8.68 5.13
C TYR G 28 39.55 9.50 4.40
N LEU G 29 39.22 10.68 4.92
CA LEU G 29 37.99 11.35 4.51
C LEU G 29 38.15 12.27 3.31
N TYR G 30 39.27 12.98 3.19
CA TYR G 30 39.40 13.92 2.08
C TYR G 30 39.54 13.25 0.71
N PRO G 31 40.38 12.20 0.49
CA PRO G 31 40.37 11.54 -0.82
C PRO G 31 39.25 10.51 -0.95
N PHE G 32 38.27 10.57 -0.05
CA PHE G 32 36.95 10.04 -0.33
C PHE G 32 36.02 11.07 -0.92
N TYR G 33 36.00 12.30 -0.37
CA TYR G 33 35.05 13.30 -0.83
C TYR G 33 35.41 13.82 -2.21
N ALA G 34 36.71 13.96 -2.48
CA ALA G 34 37.12 14.40 -3.82
C ALA G 34 36.78 13.36 -4.89
N ILE G 35 37.06 12.09 -4.59
CA ILE G 35 36.75 11.00 -5.51
C ILE G 35 35.24 10.87 -5.69
N PHE G 36 34.47 11.10 -4.62
CA PHE G 36 33.02 11.07 -4.73
C PHE G 36 32.49 12.20 -5.58
N ALA G 37 33.10 13.38 -5.48
CA ALA G 37 32.68 14.51 -6.31
C ALA G 37 32.93 14.22 -7.78
N VAL G 38 34.06 13.59 -8.10
CA VAL G 38 34.34 13.21 -9.49
C VAL G 38 33.37 12.14 -9.96
N ALA G 39 33.13 11.11 -9.14
CA ALA G 39 32.29 10.00 -9.53
C ALA G 39 30.81 10.33 -9.56
N VAL G 40 30.39 11.46 -8.99
CA VAL G 40 29.01 11.90 -9.13
C VAL G 40 28.86 13.04 -10.12
N VAL G 41 29.93 13.76 -10.48
CA VAL G 41 29.79 14.80 -11.49
C VAL G 41 30.05 14.28 -12.90
N THR G 42 30.74 13.15 -13.05
CA THR G 42 31.03 12.72 -14.42
C THR G 42 29.91 11.97 -15.15
N PRO G 43 29.19 10.99 -14.58
CA PRO G 43 28.15 10.32 -15.40
C PRO G 43 26.95 11.17 -15.71
N LEU G 44 26.70 12.23 -14.93
CA LEU G 44 25.65 13.18 -15.29
C LEU G 44 26.02 13.98 -16.52
N LEU G 45 27.32 14.12 -16.80
CA LEU G 45 27.78 14.81 -18.00
C LEU G 45 27.65 13.95 -19.25
N TYR G 46 27.47 12.63 -19.10
CA TYR G 46 27.38 11.73 -20.23
C TYR G 46 25.94 11.44 -20.65
N ILE G 47 24.97 12.11 -20.05
CA ILE G 47 23.55 11.94 -20.42
C ILE G 47 23.14 12.74 -21.67
N PRO G 48 23.54 14.01 -21.90
CA PRO G 48 23.12 14.66 -23.15
C PRO G 48 23.74 14.06 -24.39
N ASN G 49 24.95 13.50 -24.30
CA ASN G 49 25.49 12.77 -25.44
C ASN G 49 24.75 11.47 -25.68
N ALA G 50 24.16 10.89 -24.63
CA ALA G 50 23.35 9.69 -24.80
C ALA G 50 22.03 9.99 -25.47
N ILE G 51 21.34 11.04 -25.00
CA ILE G 51 20.05 11.38 -25.60
C ILE G 51 20.21 12.07 -26.93
N ARG G 52 21.41 12.57 -27.26
CA ARG G 52 21.68 13.05 -28.61
C ARG G 52 22.02 11.91 -29.56
N GLY G 53 22.19 10.69 -29.05
CA GLY G 53 22.55 9.55 -29.86
C GLY G 53 24.04 9.37 -30.08
N ILE G 54 24.86 10.26 -29.56
CA ILE G 54 26.30 10.24 -29.77
C ILE G 54 26.91 9.10 -28.97
N LYS G 55 27.27 8.02 -29.67
CA LYS G 55 27.77 6.83 -28.98
C LYS G 55 29.27 6.98 -28.73
N ALA G 56 29.89 5.91 -28.22
CA ALA G 56 31.30 5.94 -27.85
C ALA G 56 32.15 5.63 -29.07
N LYS G 57 33.12 6.51 -29.33
CA LYS G 57 33.95 6.37 -30.52
C LYS G 57 35.10 5.39 -30.29
N LYS G 58 35.58 4.82 -31.40
CA LYS G 58 36.71 3.89 -31.46
C LYS G 58 36.45 2.66 -30.58
N ALA G 59 35.42 1.92 -30.99
CA ALA G 59 35.04 0.69 -30.29
C ALA G 59 34.77 -0.43 -31.29
N VAL H 1 22.23 16.24 18.08
CA VAL H 1 21.99 17.55 17.48
C VAL H 1 20.53 17.95 17.71
N HIS H 2 20.31 19.16 18.18
CA HIS H 2 18.97 19.64 18.49
C HIS H 2 18.44 20.51 17.35
N PHE H 3 17.20 20.24 16.96
CA PHE H 3 16.56 20.88 15.82
C PHE H 3 15.44 21.77 16.33
N LYS H 4 15.48 23.05 15.96
CA LYS H 4 14.53 24.03 16.49
C LYS H 4 13.14 23.82 15.91
N ASP H 5 12.31 23.07 16.62
CA ASP H 5 10.95 22.82 16.17
C ASP H 5 10.06 24.03 16.46
N GLY H 6 9.01 24.15 15.66
CA GLY H 6 8.10 25.27 15.75
C GLY H 6 6.77 24.90 15.14
N VAL H 7 6.17 25.79 14.36
CA VAL H 7 4.98 25.47 13.58
C VAL H 7 5.27 25.40 12.09
N TYR H 8 6.45 25.79 11.65
CA TYR H 8 6.78 25.77 10.23
C TYR H 8 8.12 25.13 9.93
N GLU H 9 8.81 24.57 10.91
CA GLU H 9 10.15 24.02 10.71
C GLU H 9 10.14 22.51 10.64
N ASN H 10 8.99 21.90 10.36
CA ASN H 10 8.89 20.48 10.16
C ASN H 10 8.88 20.10 8.68
N ILE H 11 9.13 21.06 7.81
CA ILE H 11 9.12 20.87 6.36
C ILE H 11 10.38 21.52 5.82
N PRO H 12 10.98 21.02 4.75
CA PRO H 12 12.32 21.49 4.36
C PRO H 12 12.35 22.76 3.54
N PHE H 13 11.27 23.52 3.50
CA PHE H 13 11.25 24.77 2.75
C PHE H 13 10.74 25.89 3.63
N LYS H 14 11.31 27.07 3.45
CA LYS H 14 10.89 28.23 4.21
C LYS H 14 9.63 28.80 3.57
N VAL H 15 8.54 28.81 4.33
CA VAL H 15 7.26 29.22 3.79
C VAL H 15 7.05 30.70 4.02
N LYS H 16 6.97 31.11 5.29
CA LYS H 16 6.69 32.51 5.58
C LYS H 16 7.93 33.38 5.41
N GLY H 17 9.05 32.98 6.00
CA GLY H 17 10.28 33.73 5.87
C GLY H 17 10.89 33.58 4.50
N ARG H 18 10.82 34.64 3.69
CA ARG H 18 11.23 34.56 2.30
C ARG H 18 11.59 35.95 1.80
N LYS H 19 12.16 35.99 0.60
CA LYS H 19 12.37 37.24 -0.12
C LYS H 19 11.53 37.33 -1.38
N THR H 20 10.98 36.22 -1.86
CA THR H 20 10.01 36.17 -2.93
C THR H 20 8.69 35.64 -2.38
N PRO H 21 7.58 35.88 -3.05
CA PRO H 21 6.35 35.17 -2.71
C PRO H 21 6.49 33.67 -2.93
N TYR H 22 5.77 32.92 -2.11
CA TYR H 22 6.01 31.50 -1.96
C TYR H 22 5.26 30.66 -2.99
N ALA H 23 4.11 31.13 -3.46
CA ALA H 23 3.27 30.36 -4.36
C ALA H 23 3.92 30.08 -5.70
N LEU H 24 4.87 30.94 -6.12
CA LEU H 24 5.68 30.68 -7.30
C LEU H 24 6.45 29.39 -7.16
N SER H 25 7.14 29.20 -6.03
CA SER H 25 7.90 27.98 -5.81
C SER H 25 6.97 26.79 -5.55
N HIS H 26 5.90 27.02 -4.80
CA HIS H 26 5.00 25.93 -4.41
C HIS H 26 4.24 25.37 -5.60
N PHE H 27 3.96 26.20 -6.59
CA PHE H 27 3.36 25.66 -7.80
C PHE H 27 4.39 25.34 -8.88
N GLY H 28 5.59 25.90 -8.80
CA GLY H 28 6.64 25.50 -9.73
C GLY H 28 7.14 24.11 -9.48
N PHE H 29 7.14 23.68 -8.21
CA PHE H 29 7.52 22.31 -7.88
C PHE H 29 6.53 21.31 -8.48
N PHE H 30 5.23 21.50 -8.22
CA PHE H 30 4.22 20.64 -8.80
C PHE H 30 4.12 20.78 -10.30
N ALA H 31 4.46 21.95 -10.85
CA ALA H 31 4.43 22.13 -12.29
C ALA H 31 5.59 21.44 -12.98
N ILE H 32 6.77 21.41 -12.36
CA ILE H 32 7.87 20.62 -12.88
C ILE H 32 7.51 19.14 -12.85
N GLY H 33 6.87 18.71 -11.74
CA GLY H 33 6.37 17.35 -11.67
C GLY H 33 5.34 17.04 -12.74
N PHE H 34 4.47 18.00 -13.03
CA PHE H 34 3.44 17.80 -14.04
C PHE H 34 3.97 17.93 -15.45
N ALA H 35 5.10 18.61 -15.65
CA ALA H 35 5.58 18.90 -16.98
C ALA H 35 6.74 18.02 -17.42
N VAL H 36 7.26 17.18 -16.53
CA VAL H 36 8.25 16.17 -16.94
C VAL H 36 7.74 15.25 -18.05
N PRO H 37 6.50 14.71 -18.03
CA PRO H 37 6.09 13.90 -19.18
C PRO H 37 5.87 14.70 -20.46
N PHE H 38 5.55 16.00 -20.37
CA PHE H 38 5.43 16.81 -21.58
C PHE H 38 6.78 17.00 -22.24
N VAL H 39 7.82 17.24 -21.45
CA VAL H 39 9.19 17.33 -21.96
C VAL H 39 9.63 15.98 -22.51
N ALA H 40 9.18 14.89 -21.89
CA ALA H 40 9.50 13.55 -22.40
C ALA H 40 8.88 13.31 -23.76
N CYS H 41 7.62 13.68 -23.93
CA CYS H 41 6.97 13.52 -25.24
C CYS H 41 7.54 14.47 -26.28
N TYR H 42 7.96 15.67 -25.86
CA TYR H 42 8.57 16.61 -26.78
C TYR H 42 9.90 16.10 -27.29
N VAL H 43 10.70 15.50 -26.40
CA VAL H 43 11.97 14.93 -26.82
C VAL H 43 11.76 13.72 -27.72
N GLN H 44 10.78 12.86 -27.37
CA GLN H 44 10.56 11.66 -28.16
C GLN H 44 9.97 11.96 -29.54
N LEU H 45 9.16 13.01 -29.65
CA LEU H 45 8.68 13.41 -30.98
C LEU H 45 9.71 14.22 -31.74
N LYS H 46 10.65 14.87 -31.04
CA LYS H 46 11.77 15.48 -31.72
C LYS H 46 12.66 14.43 -32.35
N LYS H 47 12.84 13.30 -31.67
CA LYS H 47 13.59 12.20 -32.25
C LYS H 47 12.65 11.22 -32.94
N THR I 1 -45.03 -1.31 35.42
CA THR I 1 -45.34 -0.01 34.87
C THR I 1 -44.92 0.08 33.41
N ILE I 2 -43.62 0.26 33.22
CA ILE I 2 -43.02 0.47 31.90
C ILE I 2 -42.18 -0.75 31.56
N ALA I 3 -42.36 -1.25 30.34
CA ALA I 3 -41.57 -2.38 29.88
C ALA I 3 -40.12 -1.95 29.64
N PRO I 4 -39.14 -2.73 30.09
CA PRO I 4 -37.73 -2.35 29.85
C PRO I 4 -37.35 -2.45 28.38
N ILE I 5 -37.08 -1.30 27.77
CA ILE I 5 -36.87 -1.23 26.32
C ILE I 5 -35.45 -1.70 26.04
N THR I 6 -35.31 -2.97 25.70
CA THR I 6 -34.02 -3.58 25.41
C THR I 6 -33.99 -4.10 23.97
N GLY I 7 -32.81 -4.03 23.37
CA GLY I 7 -32.59 -4.63 22.07
C GLY I 7 -33.24 -3.89 20.90
N THR I 8 -32.93 -2.62 20.74
CA THR I 8 -33.38 -1.91 19.54
C THR I 8 -32.35 -2.00 18.42
N ILE I 9 -31.06 -2.05 18.76
CA ILE I 9 -30.07 -2.17 17.70
C ILE I 9 -30.06 -3.58 17.13
N LYS I 10 -30.50 -4.57 17.91
CA LYS I 10 -30.55 -5.94 17.41
C LYS I 10 -31.64 -6.09 16.36
N ARG I 11 -32.85 -5.61 16.69
CA ARG I 11 -33.96 -5.65 15.74
C ARG I 11 -33.68 -4.77 14.53
N ARG I 12 -33.08 -3.60 14.74
CA ARG I 12 -32.77 -2.71 13.63
C ARG I 12 -31.72 -3.31 12.70
N VAL I 13 -30.71 -3.97 13.26
CA VAL I 13 -29.65 -4.54 12.44
C VAL I 13 -30.17 -5.75 11.66
N ILE I 14 -31.02 -6.58 12.29
CA ILE I 14 -31.49 -7.75 11.55
C ILE I 14 -32.50 -7.35 10.47
N MET I 15 -33.31 -6.32 10.72
CA MET I 15 -34.22 -5.88 9.66
C MET I 15 -33.48 -5.13 8.57
N ASP I 16 -32.39 -4.44 8.91
CA ASP I 16 -31.57 -3.79 7.89
C ASP I 16 -30.85 -4.81 7.02
N ILE I 17 -30.40 -5.91 7.62
CA ILE I 17 -29.73 -6.96 6.84
C ILE I 17 -30.73 -7.65 5.91
N VAL I 18 -31.93 -7.96 6.42
CA VAL I 18 -32.90 -8.63 5.55
C VAL I 18 -33.45 -7.67 4.49
N LEU I 19 -33.46 -6.37 4.76
CA LEU I 19 -33.85 -5.41 3.74
C LEU I 19 -32.76 -5.23 2.70
N GLY I 20 -31.48 -5.33 3.11
CA GLY I 20 -30.40 -5.31 2.15
C GLY I 20 -30.40 -6.53 1.26
N PHE I 21 -30.72 -7.69 1.82
CA PHE I 21 -30.82 -8.89 1.01
C PHE I 21 -32.02 -8.84 0.08
N SER I 22 -33.13 -8.26 0.53
CA SER I 22 -34.30 -8.11 -0.34
C SER I 22 -34.02 -7.13 -1.48
N LEU I 23 -33.30 -6.04 -1.20
CA LEU I 23 -32.98 -5.08 -2.24
C LEU I 23 -31.98 -5.65 -3.24
N GLY I 24 -30.98 -6.40 -2.74
CA GLY I 24 -30.07 -7.08 -3.63
C GLY I 24 -30.76 -8.12 -4.48
N GLY I 25 -31.74 -8.82 -3.90
CA GLY I 25 -32.51 -9.78 -4.65
C GLY I 25 -33.38 -9.13 -5.71
N VAL I 26 -33.94 -7.95 -5.40
CA VAL I 26 -34.75 -7.22 -6.38
C VAL I 26 -33.89 -6.74 -7.54
N MET I 27 -32.73 -6.15 -7.22
CA MET I 27 -31.84 -5.63 -8.26
C MET I 27 -31.28 -6.76 -9.13
N ALA I 28 -30.87 -7.86 -8.51
CA ALA I 28 -30.31 -8.97 -9.29
C ALA I 28 -31.37 -9.74 -10.05
N SER I 29 -32.58 -9.88 -9.50
CA SER I 29 -33.66 -10.52 -10.23
C SER I 29 -34.07 -9.68 -11.44
N TYR I 30 -34.05 -8.35 -11.28
CA TYR I 30 -34.24 -7.46 -12.41
C TYR I 30 -33.17 -7.67 -13.47
N TRP I 31 -31.90 -7.76 -13.04
CA TRP I 31 -30.78 -7.98 -13.96
C TRP I 31 -30.92 -9.30 -14.73
N TRP I 32 -31.10 -10.40 -14.00
CA TRP I 32 -31.23 -11.71 -14.61
C TRP I 32 -32.44 -11.79 -15.52
N TRP I 33 -33.64 -11.66 -14.95
CA TRP I 33 -34.88 -11.87 -15.68
C TRP I 33 -35.15 -10.80 -16.73
N GLY I 34 -34.48 -9.65 -16.71
CA GLY I 34 -34.48 -8.83 -17.90
C GLY I 34 -33.44 -9.26 -18.90
N PHE I 35 -32.16 -9.07 -18.54
CA PHE I 35 -31.08 -9.06 -19.52
C PHE I 35 -30.77 -10.45 -20.05
N HIS I 36 -30.55 -11.40 -19.13
CA HIS I 36 -30.10 -12.73 -19.53
C HIS I 36 -31.21 -13.46 -20.26
N MET I 37 -32.45 -13.23 -19.84
CA MET I 37 -33.57 -13.89 -20.48
C MET I 37 -33.86 -13.29 -21.85
N ASP I 38 -33.72 -11.97 -22.03
CA ASP I 38 -33.96 -11.42 -23.36
C ASP I 38 -32.87 -11.84 -24.33
N LYS I 39 -31.62 -11.86 -23.87
CA LYS I 39 -30.53 -12.28 -24.75
C LYS I 39 -30.65 -13.76 -25.12
N ILE I 40 -31.02 -14.60 -24.16
CA ILE I 40 -31.17 -16.03 -24.45
C ILE I 40 -32.36 -16.28 -25.37
N ASN I 41 -33.45 -15.52 -25.18
CA ASN I 41 -34.62 -15.69 -26.06
C ASN I 41 -34.33 -15.23 -27.48
N LYS I 42 -33.59 -14.12 -27.62
CA LYS I 42 -33.21 -13.65 -28.96
C LYS I 42 -32.28 -14.65 -29.65
N ARG I 43 -31.32 -15.20 -28.91
CA ARG I 43 -30.38 -16.16 -29.48
C ARG I 43 -31.07 -17.45 -29.89
N GLU I 44 -31.97 -17.96 -29.05
CA GLU I 44 -32.67 -19.20 -29.40
C GLU I 44 -33.65 -18.98 -30.54
N LYS I 45 -34.23 -17.78 -30.64
CA LYS I 45 -35.12 -17.50 -31.77
C LYS I 45 -34.34 -17.45 -33.08
N PHE I 46 -33.16 -16.83 -33.06
CA PHE I 46 -32.36 -16.78 -34.28
C PHE I 46 -31.83 -18.17 -34.66
N TYR I 47 -31.45 -18.98 -33.67
CA TYR I 47 -30.99 -20.32 -33.99
C TYR I 47 -32.14 -21.21 -34.47
N ALA I 48 -33.35 -20.99 -33.95
CA ALA I 48 -34.51 -21.72 -34.43
C ALA I 48 -34.84 -21.36 -35.87
N GLU I 49 -34.71 -20.08 -36.22
CA GLU I 49 -34.97 -19.69 -37.60
C GLU I 49 -33.86 -20.15 -38.55
N LEU I 50 -32.62 -20.21 -38.07
CA LEU I 50 -31.55 -20.77 -38.90
C LEU I 50 -31.74 -22.27 -39.11
N ALA I 51 -32.19 -22.99 -38.07
CA ALA I 51 -32.47 -24.41 -38.22
C ALA I 51 -33.68 -24.65 -39.12
N GLU I 52 -34.68 -23.77 -39.08
CA GLU I 52 -35.83 -23.91 -39.97
C GLU I 52 -35.45 -23.61 -41.42
N ARG I 53 -34.54 -22.66 -41.63
CA ARG I 53 -34.04 -22.41 -42.98
C ARG I 53 -33.14 -23.54 -43.46
N LYS I 54 -32.48 -24.24 -42.53
CA LYS I 54 -31.68 -25.40 -42.92
C LYS I 54 -32.53 -26.63 -43.22
N LYS I 55 -33.67 -26.77 -42.55
CA LYS I 55 -34.57 -27.88 -42.83
C LYS I 55 -35.45 -27.60 -44.05
#